data_5T4F
#
_entry.id   5T4F
#
_cell.length_a   117.974
_cell.length_b   125.458
_cell.length_c   137.263
_cell.angle_alpha   90.00
_cell.angle_beta   90.00
_cell.angle_gamma   90.00
#
_symmetry.space_group_name_H-M   'P 21 21 21'
#
loop_
_entity.id
_entity.type
_entity.pdbx_description
1 polymer 'Dipeptidyl peptidase 4'
2 branched 2-acetamido-2-deoxy-beta-D-glucopyranose-(1-4)-2-acetamido-2-deoxy-beta-D-glucopyranose
3 non-polymer 2-acetamido-2-deoxy-beta-D-glucopyranose
4 non-polymer 4-({2-[(3R)-3-aminopiperidin-1-yl]-3-(but-2-yn-1-yl)-4-oxo-3,4-dihydro-5H-imidazo[2,1-b]purin-5-yl}methyl)benzonitrile
5 non-polymer 'SODIUM ION'
6 water water
#
_entity_poly.entity_id   1
_entity_poly.type   'polypeptide(L)'
_entity_poly.pdbx_seq_one_letter_code
;TRKTYTLTDYLKNTYRLKLYSLRWISDHEYLYKQENNILVFNAEYGNSSVFLENSTFDEFGHSINDYSISPDGQFILLEY
NYVKQWRHSYTASYDIYDLNKRQLITEERIPNNTQWVTWSPVGHKLAYVWNNDIYVKIEPNLPSYRITWTGKEDIIYNGI
TDWVYEEEVFSAYSALWWSPNGTFLAYAQFNDTEVPLIEYSFYSDESLQYPKTVRVPYPKAGAVNPTVKFFVVNTDSLSS
VTNATSIQITAPASMLIGDHYLCDVTWATQERISLQWLRRIQNYSVMDICDYDESSGRWNCLVARQHIEMSTTGWVGRFR
PSEPHFTLDGNSFYKIISNEEGYRHICYFQIDKKDCTFITKGTWEVIGIEALTSDYLYYISNEYKGMPGGRNLYKIQLSD
YTKVTCLSCELNPERCQYYSVSFSKEAKYYQLRCSGPGLPLYTLHSSVNDKGLRVLEDNSALDKMLQNVQMPSKKLDFII
LNETKFWYQMILPPHFDKSKKYPLLLDVYAGPCSQKADTVFRLNWATYLASTENIIVASFDGRGSGYQGDKIMHAINRRL
GTFEVEDQIEAARQFSKMGFVDNKRIAIWGWSYGGYVTSMVLGSGSGVFKCGIAVAPVSRWEYYDSVYTERYMGLPTPED
NLDHYRNSTVMSRAENFKQVEYLLIHGTADDNVHFQQSAQISKALVDVGVDFQAMWYTDEDHGIASSTAHQHIYTHMSHF
IKQCFSLP
;
_entity_poly.pdbx_strand_id   A,B
#
loop_
_chem_comp.id
_chem_comp.type
_chem_comp.name
_chem_comp.formula
75M non-polymer 4-({2-[(3R)-3-aminopiperidin-1-yl]-3-(but-2-yn-1-yl)-4-oxo-3,4-dihydro-5H-imidazo[2,1-b]purin-5-yl}methyl)benzonitrile 'C24 H24 N8 O'
NA non-polymer 'SODIUM ION' 'Na 1'
NAG D-saccharide, beta linking 2-acetamido-2-deoxy-beta-D-glucopyranose 'C8 H15 N O6'
#
# COMPACT_ATOMS: atom_id res chain seq x y z
N THR A 1 7.11 -31.31 -35.93
CA THR A 1 7.96 -30.48 -35.07
C THR A 1 7.51 -30.47 -33.59
N ARG A 2 8.45 -30.77 -32.69
CA ARG A 2 8.20 -30.85 -31.25
C ARG A 2 7.90 -29.53 -30.54
N LYS A 3 7.10 -29.62 -29.47
CA LYS A 3 6.70 -28.47 -28.65
C LYS A 3 7.90 -27.86 -27.90
N THR A 4 7.74 -26.65 -27.40
CA THR A 4 8.78 -25.98 -26.63
C THR A 4 8.30 -26.03 -25.19
N TYR A 5 9.13 -25.62 -24.23
CA TYR A 5 8.73 -25.57 -22.83
C TYR A 5 8.05 -24.19 -22.67
N THR A 6 6.75 -24.20 -22.49
CA THR A 6 5.92 -22.99 -22.50
C THR A 6 5.75 -22.31 -21.12
N LEU A 7 5.16 -21.10 -21.12
CA LEU A 7 4.89 -20.42 -19.85
C LEU A 7 3.88 -21.24 -19.04
N THR A 8 2.85 -21.80 -19.70
CA THR A 8 1.85 -22.66 -19.05
C THR A 8 2.55 -23.93 -18.48
N ASP A 9 3.53 -24.51 -19.19
CA ASP A 9 4.27 -25.68 -18.66
C ASP A 9 4.92 -25.33 -17.31
N TYR A 10 5.54 -24.14 -17.23
CA TYR A 10 6.15 -23.71 -16.00
C TYR A 10 5.09 -23.46 -14.91
N LEU A 11 4.04 -22.69 -15.25
CA LEU A 11 2.99 -22.33 -14.29
C LEU A 11 2.12 -23.48 -13.80
N LYS A 12 1.84 -24.45 -14.69
CA LYS A 12 1.00 -25.61 -14.38
C LYS A 12 1.80 -26.87 -13.99
N ASN A 13 3.14 -26.75 -13.88
CA ASN A 13 4.05 -27.85 -13.51
C ASN A 13 3.80 -29.13 -14.33
N THR A 14 3.68 -28.97 -15.66
CA THR A 14 3.45 -30.05 -16.63
C THR A 14 4.58 -31.09 -16.51
N TYR A 15 5.82 -30.62 -16.40
CA TYR A 15 7.00 -31.51 -16.32
C TYR A 15 7.53 -31.51 -14.90
N ARG A 16 7.27 -32.60 -14.16
CA ARG A 16 7.63 -32.69 -12.75
C ARG A 16 8.89 -33.48 -12.48
N LEU A 17 9.74 -32.93 -11.62
CA LEU A 17 10.96 -33.57 -11.14
C LEU A 17 10.47 -34.52 -10.06
N LYS A 18 10.85 -35.81 -10.12
CA LYS A 18 10.48 -36.73 -9.05
C LYS A 18 11.59 -36.63 -7.99
N LEU A 19 11.18 -36.80 -6.74
CA LEU A 19 12.05 -36.71 -5.57
C LEU A 19 12.14 -38.09 -4.92
N TYR A 20 13.00 -38.22 -3.91
CA TYR A 20 13.03 -39.44 -3.13
C TYR A 20 13.34 -38.99 -1.72
N SER A 21 12.32 -38.43 -1.06
CA SER A 21 12.52 -37.87 0.29
C SER A 21 12.37 -38.95 1.35
N LEU A 22 13.47 -39.34 1.98
CA LEU A 22 13.39 -40.38 3.00
C LEU A 22 13.72 -39.79 4.37
N ARG A 23 13.35 -40.53 5.43
CA ARG A 23 13.73 -40.09 6.77
C ARG A 23 14.38 -41.25 7.47
N TRP A 24 15.66 -41.14 7.80
CA TRP A 24 16.38 -42.21 8.49
C TRP A 24 15.81 -42.36 9.93
N ILE A 25 15.55 -43.61 10.36
CA ILE A 25 15.00 -43.82 11.72
C ILE A 25 15.96 -44.59 12.60
N SER A 26 17.04 -45.07 11.99
CA SER A 26 18.07 -45.85 12.67
C SER A 26 19.31 -45.83 11.79
N ASP A 27 20.25 -46.72 12.07
CA ASP A 27 21.43 -46.82 11.27
C ASP A 27 21.17 -47.72 10.05
N HIS A 28 20.01 -48.39 9.98
CA HIS A 28 19.73 -49.38 8.95
C HIS A 28 18.41 -49.23 8.19
N GLU A 29 17.51 -48.38 8.71
CA GLU A 29 16.19 -48.24 8.12
C GLU A 29 15.78 -46.82 7.92
N TYR A 30 14.90 -46.60 6.94
CA TYR A 30 14.33 -45.29 6.69
C TYR A 30 12.87 -45.39 6.38
N LEU A 31 12.16 -44.29 6.58
CA LEU A 31 10.75 -44.14 6.26
C LEU A 31 10.64 -43.41 4.93
N TYR A 32 9.68 -43.84 4.12
CA TYR A 32 9.42 -43.24 2.82
C TYR A 32 7.90 -43.20 2.57
N LYS A 33 7.36 -42.00 2.30
CA LYS A 33 5.95 -41.84 1.99
C LYS A 33 5.68 -42.23 0.52
N GLN A 34 4.92 -43.32 0.31
CA GLN A 34 4.56 -43.83 -1.02
C GLN A 34 3.05 -44.04 -1.12
N GLU A 35 2.38 -43.34 -2.06
CA GLU A 35 0.92 -43.41 -2.30
C GLU A 35 0.13 -43.13 -1.00
N ASN A 36 0.53 -42.05 -0.28
CA ASN A 36 -0.03 -41.61 1.01
C ASN A 36 0.20 -42.60 2.17
N ASN A 37 0.77 -43.78 1.87
CA ASN A 37 1.15 -44.80 2.85
C ASN A 37 2.60 -44.53 3.26
N ILE A 38 2.95 -44.84 4.50
CA ILE A 38 4.33 -44.66 4.97
C ILE A 38 4.95 -46.05 5.02
N LEU A 39 6.04 -46.24 4.28
CA LEU A 39 6.75 -47.53 4.27
C LEU A 39 8.04 -47.41 5.05
N VAL A 40 8.54 -48.53 5.58
CA VAL A 40 9.85 -48.63 6.23
C VAL A 40 10.68 -49.48 5.31
N PHE A 41 11.88 -49.01 4.96
CA PHE A 41 12.79 -49.74 4.09
C PHE A 41 14.00 -50.20 4.84
N ASN A 42 14.53 -51.37 4.48
CA ASN A 42 15.78 -51.88 4.99
C ASN A 42 16.80 -51.35 3.98
N ALA A 43 17.82 -50.60 4.44
CA ALA A 43 18.80 -50.03 3.51
C ALA A 43 19.71 -51.09 2.83
N GLU A 44 20.10 -52.14 3.58
CA GLU A 44 20.98 -53.18 3.03
C GLU A 44 20.39 -53.90 1.82
N TYR A 45 19.10 -54.28 1.90
CA TYR A 45 18.41 -55.06 0.87
C TYR A 45 17.40 -54.34 0.01
N GLY A 46 16.83 -53.24 0.50
CA GLY A 46 15.81 -52.52 -0.25
C GLY A 46 14.41 -53.06 -0.11
N ASN A 47 14.22 -54.09 0.76
CA ASN A 47 12.87 -54.60 1.02
C ASN A 47 12.13 -53.64 1.96
N SER A 48 10.81 -53.61 1.88
CA SER A 48 10.01 -52.72 2.72
C SER A 48 8.80 -53.43 3.33
N SER A 49 8.16 -52.75 4.29
CA SER A 49 6.91 -53.14 4.95
C SER A 49 6.11 -51.85 5.08
N VAL A 50 4.77 -51.97 5.15
CA VAL A 50 3.91 -50.81 5.35
C VAL A 50 4.03 -50.46 6.83
N PHE A 51 4.38 -49.21 7.15
CA PHE A 51 4.49 -48.77 8.54
C PHE A 51 3.16 -48.19 8.94
N LEU A 52 2.56 -47.39 8.04
CA LEU A 52 1.27 -46.77 8.26
C LEU A 52 0.43 -46.68 7.01
N GLU A 53 -0.71 -47.40 7.03
CA GLU A 53 -1.68 -47.42 5.93
C GLU A 53 -2.32 -46.05 5.77
N ASN A 54 -2.53 -45.62 4.52
CA ASN A 54 -3.14 -44.32 4.18
C ASN A 54 -4.58 -44.20 4.70
N SER A 55 -5.28 -45.35 4.84
CA SER A 55 -6.66 -45.47 5.30
C SER A 55 -6.86 -45.29 6.81
N THR A 56 -5.78 -45.43 7.62
CA THR A 56 -5.80 -45.32 9.10
C THR A 56 -6.57 -44.08 9.62
N PHE A 57 -6.47 -42.94 8.92
CA PHE A 57 -7.13 -41.69 9.30
C PHE A 57 -8.23 -41.23 8.33
N ASP A 58 -8.88 -42.17 7.63
CA ASP A 58 -9.99 -41.86 6.72
C ASP A 58 -11.16 -41.19 7.44
N GLU A 59 -11.35 -41.51 8.74
CA GLU A 59 -12.43 -40.95 9.58
C GLU A 59 -11.94 -39.87 10.57
N PHE A 60 -10.72 -39.31 10.35
CA PHE A 60 -10.12 -38.29 11.21
C PHE A 60 -10.91 -36.98 11.29
N GLY A 61 -11.58 -36.62 10.18
CA GLY A 61 -12.41 -35.43 10.10
C GLY A 61 -11.68 -34.13 9.83
N HIS A 62 -10.35 -34.19 9.69
CA HIS A 62 -9.49 -33.05 9.41
C HIS A 62 -8.49 -33.45 8.35
N SER A 63 -8.11 -32.51 7.49
CA SER A 63 -7.08 -32.78 6.48
C SER A 63 -5.71 -32.69 7.19
N ILE A 64 -4.95 -33.77 7.16
CA ILE A 64 -3.65 -33.85 7.81
C ILE A 64 -2.58 -33.18 6.94
N ASN A 65 -1.98 -32.11 7.46
CA ASN A 65 -0.92 -31.36 6.78
C ASN A 65 0.38 -32.15 6.75
N ASP A 66 0.76 -32.75 7.89
CA ASP A 66 2.02 -33.49 8.02
C ASP A 66 1.93 -34.48 9.18
N TYR A 67 2.94 -35.34 9.26
CA TYR A 67 3.05 -36.37 10.28
C TYR A 67 4.47 -36.36 10.83
N SER A 68 4.63 -36.81 12.08
CA SER A 68 5.94 -36.93 12.69
C SER A 68 5.93 -38.15 13.58
N ILE A 69 6.64 -39.19 13.19
CA ILE A 69 6.73 -40.44 13.95
C ILE A 69 7.75 -40.26 15.06
N SER A 70 7.39 -40.67 16.31
CA SER A 70 8.31 -40.58 17.44
C SER A 70 9.57 -41.44 17.14
N PRO A 71 10.76 -41.07 17.70
CA PRO A 71 12.00 -41.83 17.41
C PRO A 71 11.92 -43.32 17.67
N ASP A 72 11.13 -43.73 18.68
CA ASP A 72 10.97 -45.15 18.99
C ASP A 72 9.92 -45.87 18.11
N GLY A 73 9.22 -45.11 17.26
CA GLY A 73 8.21 -45.65 16.35
C GLY A 73 6.89 -46.01 17.02
N GLN A 74 6.71 -45.65 18.31
CA GLN A 74 5.50 -45.95 19.09
C GLN A 74 4.35 -44.99 18.85
N PHE A 75 4.65 -43.74 18.45
CA PHE A 75 3.61 -42.73 18.27
C PHE A 75 3.75 -41.93 16.98
N ILE A 76 2.65 -41.37 16.52
CA ILE A 76 2.62 -40.48 15.39
C ILE A 76 1.92 -39.18 15.74
N LEU A 77 2.62 -38.08 15.50
CA LEU A 77 2.08 -36.75 15.72
C LEU A 77 1.41 -36.34 14.40
N LEU A 78 0.12 -35.99 14.46
CA LEU A 78 -0.72 -35.60 13.32
C LEU A 78 -0.91 -34.10 13.31
N GLU A 79 -0.42 -33.42 12.26
CA GLU A 79 -0.52 -31.97 12.16
C GLU A 79 -1.67 -31.58 11.25
N TYR A 80 -2.53 -30.67 11.73
CA TYR A 80 -3.67 -30.18 10.96
C TYR A 80 -3.98 -28.75 11.37
N ASN A 81 -4.92 -28.07 10.68
CA ASN A 81 -5.28 -26.66 10.90
C ASN A 81 -4.01 -25.78 10.78
N TYR A 82 -3.16 -26.13 9.81
CA TYR A 82 -1.92 -25.40 9.54
C TYR A 82 -2.24 -23.96 9.13
N VAL A 83 -1.62 -22.98 9.80
CA VAL A 83 -1.79 -21.57 9.44
C VAL A 83 -0.39 -20.97 9.35
N LYS A 84 0.06 -20.71 8.11
CA LYS A 84 1.39 -20.13 7.90
C LYS A 84 1.54 -18.78 8.62
N GLN A 85 2.74 -18.54 9.16
CA GLN A 85 3.09 -17.22 9.68
C GLN A 85 4.19 -16.64 8.76
N TRP A 86 5.49 -16.73 9.16
CA TRP A 86 6.56 -16.14 8.34
C TRP A 86 7.22 -17.18 7.43
N ARG A 87 8.54 -17.11 7.19
CA ARG A 87 9.16 -18.07 6.29
C ARG A 87 9.11 -19.51 6.83
N HIS A 88 9.29 -19.66 8.13
CA HIS A 88 9.36 -20.98 8.78
C HIS A 88 8.25 -21.17 9.81
N SER A 89 7.85 -20.08 10.48
CA SER A 89 6.82 -20.12 11.54
C SER A 89 5.41 -20.41 11.03
N TYR A 90 4.61 -21.08 11.89
CA TYR A 90 3.20 -21.40 11.63
C TYR A 90 2.59 -21.90 12.91
N THR A 91 1.25 -21.98 12.96
CA THR A 91 0.55 -22.62 14.09
C THR A 91 -0.23 -23.76 13.50
N ALA A 92 -0.56 -24.74 14.34
CA ALA A 92 -1.32 -25.90 13.89
C ALA A 92 -1.92 -26.58 15.11
N SER A 93 -2.80 -27.53 14.86
CA SER A 93 -3.42 -28.36 15.87
C SER A 93 -2.74 -29.69 15.74
N TYR A 94 -2.65 -30.45 16.85
CA TYR A 94 -1.97 -31.73 16.87
C TYR A 94 -2.75 -32.80 17.61
N ASP A 95 -2.70 -34.01 17.09
CA ASP A 95 -3.27 -35.19 17.72
C ASP A 95 -2.18 -36.22 17.69
N ILE A 96 -2.15 -37.09 18.71
CA ILE A 96 -1.17 -38.15 18.80
C ILE A 96 -1.90 -39.47 18.65
N TYR A 97 -1.36 -40.35 17.82
CA TYR A 97 -1.91 -41.67 17.61
C TYR A 97 -0.91 -42.69 18.14
N ASP A 98 -1.41 -43.59 19.01
CA ASP A 98 -0.61 -44.68 19.56
C ASP A 98 -0.56 -45.79 18.51
N LEU A 99 0.64 -46.09 17.99
CA LEU A 99 0.80 -47.10 16.95
C LEU A 99 0.60 -48.55 17.44
N ASN A 100 0.97 -48.85 18.69
CA ASN A 100 0.83 -50.17 19.29
C ASN A 100 -0.63 -50.48 19.64
N LYS A 101 -1.29 -49.61 20.44
CA LYS A 101 -2.69 -49.81 20.79
C LYS A 101 -3.70 -49.34 19.73
N ARG A 102 -3.20 -48.92 18.55
CA ARG A 102 -3.95 -48.50 17.36
C ARG A 102 -5.09 -47.49 17.64
N GLN A 103 -4.81 -46.49 18.49
CA GLN A 103 -5.82 -45.50 18.87
C GLN A 103 -5.29 -44.10 19.01
N LEU A 104 -6.15 -43.12 18.71
CA LEU A 104 -5.88 -41.70 18.92
C LEU A 104 -5.92 -41.46 20.42
N ILE A 105 -4.98 -40.66 20.93
CA ILE A 105 -4.96 -40.28 22.34
C ILE A 105 -5.92 -39.11 22.48
N THR A 106 -6.88 -39.22 23.42
CA THR A 106 -7.92 -38.20 23.65
C THR A 106 -7.67 -37.46 24.95
N GLU A 107 -6.77 -37.98 25.78
CA GLU A 107 -6.47 -37.35 27.04
C GLU A 107 -5.31 -36.39 26.90
N GLU A 108 -5.40 -35.25 27.61
CA GLU A 108 -4.35 -34.23 27.73
C GLU A 108 -3.78 -33.80 26.37
N ARG A 109 -4.66 -33.52 25.41
CA ARG A 109 -4.25 -33.18 24.05
C ARG A 109 -3.34 -31.97 23.97
N ILE A 110 -2.51 -31.93 22.93
CA ILE A 110 -1.69 -30.75 22.65
C ILE A 110 -2.71 -29.67 22.24
N PRO A 111 -2.61 -28.44 22.78
CA PRO A 111 -3.64 -27.42 22.46
C PRO A 111 -3.67 -26.99 20.99
N ASN A 112 -4.74 -26.30 20.62
CA ASN A 112 -4.86 -25.75 19.27
C ASN A 112 -3.96 -24.53 19.25
N ASN A 113 -3.61 -24.02 18.04
CA ASN A 113 -2.74 -22.83 17.95
C ASN A 113 -1.35 -23.07 18.55
N THR A 114 -0.88 -24.33 18.51
CA THR A 114 0.46 -24.69 19.00
C THR A 114 1.47 -24.11 17.99
N GLN A 115 2.51 -23.47 18.50
CA GLN A 115 3.54 -22.76 17.73
C GLN A 115 4.69 -23.64 17.28
N TRP A 116 5.02 -24.65 18.08
CA TRP A 116 6.12 -25.53 17.72
C TRP A 116 6.01 -26.77 18.56
N VAL A 117 6.33 -27.91 17.96
CA VAL A 117 6.32 -29.19 18.67
C VAL A 117 7.44 -30.06 18.16
N THR A 118 8.07 -30.79 19.07
CA THR A 118 9.15 -31.69 18.72
C THR A 118 9.24 -32.86 19.66
N TRP A 119 9.45 -34.05 19.10
CA TRP A 119 9.75 -35.24 19.91
C TRP A 119 11.16 -35.03 20.44
N SER A 120 11.48 -35.70 21.56
CA SER A 120 12.85 -35.78 22.06
C SER A 120 13.62 -36.61 20.99
N PRO A 121 14.98 -36.56 20.94
CA PRO A 121 15.71 -37.32 19.87
C PRO A 121 15.63 -38.83 20.02
N VAL A 122 15.39 -39.30 21.24
CA VAL A 122 15.27 -40.71 21.61
C VAL A 122 13.94 -40.83 22.39
N GLY A 123 13.24 -41.96 22.24
CA GLY A 123 12.01 -42.22 22.98
C GLY A 123 10.81 -41.50 22.42
N HIS A 124 9.97 -40.95 23.30
CA HIS A 124 8.74 -40.32 22.88
C HIS A 124 8.28 -39.18 23.79
N LYS A 125 9.21 -38.42 24.38
CA LYS A 125 8.85 -37.23 25.14
C LYS A 125 8.48 -36.16 24.11
N LEU A 126 7.70 -35.14 24.51
CA LEU A 126 7.34 -34.04 23.61
C LEU A 126 7.63 -32.73 24.27
N ALA A 127 8.12 -31.76 23.48
CA ALA A 127 8.25 -30.39 23.94
C ALA A 127 7.44 -29.56 22.95
N TYR A 128 6.62 -28.66 23.44
CA TYR A 128 5.82 -27.79 22.58
C TYR A 128 5.73 -26.40 23.13
N VAL A 129 5.43 -25.44 22.25
CA VAL A 129 5.34 -24.04 22.60
C VAL A 129 3.92 -23.63 22.26
N TRP A 130 3.25 -22.99 23.21
CA TRP A 130 1.86 -22.52 23.04
C TRP A 130 1.71 -21.22 23.80
N ASN A 131 1.20 -20.16 23.14
CA ASN A 131 1.10 -18.83 23.72
C ASN A 131 2.48 -18.35 24.22
N ASN A 132 3.55 -18.70 23.46
CA ASN A 132 4.95 -18.28 23.73
C ASN A 132 5.59 -18.91 24.98
N ASP A 133 4.96 -19.95 25.54
CA ASP A 133 5.50 -20.68 26.69
C ASP A 133 5.79 -22.11 26.35
N ILE A 134 6.80 -22.70 27.02
CA ILE A 134 7.22 -24.08 26.77
C ILE A 134 6.52 -25.05 27.70
N TYR A 135 6.09 -26.19 27.15
CA TYR A 135 5.46 -27.30 27.85
C TYR A 135 6.16 -28.58 27.48
N VAL A 136 6.26 -29.51 28.44
CA VAL A 136 6.89 -30.81 28.24
C VAL A 136 5.91 -31.93 28.61
N LYS A 137 5.74 -32.92 27.73
CA LYS A 137 4.92 -34.11 28.00
C LYS A 137 5.86 -35.29 28.03
N ILE A 138 5.92 -36.01 29.17
CA ILE A 138 6.80 -37.19 29.29
C ILE A 138 6.19 -38.37 28.53
N GLU A 139 4.86 -38.46 28.57
CA GLU A 139 4.10 -39.49 27.89
C GLU A 139 2.97 -38.82 27.16
N PRO A 140 2.64 -39.29 25.94
CA PRO A 140 1.59 -38.63 25.15
C PRO A 140 0.22 -38.46 25.78
N ASN A 141 -0.21 -39.42 26.62
CA ASN A 141 -1.53 -39.37 27.29
C ASN A 141 -1.51 -38.60 28.63
N LEU A 142 -0.32 -38.22 29.12
CA LEU A 142 -0.14 -37.57 30.42
C LEU A 142 -0.14 -36.04 30.40
N PRO A 143 -0.48 -35.36 31.55
CA PRO A 143 -0.51 -33.90 31.54
C PRO A 143 0.87 -33.31 31.28
N SER A 144 0.89 -32.14 30.64
CA SER A 144 2.09 -31.37 30.35
C SER A 144 2.58 -30.67 31.59
N TYR A 145 3.89 -30.47 31.67
CA TYR A 145 4.52 -29.67 32.72
C TYR A 145 4.80 -28.33 32.04
N ARG A 146 4.39 -27.25 32.65
CA ARG A 146 4.64 -25.91 32.13
C ARG A 146 6.05 -25.53 32.54
N ILE A 147 6.91 -25.25 31.55
CA ILE A 147 8.31 -24.87 31.82
C ILE A 147 8.48 -23.39 32.03
N THR A 148 7.82 -22.56 31.21
CA THR A 148 7.94 -21.11 31.29
C THR A 148 6.58 -20.46 31.54
N TRP A 149 6.58 -19.33 32.22
CA TRP A 149 5.33 -18.62 32.57
C TRP A 149 5.37 -17.17 32.08
N THR A 150 6.47 -16.77 31.42
CA THR A 150 6.68 -15.39 31.00
C THR A 150 6.23 -15.04 29.57
N GLY A 151 5.87 -16.04 28.77
CA GLY A 151 5.49 -15.87 27.38
C GLY A 151 4.43 -14.80 27.19
N LYS A 152 4.67 -13.87 26.25
CA LYS A 152 3.72 -12.78 26.01
C LYS A 152 3.81 -12.43 24.56
N GLU A 153 2.68 -12.52 23.83
CA GLU A 153 2.59 -12.23 22.40
C GLU A 153 3.34 -10.94 22.04
N ASP A 154 4.27 -11.04 21.05
CA ASP A 154 5.11 -9.95 20.50
C ASP A 154 6.10 -9.36 21.49
N ILE A 155 6.27 -9.98 22.67
CA ILE A 155 7.15 -9.41 23.67
C ILE A 155 8.14 -10.43 24.20
N ILE A 156 7.65 -11.52 24.83
CA ILE A 156 8.52 -12.55 25.37
C ILE A 156 8.28 -13.82 24.60
N TYR A 157 9.38 -14.35 24.02
CA TYR A 157 9.30 -15.59 23.23
C TYR A 157 10.11 -16.64 23.93
N ASN A 158 9.47 -17.69 24.44
CA ASN A 158 10.22 -18.79 25.06
C ASN A 158 10.21 -20.00 24.14
N GLY A 159 11.40 -20.46 23.73
CA GLY A 159 11.48 -21.68 22.93
C GLY A 159 11.09 -21.55 21.47
N ILE A 160 10.78 -20.30 21.05
CA ILE A 160 10.47 -19.89 19.66
C ILE A 160 11.20 -18.61 19.35
N THR A 161 11.54 -18.39 18.08
CA THR A 161 12.28 -17.19 17.70
C THR A 161 11.31 -16.05 17.40
N ASP A 162 11.81 -14.82 17.48
CA ASP A 162 11.02 -13.66 17.08
C ASP A 162 11.27 -13.51 15.56
N TRP A 163 10.74 -12.45 14.92
CA TRP A 163 10.86 -12.32 13.47
C TRP A 163 12.30 -12.40 12.98
N VAL A 164 13.18 -11.55 13.53
CA VAL A 164 14.56 -11.43 13.05
C VAL A 164 15.43 -12.67 13.28
N TYR A 165 15.27 -13.33 14.45
CA TYR A 165 15.99 -14.56 14.72
C TYR A 165 15.48 -15.69 13.83
N GLU A 166 14.18 -15.72 13.55
CA GLU A 166 13.62 -16.75 12.66
C GLU A 166 14.21 -16.60 11.25
N GLU A 167 14.11 -15.39 10.72
CA GLU A 167 14.50 -15.11 9.35
C GLU A 167 16.01 -15.13 9.11
N GLU A 168 16.78 -14.49 10.00
CA GLU A 168 18.20 -14.22 9.80
C GLU A 168 19.22 -14.99 10.59
N VAL A 169 18.83 -15.66 11.68
CA VAL A 169 19.80 -16.36 12.52
C VAL A 169 19.62 -17.87 12.44
N PHE A 170 18.47 -18.36 12.94
CA PHE A 170 18.23 -19.80 13.00
C PHE A 170 17.59 -20.41 11.77
N SER A 171 17.04 -19.59 10.82
CA SER A 171 16.29 -20.12 9.66
C SER A 171 15.26 -21.16 10.16
N ALA A 172 14.61 -20.83 11.30
CA ALA A 172 13.64 -21.73 11.95
C ALA A 172 12.87 -20.97 13.00
N TYR A 173 11.65 -21.45 13.30
CA TYR A 173 10.81 -20.88 14.36
C TYR A 173 11.23 -21.47 15.71
N SER A 174 11.73 -22.71 15.70
CA SER A 174 12.14 -23.39 16.93
CA SER A 174 12.17 -23.42 16.90
C SER A 174 13.32 -22.73 17.61
N ALA A 175 13.26 -22.63 18.94
CA ALA A 175 14.38 -22.14 19.73
C ALA A 175 14.47 -23.11 20.95
N LEU A 176 14.33 -24.43 20.66
CA LEU A 176 14.37 -25.57 21.58
C LEU A 176 15.41 -26.52 21.08
N TRP A 177 16.22 -27.08 22.00
CA TRP A 177 17.29 -28.03 21.66
C TRP A 177 17.37 -29.11 22.74
N TRP A 178 16.80 -30.29 22.45
CA TRP A 178 16.87 -31.44 23.36
C TRP A 178 18.30 -31.95 23.40
N SER A 179 18.76 -32.44 24.58
CA SER A 179 20.07 -33.09 24.71
C SER A 179 19.99 -34.42 23.94
N PRO A 180 21.12 -35.09 23.58
CA PRO A 180 21.04 -36.28 22.73
C PRO A 180 20.12 -37.43 23.17
N ASN A 181 20.02 -37.68 24.48
CA ASN A 181 19.13 -38.77 24.92
C ASN A 181 17.82 -38.26 25.52
N GLY A 182 17.60 -36.94 25.44
CA GLY A 182 16.36 -36.31 25.88
C GLY A 182 16.29 -35.94 27.34
N THR A 183 17.40 -36.07 28.11
CA THR A 183 17.35 -35.69 29.53
C THR A 183 17.06 -34.21 29.69
N PHE A 184 17.86 -33.37 29.01
CA PHE A 184 17.74 -31.94 29.11
C PHE A 184 17.04 -31.32 27.91
N LEU A 185 16.43 -30.19 28.16
CA LEU A 185 15.81 -29.40 27.14
C LEU A 185 16.41 -28.01 27.27
N ALA A 186 17.21 -27.62 26.27
CA ALA A 186 17.78 -26.28 26.28
C ALA A 186 16.88 -25.38 25.42
N TYR A 187 16.79 -24.13 25.80
CA TYR A 187 15.95 -23.16 25.09
C TYR A 187 16.42 -21.73 25.19
N ALA A 188 16.05 -20.94 24.17
CA ALA A 188 16.38 -19.53 24.17
C ALA A 188 15.11 -18.77 24.49
N GLN A 189 15.28 -17.64 25.12
CA GLN A 189 14.19 -16.70 25.42
C GLN A 189 14.52 -15.35 24.75
N PHE A 190 13.59 -14.85 23.93
CA PHE A 190 13.80 -13.56 23.26
C PHE A 190 12.92 -12.50 23.86
N ASN A 191 13.47 -11.31 24.01
CA ASN A 191 12.75 -10.18 24.58
C ASN A 191 12.73 -9.04 23.60
N ASP A 192 11.54 -8.77 23.04
CA ASP A 192 11.36 -7.73 22.03
C ASP A 192 10.70 -6.47 22.56
N THR A 193 10.72 -6.28 23.89
CA THR A 193 10.05 -5.11 24.51
C THR A 193 10.24 -3.78 23.77
N GLU A 194 11.48 -3.42 23.51
CA GLU A 194 11.78 -2.11 22.91
C GLU A 194 12.09 -2.17 21.40
N VAL A 195 11.78 -3.29 20.76
CA VAL A 195 12.00 -3.42 19.32
C VAL A 195 10.83 -2.67 18.65
N PRO A 196 11.10 -1.73 17.71
CA PRO A 196 9.99 -1.04 17.03
C PRO A 196 9.19 -2.01 16.14
N LEU A 197 7.94 -1.65 15.87
CA LEU A 197 7.03 -2.45 15.06
C LEU A 197 6.97 -1.95 13.62
N ILE A 198 7.05 -2.88 12.66
CA ILE A 198 6.71 -2.52 11.29
C ILE A 198 5.18 -2.68 11.29
N GLU A 199 4.48 -1.71 10.69
CA GLU A 199 3.02 -1.75 10.55
C GLU A 199 2.67 -1.62 9.08
N TYR A 200 1.72 -2.46 8.62
CA TYR A 200 1.23 -2.43 7.23
C TYR A 200 -0.19 -2.95 7.19
N SER A 201 -0.93 -2.49 6.19
CA SER A 201 -2.31 -2.88 6.00
C SER A 201 -2.47 -4.31 5.47
N PHE A 202 -3.50 -5.01 5.93
CA PHE A 202 -3.88 -6.33 5.40
C PHE A 202 -5.35 -6.21 5.04
N TYR A 203 -5.68 -6.44 3.78
CA TYR A 203 -7.02 -6.22 3.23
C TYR A 203 -8.00 -7.33 3.48
N SER A 204 -7.49 -8.57 3.47
CA SER A 204 -8.24 -9.81 3.69
C SER A 204 -9.28 -10.01 2.58
N ASP A 205 -10.24 -10.92 2.80
CA ASP A 205 -11.32 -11.16 1.85
C ASP A 205 -12.15 -9.89 1.72
N GLU A 206 -12.78 -9.75 0.58
CA GLU A 206 -13.61 -8.61 0.22
C GLU A 206 -14.70 -8.28 1.28
N SER A 207 -15.13 -9.29 2.06
CA SER A 207 -16.11 -9.15 3.12
C SER A 207 -15.61 -8.29 4.28
N LEU A 208 -14.27 -8.14 4.44
CA LEU A 208 -13.74 -7.33 5.54
C LEU A 208 -13.92 -5.84 5.23
N GLN A 209 -14.78 -5.18 6.04
CA GLN A 209 -15.12 -3.78 5.80
C GLN A 209 -13.95 -2.80 6.03
N TYR A 210 -13.22 -2.97 7.14
CA TYR A 210 -12.07 -2.14 7.47
C TYR A 210 -10.80 -2.97 7.37
N PRO A 211 -9.76 -2.50 6.63
CA PRO A 211 -8.49 -3.25 6.58
C PRO A 211 -7.87 -3.37 7.98
N LYS A 212 -7.16 -4.48 8.18
CA LYS A 212 -6.48 -4.74 9.45
C LYS A 212 -5.07 -4.11 9.37
N THR A 213 -4.51 -3.65 10.49
CA THR A 213 -3.13 -3.20 10.50
C THR A 213 -2.33 -4.35 11.15
N VAL A 214 -1.37 -4.91 10.43
CA VAL A 214 -0.49 -5.98 10.95
C VAL A 214 0.68 -5.26 11.62
N ARG A 215 1.06 -5.66 12.83
CA ARG A 215 2.15 -5.02 13.59
C ARG A 215 3.15 -6.08 14.00
N VAL A 216 4.39 -5.96 13.54
CA VAL A 216 5.40 -6.99 13.80
C VAL A 216 6.65 -6.35 14.44
N PRO A 217 7.15 -6.86 15.61
CA PRO A 217 8.42 -6.33 16.14
C PRO A 217 9.53 -6.73 15.15
N TYR A 218 10.12 -5.72 14.55
CA TYR A 218 11.08 -5.89 13.48
C TYR A 218 12.12 -4.79 13.62
N PRO A 219 13.37 -5.16 13.91
CA PRO A 219 14.39 -4.12 14.07
C PRO A 219 14.98 -3.79 12.71
N LYS A 220 14.82 -2.53 12.27
CA LYS A 220 15.46 -2.08 11.03
C LYS A 220 16.92 -1.74 11.38
N ALA A 221 17.81 -1.58 10.38
CA ALA A 221 19.22 -1.31 10.66
C ALA A 221 19.45 -0.16 11.66
N GLY A 222 20.24 -0.45 12.68
CA GLY A 222 20.57 0.53 13.72
C GLY A 222 19.53 0.66 14.83
N ALA A 223 18.35 0.02 14.68
CA ALA A 223 17.29 0.11 15.68
C ALA A 223 17.54 -0.78 16.91
N VAL A 224 16.71 -0.61 17.96
CA VAL A 224 16.81 -1.47 19.14
C VAL A 224 16.52 -2.94 18.73
N ASN A 225 17.46 -3.85 19.05
CA ASN A 225 17.36 -5.27 18.77
C ASN A 225 16.70 -6.04 19.90
N PRO A 226 16.17 -7.25 19.62
CA PRO A 226 15.73 -8.12 20.73
C PRO A 226 16.93 -8.52 21.60
N THR A 227 16.67 -8.82 22.88
CA THR A 227 17.71 -9.31 23.77
C THR A 227 17.44 -10.80 23.91
N VAL A 228 18.45 -11.56 24.34
CA VAL A 228 18.32 -13.01 24.40
C VAL A 228 18.89 -13.58 25.72
N LYS A 229 18.24 -14.62 26.24
CA LYS A 229 18.72 -15.37 27.39
C LYS A 229 18.69 -16.84 27.03
N PHE A 230 19.57 -17.65 27.63
CA PHE A 230 19.64 -19.09 27.32
C PHE A 230 19.44 -19.92 28.57
N PHE A 231 18.64 -20.98 28.49
CA PHE A 231 18.36 -21.81 29.67
C PHE A 231 18.40 -23.28 29.38
N VAL A 232 18.60 -24.09 30.44
CA VAL A 232 18.58 -25.56 30.32
C VAL A 232 17.72 -26.12 31.45
N VAL A 233 16.76 -26.97 31.11
CA VAL A 233 15.87 -27.60 32.09
C VAL A 233 16.06 -29.13 32.08
N ASN A 234 16.06 -29.76 33.27
CA ASN A 234 16.16 -31.21 33.35
C ASN A 234 14.75 -31.76 33.25
N THR A 235 14.45 -32.49 32.18
CA THR A 235 13.11 -33.01 31.99
C THR A 235 12.87 -34.30 32.80
N ASP A 236 13.92 -34.89 33.39
CA ASP A 236 13.78 -36.13 34.17
C ASP A 236 13.40 -35.86 35.63
N SER A 237 13.49 -34.59 36.05
CA SER A 237 13.20 -34.22 37.42
C SER A 237 12.04 -33.22 37.54
N LEU A 238 11.04 -33.30 36.62
CA LEU A 238 9.87 -32.42 36.66
C LEU A 238 8.84 -32.94 37.68
N SER A 239 8.13 -32.02 38.32
CA SER A 239 7.10 -32.32 39.32
C SER A 239 5.74 -31.74 38.95
N SER A 240 4.66 -32.43 39.34
CA SER A 240 3.28 -31.97 39.17
C SER A 240 2.92 -30.98 40.29
N VAL A 241 3.74 -30.95 41.35
CA VAL A 241 3.55 -30.13 42.56
C VAL A 241 4.37 -28.83 42.52
N THR A 242 5.61 -28.89 42.01
CA THR A 242 6.53 -27.74 41.97
C THR A 242 6.76 -27.25 40.53
N ASN A 243 7.06 -25.94 40.37
CA ASN A 243 7.39 -25.35 39.07
C ASN A 243 8.80 -25.77 38.70
N ALA A 244 9.05 -26.05 37.41
CA ALA A 244 10.34 -26.49 36.90
C ALA A 244 11.42 -25.43 37.08
N THR A 245 12.63 -25.85 37.44
CA THR A 245 13.72 -24.90 37.58
C THR A 245 14.53 -24.91 36.27
N SER A 246 14.67 -23.75 35.63
CA SER A 246 15.47 -23.61 34.42
C SER A 246 16.78 -23.02 34.84
N ILE A 247 17.89 -23.62 34.40
CA ILE A 247 19.21 -23.09 34.75
C ILE A 247 19.67 -22.17 33.63
N GLN A 248 20.01 -20.92 33.97
CA GLN A 248 20.48 -19.99 32.95
C GLN A 248 21.95 -20.16 32.65
N ILE A 249 22.30 -20.09 31.35
CA ILE A 249 23.68 -20.07 30.91
C ILE A 249 23.88 -18.66 30.33
N THR A 250 24.64 -17.85 31.03
CA THR A 250 24.86 -16.47 30.62
C THR A 250 25.93 -16.38 29.55
N ALA A 251 25.83 -15.35 28.68
CA ALA A 251 26.79 -15.11 27.61
C ALA A 251 28.14 -14.68 28.23
N PRO A 252 29.30 -14.96 27.58
CA PRO A 252 30.58 -14.50 28.17
C PRO A 252 30.68 -12.97 28.27
N ALA A 253 31.59 -12.49 29.13
CA ALA A 253 31.80 -11.05 29.35
C ALA A 253 32.10 -10.24 28.08
N SER A 254 32.84 -10.83 27.12
CA SER A 254 33.17 -10.23 25.81
C SER A 254 31.91 -9.95 24.96
N MET A 255 30.77 -10.61 25.29
CA MET A 255 29.47 -10.40 24.62
C MET A 255 28.60 -9.42 25.42
N LEU A 256 28.51 -9.62 26.76
CA LEU A 256 27.70 -8.78 27.66
C LEU A 256 28.01 -7.27 27.65
N ILE A 257 29.21 -6.88 27.24
CA ILE A 257 29.64 -5.47 27.13
C ILE A 257 28.79 -4.63 26.17
N GLY A 258 28.08 -5.28 25.23
CA GLY A 258 27.25 -4.60 24.26
C GLY A 258 26.21 -5.49 23.62
N ASP A 259 25.56 -4.98 22.56
CA ASP A 259 24.56 -5.79 21.86
C ASP A 259 25.20 -7.03 21.24
N HIS A 260 24.47 -8.15 21.31
CA HIS A 260 24.97 -9.43 20.83
C HIS A 260 23.82 -10.34 20.45
N TYR A 261 24.15 -11.49 19.86
CA TYR A 261 23.17 -12.49 19.47
C TYR A 261 23.62 -13.87 19.93
N LEU A 262 22.66 -14.77 20.12
CA LEU A 262 22.95 -16.17 20.31
C LEU A 262 22.88 -16.69 18.85
N CYS A 263 23.94 -17.29 18.32
CA CYS A 263 23.91 -17.69 16.92
C CYS A 263 23.96 -19.20 16.62
N ASP A 264 24.31 -20.03 17.62
CA ASP A 264 24.38 -21.50 17.43
C ASP A 264 24.25 -22.20 18.77
N VAL A 265 23.55 -23.32 18.76
CA VAL A 265 23.39 -24.17 19.93
C VAL A 265 23.64 -25.58 19.40
N THR A 266 24.64 -26.26 19.97
CA THR A 266 24.95 -27.64 19.56
C THR A 266 25.35 -28.46 20.77
N TRP A 267 24.56 -29.48 21.08
CA TRP A 267 24.88 -30.40 22.16
C TRP A 267 26.09 -31.23 21.77
N ALA A 268 27.04 -31.41 22.70
CA ALA A 268 28.26 -32.20 22.45
C ALA A 268 28.08 -33.62 22.97
N THR A 269 27.59 -33.75 24.22
CA THR A 269 27.37 -35.07 24.85
C THR A 269 26.06 -35.00 25.63
N GLN A 270 25.79 -36.03 26.46
CA GLN A 270 24.61 -36.01 27.32
C GLN A 270 24.69 -34.86 28.34
N GLU A 271 25.90 -34.44 28.71
CA GLU A 271 26.08 -33.42 29.74
C GLU A 271 26.95 -32.26 29.34
N ARG A 272 27.15 -32.07 28.02
CA ARG A 272 27.97 -30.99 27.51
C ARG A 272 27.27 -30.31 26.34
N ILE A 273 27.12 -28.98 26.42
CA ILE A 273 26.49 -28.15 25.39
C ILE A 273 27.44 -27.06 24.91
N SER A 274 27.44 -26.79 23.60
CA SER A 274 28.23 -25.68 23.07
C SER A 274 27.24 -24.64 22.56
N LEU A 275 27.60 -23.37 22.75
CA LEU A 275 26.84 -22.20 22.35
C LEU A 275 27.74 -21.26 21.64
N GLN A 276 27.29 -20.67 20.54
CA GLN A 276 28.08 -19.62 19.92
C GLN A 276 27.29 -18.31 20.04
N TRP A 277 28.01 -17.25 20.40
CA TRP A 277 27.49 -15.91 20.60
C TRP A 277 28.21 -15.01 19.60
N LEU A 278 27.49 -14.03 19.08
CA LEU A 278 28.01 -13.12 18.08
C LEU A 278 27.77 -11.68 18.50
N ARG A 279 28.78 -10.82 18.36
CA ARG A 279 28.58 -9.41 18.67
C ARG A 279 27.68 -8.80 17.61
N ARG A 280 26.97 -7.71 17.96
CA ARG A 280 26.13 -7.01 16.98
C ARG A 280 26.98 -6.53 15.78
N ILE A 281 28.27 -6.18 16.04
CA ILE A 281 29.26 -5.94 14.98
C ILE A 281 29.78 -7.35 14.76
N GLN A 282 29.25 -7.99 13.70
CA GLN A 282 29.36 -9.42 13.40
C GLN A 282 30.69 -9.97 12.90
N ASN A 283 31.81 -9.40 13.37
CA ASN A 283 33.14 -9.87 12.99
C ASN A 283 33.86 -10.48 14.20
N TYR A 284 33.11 -10.75 15.27
CA TYR A 284 33.65 -11.34 16.49
C TYR A 284 32.62 -12.28 17.09
N SER A 285 33.00 -13.55 17.30
CA SER A 285 32.11 -14.56 17.86
C SER A 285 32.85 -15.39 18.88
N VAL A 286 32.14 -15.92 19.85
CA VAL A 286 32.74 -16.76 20.90
C VAL A 286 31.90 -17.99 21.12
N MET A 287 32.58 -19.13 21.18
CA MET A 287 31.96 -20.37 21.53
C MET A 287 32.26 -20.67 23.00
N ASP A 288 31.21 -20.99 23.76
CA ASP A 288 31.35 -21.45 25.14
C ASP A 288 31.03 -22.95 25.10
N ILE A 289 31.76 -23.74 25.92
CA ILE A 289 31.53 -25.17 26.04
C ILE A 289 31.17 -25.39 27.50
N CYS A 290 29.93 -25.82 27.75
CA CYS A 290 29.35 -25.89 29.08
C CYS A 290 29.07 -27.29 29.55
N ASP A 291 29.53 -27.61 30.77
CA ASP A 291 29.35 -28.94 31.36
C ASP A 291 28.39 -28.92 32.51
N TYR A 292 27.54 -29.96 32.59
CA TYR A 292 26.62 -30.13 33.71
C TYR A 292 27.42 -30.57 34.97
N ASP A 293 27.13 -29.94 36.13
CA ASP A 293 27.79 -30.25 37.40
C ASP A 293 26.74 -30.93 38.28
N GLU A 294 26.75 -32.29 38.30
CA GLU A 294 25.81 -33.19 39.00
C GLU A 294 25.62 -32.84 40.47
N SER A 295 26.69 -32.36 41.15
CA SER A 295 26.65 -32.01 42.57
C SER A 295 25.87 -30.73 42.85
N SER A 296 26.08 -29.69 42.03
CA SER A 296 25.43 -28.39 42.20
C SER A 296 24.20 -28.18 41.31
N GLY A 297 23.98 -29.05 40.32
CA GLY A 297 22.89 -28.94 39.36
C GLY A 297 23.10 -27.77 38.41
N ARG A 298 24.31 -27.20 38.39
CA ARG A 298 24.64 -26.05 37.55
C ARG A 298 25.34 -26.43 36.24
N TRP A 299 25.36 -25.48 35.30
CA TRP A 299 26.05 -25.61 34.02
C TRP A 299 27.23 -24.64 34.07
N ASN A 300 28.46 -25.16 34.00
CA ASN A 300 29.65 -24.34 34.06
C ASN A 300 30.37 -24.31 32.73
N CYS A 301 30.72 -23.10 32.24
CA CYS A 301 31.42 -22.89 30.97
C CYS A 301 32.81 -22.37 31.31
N LEU A 302 33.80 -23.27 31.31
CA LEU A 302 35.19 -22.91 31.65
C LEU A 302 35.77 -21.94 30.64
N VAL A 303 36.43 -20.89 31.13
CA VAL A 303 37.08 -19.88 30.27
C VAL A 303 38.14 -20.56 29.39
N ALA A 304 38.84 -21.61 29.90
CA ALA A 304 39.83 -22.34 29.12
C ALA A 304 39.20 -23.09 27.92
N ARG A 305 37.87 -23.28 27.93
CA ARG A 305 37.19 -23.98 26.85
C ARG A 305 36.53 -23.02 25.85
N GLN A 306 36.80 -21.73 25.97
CA GLN A 306 36.25 -20.74 25.05
C GLN A 306 37.02 -20.70 23.75
N HIS A 307 36.30 -20.50 22.62
CA HIS A 307 36.95 -20.41 21.32
C HIS A 307 36.48 -19.18 20.61
N ILE A 308 37.41 -18.29 20.26
CA ILE A 308 37.11 -17.03 19.58
C ILE A 308 37.22 -17.24 18.09
N GLU A 309 36.25 -16.70 17.34
CA GLU A 309 36.32 -16.71 15.90
C GLU A 309 36.07 -15.29 15.44
N MET A 310 37.02 -14.74 14.70
CA MET A 310 36.91 -13.34 14.29
C MET A 310 37.39 -13.11 12.87
N SER A 311 37.06 -11.97 12.29
CA SER A 311 37.45 -11.65 10.93
C SER A 311 37.90 -10.21 10.87
N THR A 312 39.02 -9.96 10.16
CA THR A 312 39.55 -8.62 9.96
C THR A 312 39.09 -8.07 8.59
N THR A 313 38.65 -8.95 7.66
CA THR A 313 38.22 -8.55 6.31
C THR A 313 36.72 -8.46 6.13
N GLY A 314 35.97 -9.10 7.01
CA GLY A 314 34.51 -9.08 6.88
C GLY A 314 33.85 -9.55 8.14
N TRP A 315 32.76 -10.29 7.97
CA TRP A 315 31.93 -10.83 9.04
C TRP A 315 32.39 -12.26 9.34
N VAL A 316 31.80 -12.95 10.36
CA VAL A 316 32.19 -14.32 10.69
C VAL A 316 31.14 -15.28 10.08
N GLY A 317 31.63 -16.30 9.38
CA GLY A 317 30.83 -17.33 8.74
C GLY A 317 30.25 -16.88 7.42
N ARG A 318 29.61 -17.78 6.68
CA ARG A 318 28.97 -17.37 5.41
C ARG A 318 27.80 -16.43 5.70
N PHE A 319 26.85 -16.86 6.57
CA PHE A 319 25.72 -16.05 7.02
C PHE A 319 25.75 -15.96 8.54
N ARG A 320 26.53 -16.84 9.22
CA ARG A 320 26.72 -16.89 10.68
C ARG A 320 27.85 -17.88 10.97
N PRO A 321 28.48 -17.81 12.16
CA PRO A 321 29.52 -18.81 12.51
C PRO A 321 28.98 -20.24 12.32
N SER A 322 29.79 -21.10 11.70
CA SER A 322 29.45 -22.49 11.36
C SER A 322 29.18 -23.36 12.64
N GLU A 323 28.50 -24.48 12.46
CA GLU A 323 28.18 -25.40 13.56
C GLU A 323 29.37 -26.34 13.83
N PRO A 324 29.69 -26.63 15.13
CA PRO A 324 30.74 -27.62 15.40
C PRO A 324 30.20 -29.04 15.23
N HIS A 325 31.08 -29.99 14.95
CA HIS A 325 30.70 -31.40 14.85
C HIS A 325 31.56 -32.12 15.88
N PHE A 326 30.95 -32.43 17.03
CA PHE A 326 31.71 -33.07 18.11
C PHE A 326 31.93 -34.54 17.89
N THR A 327 33.06 -35.04 18.42
CA THR A 327 33.36 -36.48 18.44
C THR A 327 32.45 -37.16 19.50
N LEU A 328 32.41 -38.50 19.50
CA LEU A 328 31.60 -39.31 20.43
C LEU A 328 31.82 -38.93 21.91
N ASP A 329 33.09 -38.72 22.34
CA ASP A 329 33.36 -38.31 23.74
C ASP A 329 33.17 -36.80 24.00
N GLY A 330 32.95 -36.01 22.94
CA GLY A 330 32.76 -34.57 23.06
C GLY A 330 33.99 -33.78 23.46
N ASN A 331 35.20 -34.39 23.37
CA ASN A 331 36.46 -33.75 23.81
C ASN A 331 37.10 -32.96 22.71
N SER A 332 36.63 -33.14 21.49
CA SER A 332 37.18 -32.41 20.35
C SER A 332 36.10 -32.23 19.30
N PHE A 333 36.28 -31.31 18.35
CA PHE A 333 35.26 -31.09 17.33
C PHE A 333 35.87 -30.60 16.05
N TYR A 334 35.09 -30.72 14.97
CA TYR A 334 35.46 -30.26 13.65
C TYR A 334 34.53 -29.12 13.27
N LYS A 335 35.07 -28.08 12.66
CA LYS A 335 34.27 -26.88 12.37
C LYS A 335 34.87 -26.22 11.14
N ILE A 336 33.99 -25.76 10.23
CA ILE A 336 34.45 -25.06 9.03
C ILE A 336 34.77 -23.64 9.44
N ILE A 337 35.97 -23.16 9.13
CA ILE A 337 36.38 -21.79 9.40
C ILE A 337 37.20 -21.27 8.23
N SER A 338 37.27 -19.94 8.07
CA SER A 338 38.07 -19.36 6.99
C SER A 338 39.56 -19.49 7.34
N ASN A 339 40.36 -20.13 6.47
CA ASN A 339 41.79 -20.29 6.73
C ASN A 339 42.58 -18.98 6.48
N GLU A 340 43.91 -19.02 6.61
CA GLU A 340 44.77 -17.83 6.40
C GLU A 340 44.74 -17.28 4.97
N GLU A 341 44.37 -18.12 3.98
CA GLU A 341 44.22 -17.72 2.58
C GLU A 341 42.77 -17.21 2.29
N GLY A 342 41.88 -17.26 3.29
CA GLY A 342 40.49 -16.81 3.14
C GLY A 342 39.57 -17.90 2.59
N TYR A 343 40.03 -19.17 2.57
CA TYR A 343 39.21 -20.27 2.07
C TYR A 343 38.63 -21.08 3.24
N ARG A 344 37.34 -21.41 3.18
CA ARG A 344 36.66 -22.15 4.24
C ARG A 344 36.99 -23.61 4.20
N HIS A 345 37.66 -24.05 5.27
CA HIS A 345 38.15 -25.43 5.40
C HIS A 345 37.82 -26.02 6.75
N ILE A 346 37.98 -27.33 6.92
CA ILE A 346 37.67 -27.97 8.20
C ILE A 346 38.86 -27.87 9.15
N CYS A 347 38.62 -27.29 10.35
CA CYS A 347 39.62 -27.18 11.40
C CYS A 347 39.23 -28.14 12.53
N TYR A 348 40.22 -28.80 13.08
CA TYR A 348 40.03 -29.76 14.17
C TYR A 348 40.46 -29.10 15.46
N PHE A 349 39.52 -28.99 16.41
CA PHE A 349 39.77 -28.33 17.70
C PHE A 349 39.74 -29.31 18.85
N GLN A 350 40.51 -29.03 19.92
CA GLN A 350 40.46 -29.74 21.19
C GLN A 350 39.67 -28.77 22.03
N ILE A 351 38.72 -29.25 22.86
CA ILE A 351 37.86 -28.33 23.63
C ILE A 351 38.60 -27.34 24.50
N ASP A 352 39.78 -27.75 25.02
CA ASP A 352 40.57 -26.89 25.90
C ASP A 352 41.89 -26.36 25.30
N LYS A 353 42.00 -26.30 23.96
CA LYS A 353 43.17 -25.76 23.30
C LYS A 353 42.75 -24.66 22.34
N LYS A 354 43.50 -23.54 22.32
CA LYS A 354 43.19 -22.40 21.44
C LYS A 354 43.46 -22.70 19.95
N ASP A 355 44.60 -23.31 19.65
CA ASP A 355 44.94 -23.53 18.23
C ASP A 355 44.22 -24.75 17.68
N CYS A 356 43.61 -24.58 16.50
CA CYS A 356 43.00 -25.71 15.80
C CYS A 356 43.92 -26.10 14.66
N THR A 357 43.75 -27.31 14.13
CA THR A 357 44.55 -27.80 13.01
C THR A 357 43.63 -27.98 11.79
N PHE A 358 44.00 -27.37 10.67
CA PHE A 358 43.25 -27.52 9.43
C PHE A 358 43.48 -28.89 8.84
N ILE A 359 42.40 -29.59 8.55
CA ILE A 359 42.49 -30.94 8.00
C ILE A 359 42.34 -30.97 6.49
N THR A 360 41.78 -29.89 5.91
CA THR A 360 41.66 -29.72 4.47
C THR A 360 42.28 -28.38 4.13
N LYS A 361 42.69 -28.20 2.88
CA LYS A 361 43.30 -26.96 2.39
C LYS A 361 43.20 -26.92 0.88
N GLY A 362 43.34 -25.73 0.32
CA GLY A 362 43.28 -25.56 -1.13
C GLY A 362 42.43 -24.36 -1.53
N THR A 363 42.49 -23.99 -2.82
CA THR A 363 41.75 -22.85 -3.36
C THR A 363 40.41 -23.38 -3.85
N TRP A 364 39.59 -23.76 -2.89
CA TRP A 364 38.25 -24.30 -3.04
C TRP A 364 37.72 -24.30 -1.61
N GLU A 365 36.43 -24.61 -1.42
CA GLU A 365 35.93 -24.57 -0.05
C GLU A 365 35.10 -25.77 0.34
N VAL A 366 35.04 -26.02 1.65
CA VAL A 366 34.16 -27.06 2.19
C VAL A 366 32.81 -26.37 2.35
N ILE A 367 31.77 -27.00 1.84
CA ILE A 367 30.38 -26.47 1.92
C ILE A 367 29.80 -26.84 3.29
N GLY A 368 29.93 -28.10 3.66
CA GLY A 368 29.37 -28.52 4.93
C GLY A 368 29.96 -29.83 5.37
N ILE A 369 29.98 -30.05 6.69
CA ILE A 369 30.41 -31.32 7.29
C ILE A 369 29.11 -32.12 7.41
N GLU A 370 29.11 -33.34 6.87
CA GLU A 370 27.89 -34.14 6.78
C GLU A 370 27.76 -35.30 7.76
N ALA A 371 28.88 -35.95 8.10
CA ALA A 371 28.86 -37.09 9.04
C ALA A 371 30.26 -37.25 9.59
N LEU A 372 30.34 -37.83 10.79
CA LEU A 372 31.61 -38.02 11.47
C LEU A 372 31.57 -39.37 12.17
N THR A 373 32.60 -40.18 11.95
CA THR A 373 32.83 -41.46 12.65
C THR A 373 34.22 -41.34 13.29
N SER A 374 34.65 -42.36 14.07
CA SER A 374 35.98 -42.35 14.67
C SER A 374 37.06 -42.43 13.59
N ASP A 375 36.73 -42.97 12.39
CA ASP A 375 37.74 -43.10 11.34
C ASP A 375 37.68 -42.07 10.23
N TYR A 376 36.48 -41.58 9.92
CA TYR A 376 36.31 -40.64 8.81
C TYR A 376 35.41 -39.47 9.10
N LEU A 377 35.66 -38.37 8.43
CA LEU A 377 34.75 -37.24 8.43
C LEU A 377 34.27 -37.14 6.96
N TYR A 378 32.96 -37.01 6.78
CA TYR A 378 32.34 -36.90 5.47
C TYR A 378 31.91 -35.45 5.23
N TYR A 379 32.26 -34.90 4.08
CA TYR A 379 31.91 -33.49 3.80
C TYR A 379 31.58 -33.27 2.33
N ILE A 380 30.91 -32.15 2.03
CA ILE A 380 30.65 -31.72 0.64
C ILE A 380 31.60 -30.54 0.38
N SER A 381 32.20 -30.50 -0.80
CA SER A 381 33.07 -29.40 -1.21
C SER A 381 32.93 -29.17 -2.70
N ASN A 382 33.46 -28.06 -3.19
CA ASN A 382 33.47 -27.76 -4.61
C ASN A 382 34.89 -27.92 -5.15
N GLU A 383 35.66 -28.82 -4.55
CA GLU A 383 37.03 -29.08 -5.01
C GLU A 383 37.11 -29.60 -6.45
N TYR A 384 36.25 -30.56 -6.80
CA TYR A 384 36.31 -31.24 -8.09
C TYR A 384 36.41 -30.33 -9.32
N LYS A 385 37.48 -30.54 -10.11
CA LYS A 385 37.79 -29.80 -11.35
C LYS A 385 37.85 -28.27 -11.15
N GLY A 386 38.04 -27.83 -9.91
CA GLY A 386 38.09 -26.41 -9.58
C GLY A 386 36.82 -25.67 -9.97
N MET A 387 35.68 -26.37 -9.98
CA MET A 387 34.39 -25.78 -10.34
C MET A 387 33.66 -25.35 -9.06
N PRO A 388 33.61 -24.02 -8.76
CA PRO A 388 32.96 -23.56 -7.51
C PRO A 388 31.47 -23.81 -7.44
N GLY A 389 30.87 -24.03 -8.62
CA GLY A 389 29.44 -24.27 -8.81
C GLY A 389 29.05 -25.73 -8.84
N GLY A 390 30.02 -26.61 -8.56
CA GLY A 390 29.80 -28.06 -8.47
C GLY A 390 29.91 -28.48 -7.00
N ARG A 391 29.34 -29.64 -6.65
CA ARG A 391 29.35 -30.14 -5.26
C ARG A 391 29.53 -31.63 -5.27
N ASN A 392 30.46 -32.11 -4.47
CA ASN A 392 30.69 -33.54 -4.35
C ASN A 392 30.92 -33.94 -2.93
N LEU A 393 30.63 -35.23 -2.63
CA LEU A 393 30.86 -35.83 -1.32
C LEU A 393 32.26 -36.43 -1.26
N TYR A 394 32.96 -36.15 -0.14
CA TYR A 394 34.30 -36.67 0.11
C TYR A 394 34.36 -37.25 1.51
N LYS A 395 35.34 -38.10 1.74
CA LYS A 395 35.65 -38.59 3.08
C LYS A 395 37.14 -38.41 3.30
N ILE A 396 37.51 -37.99 4.50
CA ILE A 396 38.88 -37.78 4.87
C ILE A 396 39.20 -38.72 6.02
N GLN A 397 40.30 -39.46 5.89
CA GLN A 397 40.72 -40.41 6.91
C GLN A 397 41.28 -39.58 8.05
N LEU A 398 40.67 -39.72 9.22
CA LEU A 398 41.06 -38.93 10.38
C LEU A 398 42.46 -39.23 10.93
N SER A 399 42.99 -40.44 10.69
CA SER A 399 44.34 -40.78 11.14
C SER A 399 45.42 -40.33 10.09
N ASP A 400 44.96 -39.92 8.89
CA ASP A 400 45.88 -39.50 7.82
C ASP A 400 45.16 -38.58 6.86
N TYR A 401 45.34 -37.27 7.08
CA TYR A 401 44.70 -36.19 6.31
C TYR A 401 45.05 -36.20 4.80
N THR A 402 46.12 -36.89 4.38
CA THR A 402 46.51 -36.97 2.96
C THR A 402 45.58 -37.94 2.21
N LYS A 403 44.80 -38.73 2.95
CA LYS A 403 43.89 -39.72 2.39
C LYS A 403 42.47 -39.19 2.33
N VAL A 404 42.19 -38.47 1.24
CA VAL A 404 40.89 -37.88 0.92
C VAL A 404 40.33 -38.66 -0.29
N THR A 405 39.12 -39.22 -0.16
CA THR A 405 38.50 -39.97 -1.24
C THR A 405 37.26 -39.25 -1.71
N CYS A 406 37.11 -39.05 -3.05
CA CYS A 406 35.84 -38.49 -3.53
C CYS A 406 34.90 -39.66 -3.70
N LEU A 407 33.69 -39.53 -3.13
CA LEU A 407 32.72 -40.60 -3.16
C LEU A 407 31.67 -40.44 -4.26
N SER A 408 31.51 -39.22 -4.77
CA SER A 408 30.47 -38.99 -5.76
C SER A 408 30.98 -38.52 -7.12
N CYS A 409 32.25 -38.02 -7.18
CA CYS A 409 32.84 -37.40 -8.39
C CYS A 409 32.65 -38.20 -9.64
N GLU A 410 33.02 -39.49 -9.58
CA GLU A 410 33.05 -40.36 -10.74
C GLU A 410 31.83 -41.25 -10.95
N LEU A 411 30.78 -41.11 -10.14
CA LEU A 411 29.60 -41.98 -10.30
C LEU A 411 28.97 -41.82 -11.67
N ASN A 412 28.73 -40.57 -12.09
CA ASN A 412 28.20 -40.26 -13.40
C ASN A 412 28.62 -38.81 -13.69
N PRO A 413 29.88 -38.62 -14.13
CA PRO A 413 30.41 -37.24 -14.28
C PRO A 413 29.68 -36.31 -15.25
N GLU A 414 29.09 -36.86 -16.33
CA GLU A 414 28.35 -36.08 -17.33
C GLU A 414 27.02 -35.62 -16.77
N ARG A 415 26.31 -36.50 -16.03
CA ARG A 415 24.98 -36.18 -15.51
C ARG A 415 25.01 -35.50 -14.14
N CYS A 416 25.98 -35.86 -13.30
CA CYS A 416 26.00 -35.47 -11.90
C CYS A 416 27.24 -34.78 -11.44
N GLN A 417 27.10 -33.47 -11.21
CA GLN A 417 28.21 -32.64 -10.70
C GLN A 417 27.79 -31.84 -9.47
N TYR A 418 26.55 -32.01 -8.99
CA TYR A 418 26.04 -31.25 -7.84
C TYR A 418 25.30 -32.21 -6.94
N TYR A 419 25.90 -32.50 -5.80
CA TYR A 419 25.35 -33.47 -4.86
C TYR A 419 25.06 -32.90 -3.50
N SER A 420 24.06 -33.48 -2.86
CA SER A 420 23.80 -33.36 -1.42
C SER A 420 23.70 -34.81 -0.90
N VAL A 421 23.76 -34.99 0.42
CA VAL A 421 23.77 -36.33 1.00
C VAL A 421 22.93 -36.40 2.27
N SER A 422 22.40 -37.60 2.56
CA SER A 422 21.70 -37.87 3.82
C SER A 422 22.28 -39.20 4.38
N PHE A 423 22.92 -39.15 5.54
CA PHE A 423 23.49 -40.35 6.15
C PHE A 423 22.54 -40.96 7.14
N SER A 424 22.62 -42.28 7.33
CA SER A 424 21.85 -42.98 8.35
C SER A 424 22.42 -42.58 9.75
N LYS A 425 21.74 -42.99 10.85
CA LYS A 425 22.11 -42.62 12.23
C LYS A 425 23.55 -42.69 12.69
N GLU A 426 24.29 -43.76 12.32
CA GLU A 426 25.71 -43.89 12.68
C GLU A 426 26.56 -43.97 11.40
N ALA A 427 26.07 -43.33 10.31
CA ALA A 427 26.73 -43.25 9.01
C ALA A 427 27.01 -44.60 8.34
N LYS A 428 26.21 -45.65 8.64
CA LYS A 428 26.41 -46.96 7.99
C LYS A 428 25.99 -46.87 6.50
N TYR A 429 25.01 -46.01 6.19
CA TYR A 429 24.52 -45.81 4.82
C TYR A 429 24.40 -44.36 4.50
N TYR A 430 24.34 -44.05 3.20
CA TYR A 430 24.12 -42.68 2.75
C TYR A 430 23.35 -42.65 1.46
N GLN A 431 22.45 -41.69 1.38
CA GLN A 431 21.69 -41.46 0.18
C GLN A 431 22.34 -40.28 -0.53
N LEU A 432 22.76 -40.47 -1.78
CA LEU A 432 23.26 -39.35 -2.58
C LEU A 432 22.11 -38.80 -3.42
N ARG A 433 22.04 -37.46 -3.49
CA ARG A 433 21.01 -36.75 -4.28
C ARG A 433 21.76 -35.87 -5.29
N CYS A 434 21.76 -36.29 -6.55
CA CYS A 434 22.41 -35.56 -7.63
C CYS A 434 21.33 -34.61 -8.17
N SER A 435 21.60 -33.30 -8.25
CA SER A 435 20.59 -32.36 -8.74
C SER A 435 20.96 -31.70 -10.09
N GLY A 436 22.06 -32.14 -10.71
CA GLY A 436 22.43 -31.59 -12.01
C GLY A 436 23.86 -31.88 -12.41
N PRO A 437 24.26 -31.63 -13.68
CA PRO A 437 23.51 -30.91 -14.76
C PRO A 437 22.39 -31.67 -15.46
N GLY A 438 22.35 -32.99 -15.28
CA GLY A 438 21.30 -33.84 -15.84
C GLY A 438 20.13 -33.91 -14.90
N LEU A 439 19.18 -34.82 -15.18
CA LEU A 439 18.03 -34.98 -14.31
C LEU A 439 18.42 -35.53 -12.94
N PRO A 440 17.73 -35.09 -11.87
CA PRO A 440 18.09 -35.57 -10.52
C PRO A 440 18.10 -37.07 -10.41
N LEU A 441 19.09 -37.55 -9.68
CA LEU A 441 19.34 -38.97 -9.50
C LEU A 441 19.57 -39.25 -8.04
N TYR A 442 18.78 -40.18 -7.47
CA TYR A 442 18.84 -40.54 -6.07
C TYR A 442 19.36 -41.94 -5.95
N THR A 443 20.45 -42.11 -5.21
CA THR A 443 21.08 -43.43 -5.04
C THR A 443 21.34 -43.73 -3.59
N LEU A 444 21.45 -45.02 -3.25
CA LEU A 444 21.71 -45.45 -1.89
C LEU A 444 23.03 -46.20 -1.84
N HIS A 445 23.84 -45.89 -0.81
CA HIS A 445 25.17 -46.44 -0.67
C HIS A 445 25.46 -46.95 0.73
N SER A 446 26.39 -47.92 0.85
CA SER A 446 26.86 -48.39 2.17
C SER A 446 28.28 -47.83 2.38
N SER A 447 28.55 -47.30 3.58
CA SER A 447 29.83 -46.67 3.89
C SER A 447 31.04 -47.59 4.03
N VAL A 448 30.86 -48.83 4.48
CA VAL A 448 32.02 -49.72 4.72
C VAL A 448 33.01 -49.83 3.55
N ASN A 449 32.48 -50.05 2.33
CA ASN A 449 33.28 -50.12 1.11
C ASN A 449 32.76 -49.19 0.02
N ASP A 450 31.93 -48.21 0.38
CA ASP A 450 31.32 -47.26 -0.56
C ASP A 450 30.63 -47.94 -1.75
N LYS A 451 29.92 -49.04 -1.46
CA LYS A 451 29.15 -49.76 -2.49
C LYS A 451 27.98 -48.90 -2.89
N GLY A 452 27.67 -48.88 -4.19
CA GLY A 452 26.50 -48.20 -4.72
C GLY A 452 25.41 -49.24 -4.72
N LEU A 453 24.64 -49.32 -3.65
CA LEU A 453 23.62 -50.37 -3.49
C LEU A 453 22.56 -50.39 -4.57
N ARG A 454 21.82 -49.28 -4.73
CA ARG A 454 20.75 -49.22 -5.68
C ARG A 454 20.38 -47.82 -6.10
N VAL A 455 19.66 -47.73 -7.24
CA VAL A 455 19.11 -46.49 -7.77
C VAL A 455 17.72 -46.36 -7.15
N LEU A 456 17.47 -45.26 -6.42
CA LEU A 456 16.17 -45.06 -5.75
C LEU A 456 15.16 -44.38 -6.69
N GLU A 457 15.63 -43.38 -7.44
CA GLU A 457 14.82 -42.59 -8.38
C GLU A 457 15.76 -42.00 -9.44
N ASP A 458 15.52 -42.29 -10.72
CA ASP A 458 16.40 -41.81 -11.80
C ASP A 458 15.71 -40.84 -12.74
N ASN A 459 14.44 -40.47 -12.46
CA ASN A 459 13.63 -39.55 -13.27
C ASN A 459 13.51 -39.99 -14.75
N SER A 460 13.53 -41.32 -15.01
CA SER A 460 13.45 -41.81 -16.38
C SER A 460 12.07 -41.49 -17.02
N ALA A 461 10.98 -41.36 -16.22
CA ALA A 461 9.66 -40.96 -16.74
C ALA A 461 9.73 -39.52 -17.28
N LEU A 462 10.40 -38.60 -16.56
CA LEU A 462 10.56 -37.21 -17.00
C LEU A 462 11.45 -37.13 -18.23
N ASP A 463 12.56 -37.91 -18.23
CA ASP A 463 13.48 -37.98 -19.37
C ASP A 463 12.70 -38.36 -20.65
N LYS A 464 11.78 -39.33 -20.53
CA LYS A 464 10.94 -39.79 -21.67
C LYS A 464 10.03 -38.63 -22.17
N MET A 465 9.43 -37.88 -21.23
CA MET A 465 8.58 -36.73 -21.55
C MET A 465 9.37 -35.61 -22.20
N LEU A 466 10.55 -35.30 -21.64
CA LEU A 466 11.43 -34.23 -22.13
C LEU A 466 12.05 -34.50 -23.50
N GLN A 467 12.08 -35.79 -23.93
CA GLN A 467 12.58 -36.18 -25.27
C GLN A 467 11.74 -35.51 -26.39
N ASN A 468 10.44 -35.29 -26.14
CA ASN A 468 9.52 -34.66 -27.08
C ASN A 468 9.43 -33.13 -26.95
N VAL A 469 10.35 -32.49 -26.19
CA VAL A 469 10.33 -31.04 -25.98
C VAL A 469 11.66 -30.43 -26.42
N GLN A 470 11.60 -29.25 -27.05
CA GLN A 470 12.83 -28.57 -27.48
C GLN A 470 13.37 -27.81 -26.25
N MET A 471 14.18 -28.51 -25.47
CA MET A 471 14.73 -27.97 -24.23
C MET A 471 15.94 -27.11 -24.40
N PRO A 472 16.09 -26.07 -23.54
CA PRO A 472 17.31 -25.26 -23.61
C PRO A 472 18.50 -26.01 -23.01
N SER A 473 19.69 -25.53 -23.31
CA SER A 473 20.92 -26.07 -22.77
C SER A 473 21.46 -25.06 -21.80
N LYS A 474 22.43 -25.48 -20.99
CA LYS A 474 23.08 -24.59 -20.06
C LYS A 474 24.58 -24.59 -20.26
N LYS A 475 25.14 -23.40 -20.49
CA LYS A 475 26.59 -23.24 -20.60
C LYS A 475 27.13 -22.64 -19.30
N LEU A 476 28.14 -23.26 -18.68
CA LEU A 476 28.82 -22.78 -17.49
C LEU A 476 30.25 -22.49 -17.86
N ASP A 477 30.65 -21.23 -17.78
CA ASP A 477 32.00 -20.82 -18.14
C ASP A 477 32.46 -19.68 -17.23
N PHE A 478 33.58 -19.03 -17.57
CA PHE A 478 34.09 -17.91 -16.79
C PHE A 478 34.66 -16.79 -17.65
N ILE A 479 34.78 -15.61 -17.07
CA ILE A 479 35.42 -14.42 -17.62
C ILE A 479 36.48 -13.99 -16.62
N ILE A 480 37.50 -13.28 -17.08
CA ILE A 480 38.59 -12.84 -16.21
C ILE A 480 38.50 -11.34 -16.02
N LEU A 481 38.45 -10.92 -14.74
CA LEU A 481 38.43 -9.50 -14.35
C LEU A 481 39.54 -9.31 -13.34
N ASN A 482 40.53 -8.43 -13.65
CA ASN A 482 41.68 -8.13 -12.78
C ASN A 482 42.41 -9.39 -12.27
N GLU A 483 42.75 -10.30 -13.20
CA GLU A 483 43.45 -11.58 -12.92
C GLU A 483 42.61 -12.63 -12.16
N THR A 484 41.33 -12.33 -11.85
CA THR A 484 40.45 -13.26 -11.14
C THR A 484 39.40 -13.85 -12.08
N LYS A 485 39.17 -15.16 -11.99
CA LYS A 485 38.11 -15.76 -12.79
C LYS A 485 36.77 -15.61 -12.08
N PHE A 486 35.74 -15.22 -12.84
CA PHE A 486 34.38 -15.09 -12.30
C PHE A 486 33.49 -15.88 -13.24
N TRP A 487 32.70 -16.77 -12.66
CA TRP A 487 31.83 -17.70 -13.37
C TRP A 487 30.51 -17.13 -13.75
N TYR A 488 29.98 -17.60 -14.88
CA TYR A 488 28.66 -17.25 -15.34
C TYR A 488 28.02 -18.49 -15.93
N GLN A 489 26.71 -18.43 -16.09
CA GLN A 489 25.95 -19.46 -16.76
C GLN A 489 25.04 -18.80 -17.75
N MET A 490 24.72 -19.52 -18.82
CA MET A 490 23.76 -19.05 -19.79
C MET A 490 22.81 -20.16 -20.10
N ILE A 491 21.53 -19.85 -19.98
CA ILE A 491 20.48 -20.76 -20.37
C ILE A 491 20.31 -20.41 -21.85
N LEU A 492 20.73 -21.32 -22.72
CA LEU A 492 20.72 -21.08 -24.16
C LEU A 492 19.51 -21.67 -24.85
N PRO A 493 18.86 -20.94 -25.79
CA PRO A 493 17.73 -21.53 -26.52
C PRO A 493 18.06 -22.85 -27.26
N PRO A 494 17.05 -23.72 -27.50
CA PRO A 494 17.33 -24.96 -28.26
C PRO A 494 17.84 -24.62 -29.67
N HIS A 495 18.67 -25.51 -30.26
CA HIS A 495 19.29 -25.30 -31.59
C HIS A 495 20.12 -24.00 -31.63
N PHE A 496 20.73 -23.62 -30.48
CA PHE A 496 21.52 -22.39 -30.34
C PHE A 496 22.49 -22.23 -31.50
N ASP A 497 22.47 -21.06 -32.14
CA ASP A 497 23.31 -20.77 -33.29
C ASP A 497 24.15 -19.52 -33.01
N LYS A 498 25.47 -19.71 -32.80
CA LYS A 498 26.43 -18.66 -32.47
C LYS A 498 26.58 -17.55 -33.55
N SER A 499 26.05 -17.80 -34.76
CA SER A 499 26.04 -16.88 -35.90
C SER A 499 24.81 -15.97 -35.84
N LYS A 500 23.88 -16.23 -34.90
CA LYS A 500 22.66 -15.43 -34.72
C LYS A 500 22.78 -14.56 -33.47
N LYS A 501 22.08 -13.41 -33.45
CA LYS A 501 22.08 -12.51 -32.30
C LYS A 501 20.77 -12.68 -31.54
N TYR A 502 20.90 -13.07 -30.27
CA TYR A 502 19.76 -13.32 -29.41
C TYR A 502 19.63 -12.18 -28.40
N PRO A 503 18.39 -11.85 -27.97
CA PRO A 503 18.25 -10.88 -26.86
C PRO A 503 18.76 -11.61 -25.60
N LEU A 504 19.19 -10.86 -24.60
CA LEU A 504 19.73 -11.47 -23.39
C LEU A 504 19.08 -10.88 -22.13
N LEU A 505 18.69 -11.76 -21.20
CA LEU A 505 18.15 -11.35 -19.90
C LEU A 505 19.17 -11.73 -18.80
N LEU A 506 19.61 -10.75 -18.03
CA LEU A 506 20.53 -11.02 -16.93
C LEU A 506 19.65 -11.26 -15.69
N ASP A 507 19.70 -12.48 -15.18
CA ASP A 507 18.95 -12.93 -14.01
C ASP A 507 19.93 -12.78 -12.83
N VAL A 508 19.62 -11.87 -11.90
CA VAL A 508 20.54 -11.52 -10.83
C VAL A 508 20.06 -11.76 -9.39
N TYR A 509 21.01 -12.18 -8.54
CA TYR A 509 20.80 -12.25 -7.10
C TYR A 509 21.93 -11.32 -6.63
N ALA A 510 23.22 -11.76 -6.68
CA ALA A 510 24.44 -10.97 -6.43
C ALA A 510 24.60 -10.45 -5.01
N GLY A 511 23.84 -11.03 -4.07
CA GLY A 511 24.01 -10.69 -2.66
C GLY A 511 25.26 -11.36 -2.10
N PRO A 512 25.72 -10.96 -0.90
CA PRO A 512 26.90 -11.61 -0.31
C PRO A 512 26.69 -13.10 -0.14
N CYS A 513 27.68 -13.88 -0.61
CA CYS A 513 27.67 -15.36 -0.60
C CYS A 513 26.65 -15.96 -1.58
N SER A 514 26.16 -15.17 -2.54
CA SER A 514 25.24 -15.73 -3.53
C SER A 514 26.01 -16.61 -4.54
N GLN A 515 25.31 -17.52 -5.21
CA GLN A 515 25.91 -18.30 -6.29
C GLN A 515 24.81 -18.60 -7.29
N LYS A 516 24.87 -17.92 -8.45
CA LYS A 516 23.87 -18.09 -9.52
C LYS A 516 24.41 -18.83 -10.74
N ALA A 517 25.70 -19.18 -10.71
CA ALA A 517 26.33 -19.94 -11.78
C ALA A 517 26.69 -21.26 -11.11
N ASP A 518 25.95 -22.31 -11.47
CA ASP A 518 26.17 -23.62 -10.86
C ASP A 518 25.77 -24.72 -11.86
N THR A 519 25.89 -25.97 -11.47
CA THR A 519 25.55 -27.11 -12.34
C THR A 519 24.16 -27.69 -12.05
N VAL A 520 23.30 -26.98 -11.31
CA VAL A 520 21.96 -27.49 -10.99
C VAL A 520 21.00 -27.43 -12.19
N PHE A 521 20.22 -28.50 -12.39
CA PHE A 521 19.19 -28.60 -13.43
C PHE A 521 17.91 -27.95 -12.84
N ARG A 522 17.34 -26.97 -13.54
CA ARG A 522 16.12 -26.29 -13.09
C ARG A 522 15.11 -26.21 -14.21
N LEU A 523 13.84 -26.27 -13.85
CA LEU A 523 12.71 -26.05 -14.76
C LEU A 523 12.03 -24.83 -14.19
N ASN A 524 12.30 -23.68 -14.80
CA ASN A 524 11.74 -22.44 -14.24
C ASN A 524 11.33 -21.44 -15.34
N TRP A 525 11.12 -20.16 -14.95
CA TRP A 525 10.77 -19.12 -15.90
C TRP A 525 11.83 -18.98 -16.99
N ALA A 526 13.13 -19.06 -16.60
CA ALA A 526 14.22 -18.97 -17.58
C ALA A 526 14.14 -20.09 -18.62
N THR A 527 13.73 -21.32 -18.22
CA THR A 527 13.59 -22.44 -19.17
C THR A 527 12.60 -22.04 -20.28
N TYR A 528 11.45 -21.45 -19.90
CA TYR A 528 10.42 -20.99 -20.84
C TYR A 528 10.97 -19.89 -21.76
N LEU A 529 11.65 -18.88 -21.15
CA LEU A 529 12.19 -17.75 -21.92
C LEU A 529 13.13 -18.22 -23.00
N ALA A 530 14.03 -19.16 -22.65
CA ALA A 530 14.97 -19.71 -23.60
C ALA A 530 14.29 -20.65 -24.60
N SER A 531 13.46 -21.56 -24.13
CA SER A 531 12.86 -22.57 -25.01
C SER A 531 11.82 -21.98 -25.98
N THR A 532 10.86 -21.23 -25.47
CA THR A 532 9.79 -20.68 -26.27
C THR A 532 10.12 -19.34 -26.91
N GLU A 533 10.72 -18.40 -26.14
CA GLU A 533 10.99 -17.06 -26.62
C GLU A 533 12.35 -16.83 -27.24
N ASN A 534 13.25 -17.81 -27.17
CA ASN A 534 14.61 -17.71 -27.73
C ASN A 534 15.41 -16.58 -27.12
N ILE A 535 15.28 -16.42 -25.80
CA ILE A 535 16.04 -15.44 -25.03
C ILE A 535 17.17 -16.18 -24.31
N ILE A 536 18.38 -15.60 -24.29
CA ILE A 536 19.44 -16.17 -23.47
C ILE A 536 19.24 -15.62 -22.06
N VAL A 537 19.22 -16.51 -21.06
CA VAL A 537 19.10 -16.07 -19.68
C VAL A 537 20.44 -16.34 -19.01
N ALA A 538 21.16 -15.27 -18.73
CA ALA A 538 22.50 -15.30 -18.16
C ALA A 538 22.50 -14.92 -16.68
N SER A 539 23.45 -15.48 -15.93
CA SER A 539 23.64 -15.10 -14.51
C SER A 539 25.10 -15.08 -14.29
N PHE A 540 25.56 -14.20 -13.40
CA PHE A 540 26.98 -14.01 -13.17
C PHE A 540 27.29 -13.86 -11.69
N ASP A 541 28.37 -14.50 -11.25
CA ASP A 541 28.85 -14.42 -9.86
C ASP A 541 30.13 -13.56 -9.81
N GLY A 542 29.95 -12.31 -9.43
CA GLY A 542 31.04 -11.33 -9.34
C GLY A 542 31.51 -11.13 -7.92
N ARG A 543 32.08 -9.96 -7.61
CA ARG A 543 32.57 -9.70 -6.25
C ARG A 543 31.41 -9.75 -5.25
N GLY A 544 31.70 -10.36 -4.11
CA GLY A 544 30.71 -10.58 -3.07
C GLY A 544 30.08 -11.98 -3.15
N SER A 545 30.24 -12.72 -4.28
CA SER A 545 29.63 -14.04 -4.42
C SER A 545 30.35 -15.08 -3.54
N GLY A 546 29.69 -16.20 -3.23
CA GLY A 546 30.27 -17.16 -2.29
C GLY A 546 31.05 -18.31 -2.86
N TYR A 547 31.54 -19.15 -1.95
CA TYR A 547 32.16 -20.46 -2.20
C TYR A 547 33.47 -20.40 -2.98
N GLN A 548 34.09 -19.20 -3.00
CA GLN A 548 35.33 -18.96 -3.75
C GLN A 548 36.35 -18.24 -2.91
N GLY A 549 36.18 -18.27 -1.59
CA GLY A 549 37.10 -17.59 -0.70
C GLY A 549 36.70 -16.18 -0.35
N ASP A 550 37.27 -15.66 0.76
CA ASP A 550 36.94 -14.32 1.27
C ASP A 550 37.42 -13.15 0.44
N LYS A 551 38.50 -13.32 -0.35
CA LYS A 551 38.97 -12.21 -1.21
C LYS A 551 37.81 -11.77 -2.12
N ILE A 552 37.05 -12.71 -2.65
CA ILE A 552 35.88 -12.41 -3.46
C ILE A 552 34.69 -12.08 -2.57
N MET A 553 34.41 -12.95 -1.56
CA MET A 553 33.20 -12.74 -0.76
C MET A 553 33.20 -11.43 0.04
N HIS A 554 34.32 -11.11 0.68
CA HIS A 554 34.46 -9.93 1.51
C HIS A 554 34.76 -8.65 0.74
N ALA A 555 34.80 -8.74 -0.60
CA ALA A 555 35.07 -7.57 -1.45
C ALA A 555 34.04 -6.47 -1.25
N ILE A 556 32.79 -6.85 -0.88
CA ILE A 556 31.68 -5.88 -0.67
C ILE A 556 31.47 -5.53 0.79
N ASN A 557 32.41 -5.91 1.66
CA ASN A 557 32.34 -5.57 3.09
C ASN A 557 32.18 -4.07 3.26
N ARG A 558 31.14 -3.67 4.02
CA ARG A 558 30.76 -2.27 4.35
C ARG A 558 30.40 -1.46 3.15
N ARG A 559 30.24 -2.14 2.00
CA ARG A 559 30.03 -1.49 0.71
C ARG A 559 29.00 -2.17 -0.19
N LEU A 560 27.82 -2.51 0.34
CA LEU A 560 26.77 -3.10 -0.49
C LEU A 560 26.34 -2.08 -1.54
N GLY A 561 25.94 -2.57 -2.70
CA GLY A 561 25.52 -1.72 -3.80
C GLY A 561 26.69 -1.04 -4.49
N THR A 562 27.89 -1.65 -4.45
CA THR A 562 29.08 -1.13 -5.14
C THR A 562 29.60 -2.15 -6.14
N PHE A 563 30.61 -2.96 -5.76
CA PHE A 563 31.22 -3.93 -6.67
C PHE A 563 30.31 -4.96 -7.25
N GLU A 564 29.35 -5.49 -6.46
CA GLU A 564 28.45 -6.51 -7.01
C GLU A 564 27.56 -5.91 -8.13
N VAL A 565 27.19 -4.61 -8.01
CA VAL A 565 26.41 -3.89 -9.03
C VAL A 565 27.31 -3.64 -10.26
N GLU A 566 28.52 -3.10 -10.03
CA GLU A 566 29.49 -2.84 -11.11
C GLU A 566 29.80 -4.12 -11.87
N ASP A 567 29.98 -5.25 -11.14
CA ASP A 567 30.32 -6.52 -11.77
C ASP A 567 29.24 -7.09 -12.67
N GLN A 568 27.96 -6.84 -12.36
CA GLN A 568 26.86 -7.30 -13.23
C GLN A 568 26.89 -6.46 -14.50
N ILE A 569 27.17 -5.16 -14.35
CA ILE A 569 27.24 -4.26 -15.53
C ILE A 569 28.40 -4.71 -16.43
N GLU A 570 29.55 -4.99 -15.81
CA GLU A 570 30.75 -5.45 -16.52
C GLU A 570 30.49 -6.78 -17.26
N ALA A 571 29.80 -7.76 -16.59
CA ALA A 571 29.46 -9.03 -17.24
C ALA A 571 28.56 -8.82 -18.44
N ALA A 572 27.51 -7.98 -18.33
CA ALA A 572 26.60 -7.73 -19.45
C ALA A 572 27.33 -7.01 -20.59
N ARG A 573 28.25 -6.09 -20.24
CA ARG A 573 29.09 -5.37 -21.21
C ARG A 573 29.91 -6.39 -22.01
N GLN A 574 30.51 -7.36 -21.30
CA GLN A 574 31.28 -8.43 -21.92
C GLN A 574 30.39 -9.35 -22.74
N PHE A 575 29.19 -9.71 -22.22
CA PHE A 575 28.23 -10.53 -22.99
C PHE A 575 27.76 -9.78 -24.26
N SER A 576 27.48 -8.45 -24.16
CA SER A 576 27.01 -7.61 -25.29
C SER A 576 28.01 -7.57 -26.43
N LYS A 577 29.28 -7.84 -26.15
CA LYS A 577 30.37 -7.84 -27.12
C LYS A 577 30.51 -9.19 -27.77
N MET A 578 29.83 -10.23 -27.25
CA MET A 578 29.85 -11.56 -27.86
C MET A 578 28.99 -11.51 -29.13
N GLY A 579 29.40 -12.26 -30.14
CA GLY A 579 28.75 -12.29 -31.44
C GLY A 579 27.31 -12.77 -31.44
N PHE A 580 26.91 -13.58 -30.45
CA PHE A 580 25.57 -14.13 -30.39
C PHE A 580 24.58 -13.33 -29.51
N VAL A 581 25.01 -12.17 -28.99
CA VAL A 581 24.15 -11.31 -28.17
C VAL A 581 23.77 -10.03 -28.93
N ASP A 582 22.47 -9.72 -28.97
CA ASP A 582 21.96 -8.48 -29.56
C ASP A 582 22.14 -7.39 -28.50
N ASN A 583 23.14 -6.50 -28.70
CA ASN A 583 23.40 -5.41 -27.74
C ASN A 583 22.27 -4.38 -27.57
N LYS A 584 21.26 -4.40 -28.47
CA LYS A 584 20.11 -3.50 -28.41
C LYS A 584 19.02 -4.09 -27.52
N ARG A 585 19.18 -5.36 -27.13
CA ARG A 585 18.15 -6.07 -26.38
C ARG A 585 18.74 -6.82 -25.19
N ILE A 586 19.23 -6.08 -24.22
CA ILE A 586 19.76 -6.66 -22.99
C ILE A 586 18.89 -6.18 -21.84
N ALA A 587 18.38 -7.12 -21.06
CA ALA A 587 17.52 -6.79 -19.94
C ALA A 587 18.09 -7.35 -18.66
N ILE A 588 17.56 -6.90 -17.51
CA ILE A 588 18.02 -7.41 -16.23
C ILE A 588 16.79 -7.62 -15.31
N TRP A 589 16.82 -8.65 -14.46
CA TRP A 589 15.73 -8.82 -13.50
C TRP A 589 16.24 -9.51 -12.24
N GLY A 590 15.57 -9.24 -11.13
CA GLY A 590 15.92 -9.92 -9.89
C GLY A 590 14.84 -9.71 -8.86
N TRP A 591 14.90 -10.57 -7.82
CA TRP A 591 13.93 -10.54 -6.73
C TRP A 591 14.71 -10.26 -5.44
N SER A 592 14.09 -9.50 -4.52
CA SER A 592 14.70 -9.28 -3.18
C SER A 592 16.06 -8.57 -3.31
N TYR A 593 17.19 -9.17 -2.86
CA TYR A 593 18.53 -8.57 -3.06
C TYR A 593 18.76 -8.39 -4.60
N GLY A 594 18.26 -9.33 -5.40
CA GLY A 594 18.36 -9.22 -6.86
C GLY A 594 17.54 -8.05 -7.42
N GLY A 595 16.45 -7.71 -6.74
CA GLY A 595 15.62 -6.56 -7.10
C GLY A 595 16.38 -5.27 -6.83
N TYR A 596 17.07 -5.22 -5.66
CA TYR A 596 17.94 -4.08 -5.30
C TYR A 596 19.03 -3.94 -6.39
N VAL A 597 19.77 -5.03 -6.68
CA VAL A 597 20.84 -5.00 -7.68
C VAL A 597 20.35 -4.57 -9.06
N THR A 598 19.22 -5.16 -9.53
CA THR A 598 18.57 -4.78 -10.80
C THR A 598 18.32 -3.25 -10.81
N SER A 599 17.73 -2.73 -9.73
CA SER A 599 17.39 -1.30 -9.61
C SER A 599 18.64 -0.40 -9.61
N MET A 600 19.68 -0.81 -8.88
CA MET A 600 20.96 -0.08 -8.83
C MET A 600 21.64 -0.08 -10.20
N VAL A 601 21.56 -1.22 -10.92
CA VAL A 601 22.09 -1.36 -12.28
C VAL A 601 21.30 -0.43 -13.22
N LEU A 602 19.98 -0.50 -13.15
CA LEU A 602 19.13 0.33 -14.01
C LEU A 602 19.30 1.82 -13.78
N GLY A 603 19.72 2.20 -12.57
CA GLY A 603 19.95 3.60 -12.23
C GLY A 603 21.42 4.01 -12.29
N SER A 604 22.29 3.14 -12.82
CA SER A 604 23.72 3.42 -12.88
C SER A 604 24.08 4.37 -14.02
N GLY A 605 23.21 4.46 -15.03
CA GLY A 605 23.44 5.27 -16.22
C GLY A 605 24.41 4.61 -17.16
N SER A 606 24.60 3.26 -17.04
CA SER A 606 25.55 2.49 -17.88
C SER A 606 25.19 2.48 -19.38
N GLY A 607 23.88 2.56 -19.67
CA GLY A 607 23.34 2.48 -21.02
C GLY A 607 23.35 1.10 -21.66
N VAL A 608 23.81 0.08 -20.93
CA VAL A 608 23.93 -1.30 -21.45
C VAL A 608 22.52 -1.97 -21.53
N PHE A 609 21.65 -1.65 -20.58
CA PHE A 609 20.33 -2.26 -20.41
C PHE A 609 19.19 -1.44 -20.96
N LYS A 610 18.35 -2.10 -21.74
CA LYS A 610 17.18 -1.48 -22.33
C LYS A 610 16.06 -1.42 -21.29
N CYS A 611 15.96 -2.48 -20.47
CA CYS A 611 14.84 -2.61 -19.54
C CYS A 611 15.19 -3.52 -18.37
N GLY A 612 14.30 -3.57 -17.39
CA GLY A 612 14.51 -4.48 -16.27
C GLY A 612 13.33 -4.54 -15.33
N ILE A 613 13.30 -5.59 -14.50
CA ILE A 613 12.19 -5.83 -13.57
C ILE A 613 12.77 -6.04 -12.20
N ALA A 614 12.25 -5.30 -11.22
CA ALA A 614 12.65 -5.45 -9.81
C ALA A 614 11.44 -6.02 -9.08
N VAL A 615 11.62 -7.15 -8.38
CA VAL A 615 10.51 -7.75 -7.62
C VAL A 615 10.90 -7.65 -6.15
N ALA A 616 10.01 -7.07 -5.33
CA ALA A 616 10.21 -6.86 -3.87
C ALA A 616 11.65 -6.41 -3.57
N PRO A 617 12.15 -5.34 -4.24
CA PRO A 617 13.53 -4.94 -4.00
C PRO A 617 13.76 -4.23 -2.67
N VAL A 618 14.98 -4.36 -2.14
CA VAL A 618 15.45 -3.47 -1.09
C VAL A 618 15.77 -2.16 -1.87
N SER A 619 15.50 -0.98 -1.26
CA SER A 619 15.79 0.28 -1.90
C SER A 619 16.74 1.16 -1.08
N ARG A 620 16.81 0.92 0.24
CA ARG A 620 17.63 1.72 1.17
C ARG A 620 17.93 0.80 2.34
N TRP A 621 19.21 0.60 2.69
CA TRP A 621 19.59 -0.37 3.73
C TRP A 621 19.04 -0.10 5.11
N GLU A 622 18.77 1.19 5.43
CA GLU A 622 18.14 1.54 6.70
C GLU A 622 16.71 0.97 6.84
N TYR A 623 16.06 0.56 5.74
CA TYR A 623 14.72 -0.04 5.77
C TYR A 623 14.76 -1.55 6.03
N TYR A 624 15.92 -2.19 5.79
CA TYR A 624 16.04 -3.63 5.97
C TYR A 624 16.39 -4.02 7.41
N ASP A 625 16.26 -5.32 7.75
CA ASP A 625 16.48 -5.75 9.14
C ASP A 625 17.93 -5.62 9.62
N SER A 626 18.11 -5.43 10.92
CA SER A 626 19.40 -5.27 11.56
C SER A 626 20.38 -6.44 11.31
N VAL A 627 19.96 -7.69 11.59
CA VAL A 627 20.85 -8.87 11.52
C VAL A 627 21.51 -9.04 10.14
N TYR A 628 20.70 -9.06 9.08
CA TYR A 628 21.29 -9.20 7.75
C TYR A 628 22.05 -7.93 7.36
N THR A 629 21.39 -6.75 7.41
CA THR A 629 22.02 -5.51 6.93
C THR A 629 23.36 -5.19 7.59
N GLU A 630 23.39 -5.16 8.93
CA GLU A 630 24.56 -4.78 9.69
C GLU A 630 25.67 -5.77 9.57
N ARG A 631 25.36 -7.04 9.22
CA ARG A 631 26.41 -8.04 9.02
C ARG A 631 27.43 -7.52 7.96
N TYR A 632 26.91 -6.87 6.91
CA TYR A 632 27.71 -6.36 5.80
C TYR A 632 27.97 -4.88 5.87
N MET A 633 27.06 -4.14 6.49
CA MET A 633 27.08 -2.68 6.49
C MET A 633 27.54 -1.99 7.76
N GLY A 634 27.63 -2.73 8.86
CA GLY A 634 27.91 -2.13 10.17
C GLY A 634 26.70 -1.30 10.55
N LEU A 635 26.89 -0.29 11.40
CA LEU A 635 25.78 0.55 11.87
C LEU A 635 25.61 1.83 11.06
N PRO A 636 24.33 2.29 10.86
CA PRO A 636 24.11 3.55 10.12
C PRO A 636 24.26 4.78 11.04
N THR A 637 25.46 4.95 11.58
CA THR A 637 25.75 6.08 12.48
C THR A 637 26.90 6.86 11.88
N PRO A 638 27.01 8.19 12.16
CA PRO A 638 28.12 8.97 11.57
C PRO A 638 29.50 8.39 11.91
N GLU A 639 29.67 7.85 13.12
CA GLU A 639 30.95 7.26 13.58
C GLU A 639 31.21 5.92 12.90
N ASP A 640 30.18 5.25 12.37
CA ASP A 640 30.39 3.98 11.72
C ASP A 640 30.24 4.05 10.21
N ASN A 641 29.07 3.70 9.65
CA ASN A 641 28.99 3.62 8.20
C ASN A 641 27.81 4.36 7.59
N LEU A 642 27.26 5.36 8.30
CA LEU A 642 26.12 6.13 7.78
C LEU A 642 26.30 6.67 6.35
N ASP A 643 27.48 7.27 6.02
CA ASP A 643 27.66 7.81 4.67
C ASP A 643 27.43 6.74 3.60
N HIS A 644 27.96 5.51 3.79
CA HIS A 644 27.68 4.49 2.78
C HIS A 644 26.22 4.03 2.77
N TYR A 645 25.53 3.99 3.92
CA TYR A 645 24.08 3.68 3.94
C TYR A 645 23.32 4.71 3.07
N ARG A 646 23.75 5.97 3.14
CA ARG A 646 23.09 7.06 2.43
C ARG A 646 23.41 7.15 0.95
N ASN A 647 24.60 6.73 0.53
CA ASN A 647 24.87 6.81 -0.90
C ASN A 647 24.60 5.50 -1.65
N SER A 648 24.09 4.47 -0.97
CA SER A 648 23.81 3.19 -1.63
C SER A 648 22.30 2.96 -1.86
N THR A 649 21.52 4.04 -1.94
CA THR A 649 20.08 3.89 -2.14
C THR A 649 19.72 3.85 -3.63
N VAL A 650 18.57 3.25 -3.93
CA VAL A 650 18.05 3.25 -5.30
C VAL A 650 17.52 4.67 -5.59
N MET A 651 16.80 5.28 -4.61
CA MET A 651 16.16 6.60 -4.77
C MET A 651 17.10 7.70 -5.30
N SER A 652 18.36 7.71 -4.87
CA SER A 652 19.35 8.72 -5.33
C SER A 652 19.70 8.59 -6.82
N ARG A 653 19.38 7.46 -7.44
CA ARG A 653 19.70 7.20 -8.86
C ARG A 653 18.51 7.42 -9.79
N ALA A 654 17.37 7.89 -9.24
CA ALA A 654 16.10 8.03 -9.96
C ALA A 654 16.20 8.72 -11.33
N GLU A 655 16.95 9.84 -11.44
CA GLU A 655 17.13 10.56 -12.71
C GLU A 655 17.69 9.66 -13.81
N ASN A 656 18.56 8.71 -13.43
CA ASN A 656 19.16 7.76 -14.38
C ASN A 656 18.20 6.74 -14.99
N PHE A 657 16.97 6.60 -14.44
CA PHE A 657 15.98 5.69 -15.00
C PHE A 657 15.28 6.24 -16.26
N LYS A 658 15.58 7.53 -16.61
CA LYS A 658 14.97 8.18 -17.78
C LYS A 658 15.22 7.41 -19.07
N GLN A 659 16.39 6.78 -19.19
CA GLN A 659 16.77 6.06 -20.38
C GLN A 659 16.48 4.54 -20.39
N VAL A 660 15.70 4.03 -19.39
CA VAL A 660 15.34 2.60 -19.29
C VAL A 660 13.84 2.40 -19.09
N GLU A 661 13.35 1.20 -19.45
CA GLU A 661 11.98 0.78 -19.18
C GLU A 661 12.08 -0.08 -17.92
N TYR A 662 11.36 0.30 -16.89
CA TYR A 662 11.44 -0.36 -15.59
C TYR A 662 10.08 -0.85 -15.16
N LEU A 663 10.04 -2.07 -14.60
CA LEU A 663 8.81 -2.64 -14.06
C LEU A 663 9.12 -2.94 -12.60
N LEU A 664 8.35 -2.32 -11.68
CA LEU A 664 8.55 -2.43 -10.23
C LEU A 664 7.38 -3.18 -9.64
N ILE A 665 7.66 -4.29 -8.93
CA ILE A 665 6.60 -5.17 -8.41
C ILE A 665 6.83 -5.45 -6.92
N HIS A 666 5.74 -5.43 -6.10
CA HIS A 666 5.91 -5.72 -4.68
C HIS A 666 4.57 -6.18 -4.08
N GLY A 667 4.63 -7.15 -3.17
CA GLY A 667 3.45 -7.60 -2.45
C GLY A 667 3.18 -6.64 -1.31
N THR A 668 1.92 -6.26 -1.10
CA THR A 668 1.58 -5.27 -0.05
C THR A 668 1.75 -5.78 1.37
N ALA A 669 1.65 -7.12 1.55
CA ALA A 669 1.82 -7.74 2.87
C ALA A 669 3.23 -8.38 3.05
N ASP A 670 4.25 -7.81 2.40
CA ASP A 670 5.62 -8.29 2.54
C ASP A 670 6.15 -7.84 3.92
N ASP A 671 6.32 -8.82 4.82
CA ASP A 671 6.77 -8.61 6.20
C ASP A 671 8.29 -8.57 6.24
N ASN A 672 8.93 -8.94 5.14
CA ASN A 672 10.38 -9.09 5.05
C ASN A 672 11.02 -7.85 4.43
N VAL A 673 10.85 -7.66 3.12
CA VAL A 673 11.27 -6.45 2.41
C VAL A 673 9.96 -5.65 2.36
N HIS A 674 9.80 -4.69 3.26
CA HIS A 674 8.53 -3.98 3.35
C HIS A 674 8.13 -3.25 2.08
N PHE A 675 6.83 -3.23 1.79
CA PHE A 675 6.27 -2.53 0.62
C PHE A 675 6.82 -1.10 0.56
N GLN A 676 7.01 -0.49 1.74
CA GLN A 676 7.68 0.80 1.92
C GLN A 676 8.90 0.97 0.97
N GLN A 677 9.74 -0.09 0.83
CA GLN A 677 10.96 -0.05 -0.01
C GLN A 677 10.63 0.34 -1.48
N SER A 678 9.59 -0.29 -2.06
CA SER A 678 9.14 0.06 -3.43
C SER A 678 8.33 1.35 -3.43
N ALA A 679 7.59 1.61 -2.32
CA ALA A 679 6.82 2.87 -2.19
C ALA A 679 7.78 4.09 -2.26
N GLN A 680 9.00 3.94 -1.73
CA GLN A 680 9.98 5.04 -1.79
C GLN A 680 10.65 5.13 -3.18
N ILE A 681 10.85 3.99 -3.86
CA ILE A 681 11.40 4.00 -5.23
C ILE A 681 10.38 4.75 -6.14
N SER A 682 9.11 4.32 -6.16
CA SER A 682 8.12 4.93 -7.06
C SER A 682 8.03 6.44 -6.82
N LYS A 683 8.04 6.87 -5.53
CA LYS A 683 7.94 8.30 -5.19
C LYS A 683 9.15 9.10 -5.73
N ALA A 684 10.36 8.52 -5.64
CA ALA A 684 11.58 9.15 -6.19
C ALA A 684 11.50 9.29 -7.74
N LEU A 685 10.98 8.25 -8.43
CA LEU A 685 10.82 8.28 -9.91
C LEU A 685 9.76 9.29 -10.32
N VAL A 686 8.64 9.34 -9.59
CA VAL A 686 7.59 10.34 -9.83
C VAL A 686 8.21 11.74 -9.61
N ASP A 687 8.99 11.92 -8.53
CA ASP A 687 9.62 13.21 -8.23
C ASP A 687 10.57 13.77 -9.30
N VAL A 688 11.18 12.89 -10.10
CA VAL A 688 12.09 13.30 -11.18
C VAL A 688 11.43 13.22 -12.55
N GLY A 689 10.15 12.85 -12.59
CA GLY A 689 9.38 12.77 -13.83
C GLY A 689 9.79 11.62 -14.76
N VAL A 690 10.05 10.44 -14.17
CA VAL A 690 10.41 9.27 -14.94
C VAL A 690 9.20 8.34 -15.01
N ASP A 691 8.77 7.95 -16.23
CA ASP A 691 7.67 7.02 -16.37
C ASP A 691 8.20 5.60 -16.14
N PHE A 692 7.36 4.71 -15.60
CA PHE A 692 7.75 3.31 -15.33
C PHE A 692 6.47 2.51 -15.18
N GLN A 693 6.62 1.19 -15.10
CA GLN A 693 5.51 0.25 -14.95
C GLN A 693 5.51 -0.26 -13.54
N ALA A 694 4.32 -0.50 -13.00
CA ALA A 694 4.23 -0.98 -11.63
C ALA A 694 3.17 -2.02 -11.48
N MET A 695 3.31 -2.84 -10.43
CA MET A 695 2.28 -3.80 -10.07
C MET A 695 2.37 -4.07 -8.59
N TRP A 696 1.30 -3.85 -7.85
CA TRP A 696 1.28 -4.23 -6.44
C TRP A 696 0.53 -5.55 -6.40
N TYR A 697 0.81 -6.42 -5.41
CA TYR A 697 0.06 -7.64 -5.22
C TYR A 697 -0.60 -7.59 -3.84
N THR A 698 -1.90 -7.35 -3.83
CA THR A 698 -2.64 -7.23 -2.59
C THR A 698 -2.48 -8.48 -1.72
N ASP A 699 -2.07 -8.27 -0.45
CA ASP A 699 -1.95 -9.30 0.59
C ASP A 699 -0.94 -10.40 0.31
N GLU A 700 -0.09 -10.24 -0.71
CA GLU A 700 0.99 -11.18 -1.00
C GLU A 700 2.19 -10.76 -0.19
N ASP A 701 2.97 -11.73 0.25
CA ASP A 701 4.19 -11.43 1.01
C ASP A 701 5.43 -11.48 0.09
N HIS A 702 6.62 -11.72 0.68
CA HIS A 702 7.89 -11.77 -0.08
C HIS A 702 7.94 -12.83 -1.17
N GLY A 703 7.19 -13.89 -1.00
CA GLY A 703 7.17 -14.99 -1.96
C GLY A 703 6.27 -14.76 -3.15
N ILE A 704 5.24 -13.88 -3.05
CA ILE A 704 4.19 -13.66 -4.08
C ILE A 704 3.85 -15.08 -4.60
N ALA A 705 3.56 -15.94 -3.63
CA ALA A 705 3.49 -17.38 -3.87
C ALA A 705 2.14 -18.04 -3.87
N SER A 706 1.05 -17.30 -3.67
CA SER A 706 -0.27 -17.94 -3.80
C SER A 706 -0.36 -18.42 -5.26
N SER A 707 -1.14 -19.49 -5.52
CA SER A 707 -1.27 -20.05 -6.87
C SER A 707 -1.63 -18.97 -7.89
N THR A 708 -2.61 -18.13 -7.56
CA THR A 708 -3.07 -17.08 -8.50
C THR A 708 -2.06 -15.94 -8.68
N ALA A 709 -1.45 -15.44 -7.58
CA ALA A 709 -0.47 -14.36 -7.75
C ALA A 709 0.82 -14.82 -8.46
N HIS A 710 1.27 -16.08 -8.22
CA HIS A 710 2.45 -16.63 -8.89
C HIS A 710 2.22 -16.68 -10.40
N GLN A 711 1.04 -17.15 -10.80
CA GLN A 711 0.70 -17.19 -12.22
C GLN A 711 0.59 -15.78 -12.82
N HIS A 712 0.01 -14.84 -12.07
CA HIS A 712 -0.21 -13.46 -12.53
C HIS A 712 1.12 -12.69 -12.69
N ILE A 713 2.00 -12.80 -11.70
CA ILE A 713 3.30 -12.10 -11.75
C ILE A 713 4.13 -12.57 -12.95
N TYR A 714 4.24 -13.88 -13.14
CA TYR A 714 5.05 -14.39 -14.25
C TYR A 714 4.45 -14.07 -15.62
N THR A 715 3.11 -14.03 -15.68
CA THR A 715 2.39 -13.63 -16.90
C THR A 715 2.68 -12.15 -17.20
N HIS A 716 2.59 -11.29 -16.16
CA HIS A 716 2.82 -9.84 -16.32
C HIS A 716 4.27 -9.55 -16.75
N MET A 717 5.25 -10.23 -16.12
CA MET A 717 6.66 -10.06 -16.43
C MET A 717 6.98 -10.57 -17.84
N SER A 718 6.34 -11.67 -18.24
CA SER A 718 6.55 -12.24 -19.59
C SER A 718 6.10 -11.23 -20.66
N HIS A 719 4.91 -10.60 -20.46
CA HIS A 719 4.42 -9.56 -21.40
C HIS A 719 5.42 -8.42 -21.48
N PHE A 720 5.97 -7.99 -20.32
CA PHE A 720 6.92 -6.90 -20.24
C PHE A 720 8.23 -7.17 -20.97
N ILE A 721 8.85 -8.35 -20.73
CA ILE A 721 10.09 -8.74 -21.40
C ILE A 721 9.84 -8.88 -22.93
N LYS A 722 8.72 -9.51 -23.31
CA LYS A 722 8.40 -9.67 -24.75
C LYS A 722 8.23 -8.34 -25.48
N GLN A 723 7.51 -7.39 -24.85
CA GLN A 723 7.30 -6.03 -25.35
C GLN A 723 8.69 -5.35 -25.50
N CYS A 724 9.55 -5.46 -24.46
CA CYS A 724 10.88 -4.89 -24.45
C CYS A 724 11.76 -5.42 -25.57
N PHE A 725 11.61 -6.72 -25.90
CA PHE A 725 12.44 -7.39 -26.91
C PHE A 725 11.80 -7.47 -28.30
N SER A 726 10.65 -6.80 -28.50
CA SER A 726 9.86 -6.76 -29.73
C SER A 726 9.46 -8.19 -30.17
N LEU A 727 9.01 -9.02 -29.18
CA LEU A 727 8.62 -10.41 -29.39
C LEU A 727 7.10 -10.59 -29.45
N PRO A 728 6.58 -11.33 -30.46
CA PRO A 728 5.10 -11.51 -30.57
C PRO A 728 4.50 -12.42 -29.51
N THR B 1 2.25 25.95 -40.28
CA THR B 1 1.17 25.25 -39.57
C THR B 1 1.13 25.61 -38.07
N ARG B 2 -0.07 25.84 -37.54
CA ARG B 2 -0.24 26.16 -36.12
C ARG B 2 0.03 24.92 -35.27
N LYS B 3 0.68 25.14 -34.13
CA LYS B 3 0.95 24.08 -33.15
C LYS B 3 -0.38 23.57 -32.56
N THR B 4 -0.35 22.44 -31.88
CA THR B 4 -1.58 21.93 -31.25
C THR B 4 -1.45 22.20 -29.75
N TYR B 5 -2.50 21.86 -28.96
CA TYR B 5 -2.46 22.00 -27.51
C TYR B 5 -1.91 20.66 -27.05
N THR B 6 -0.67 20.65 -26.64
CA THR B 6 0.07 19.43 -26.28
C THR B 6 -0.11 19.01 -24.84
N LEU B 7 0.41 17.82 -24.50
CA LEU B 7 0.36 17.33 -23.13
C LEU B 7 1.20 18.24 -22.22
N THR B 8 2.36 18.73 -22.71
CA THR B 8 3.21 19.65 -21.96
C THR B 8 2.53 21.01 -21.72
N ASP B 9 1.69 21.47 -22.69
CA ASP B 9 0.92 22.71 -22.55
C ASP B 9 0.01 22.59 -21.32
N TYR B 10 -0.69 21.44 -21.22
CA TYR B 10 -1.59 21.16 -20.11
C TYR B 10 -0.81 21.04 -18.80
N LEU B 11 0.23 20.19 -18.78
CA LEU B 11 1.03 19.92 -17.58
C LEU B 11 1.84 21.09 -17.08
N LYS B 12 2.33 21.95 -17.99
CA LYS B 12 3.11 23.12 -17.59
C LYS B 12 2.29 24.41 -17.50
N ASN B 13 0.98 24.33 -17.82
CA ASN B 13 0.07 25.48 -17.75
C ASN B 13 0.58 26.66 -18.58
N THR B 14 0.98 26.38 -19.85
CA THR B 14 1.48 27.41 -20.76
CA THR B 14 1.48 27.45 -20.72
C THR B 14 0.39 28.47 -21.07
N TYR B 15 -0.86 28.01 -21.27
CA TYR B 15 -2.03 28.84 -21.58
C TYR B 15 -2.87 28.95 -20.32
N ARG B 16 -2.73 30.08 -19.65
CA ARG B 16 -3.35 30.37 -18.36
C ARG B 16 -4.62 31.18 -18.46
N LEU B 17 -5.68 30.70 -17.81
CA LEU B 17 -6.94 31.42 -17.69
C LEU B 17 -6.71 32.47 -16.61
N LYS B 18 -7.00 33.74 -16.92
CA LYS B 18 -6.90 34.79 -15.91
C LYS B 18 -8.22 34.83 -15.16
N LEU B 19 -8.13 35.08 -13.86
CA LEU B 19 -9.26 35.15 -12.95
C LEU B 19 -9.38 36.61 -12.51
N TYR B 20 -10.43 36.91 -11.74
CA TYR B 20 -10.59 38.23 -11.13
C TYR B 20 -11.23 37.97 -9.77
N SER B 21 -10.40 37.53 -8.82
CA SER B 21 -10.83 37.18 -7.48
C SER B 21 -10.87 38.39 -6.58
N LEU B 22 -12.09 38.89 -6.31
CA LEU B 22 -12.19 40.04 -5.46
C LEU B 22 -12.77 39.64 -4.12
N ARG B 23 -12.57 40.46 -3.12
CA ARG B 23 -13.13 40.22 -1.79
C ARG B 23 -13.87 41.47 -1.39
N TRP B 24 -15.21 41.41 -1.34
CA TRP B 24 -16.05 42.54 -0.92
C TRP B 24 -15.80 42.86 0.55
N ILE B 25 -15.51 44.13 0.86
CA ILE B 25 -15.28 44.54 2.27
C ILE B 25 -16.38 45.42 2.82
N SER B 26 -17.30 45.83 1.95
CA SER B 26 -18.43 46.69 2.26
C SER B 26 -19.43 46.60 1.13
N ASP B 27 -20.42 47.49 1.13
CA ASP B 27 -21.41 47.50 0.06
C ASP B 27 -20.86 48.19 -1.20
N HIS B 28 -19.69 48.84 -1.14
CA HIS B 28 -19.19 49.54 -2.31
C HIS B 28 -17.70 49.41 -2.60
N GLU B 29 -16.99 48.60 -1.79
CA GLU B 29 -15.56 48.40 -1.97
C GLU B 29 -15.16 46.94 -1.93
N TYR B 30 -14.13 46.63 -2.70
CA TYR B 30 -13.55 45.29 -2.71
C TYR B 30 -12.06 45.32 -2.69
N LEU B 31 -11.47 44.24 -2.17
CA LEU B 31 -10.02 44.05 -2.18
C LEU B 31 -9.65 43.17 -3.36
N TYR B 32 -8.54 43.51 -3.98
CA TYR B 32 -8.00 42.79 -5.13
C TYR B 32 -6.48 42.83 -5.05
N LYS B 33 -5.85 41.68 -5.35
CA LYS B 33 -4.39 41.56 -5.34
C LYS B 33 -3.80 41.78 -6.73
N GLN B 34 -2.94 42.80 -6.87
CA GLN B 34 -2.27 43.15 -8.12
C GLN B 34 -0.77 43.27 -7.84
N GLU B 35 0.05 42.37 -8.44
CA GLU B 35 1.52 42.30 -8.26
C GLU B 35 1.86 42.20 -6.75
N ASN B 36 1.21 41.25 -6.05
CA ASN B 36 1.34 41.02 -4.60
C ASN B 36 0.89 42.17 -3.67
N ASN B 37 0.44 43.30 -4.26
CA ASN B 37 -0.09 44.43 -3.50
C ASN B 37 -1.59 44.20 -3.35
N ILE B 38 -2.12 44.43 -2.14
CA ILE B 38 -3.57 44.32 -1.93
C ILE B 38 -4.12 45.72 -2.21
N LEU B 39 -4.95 45.84 -3.23
CA LEU B 39 -5.57 47.11 -3.59
C LEU B 39 -7.02 47.12 -3.13
N VAL B 40 -7.53 48.31 -2.79
CA VAL B 40 -8.93 48.53 -2.43
C VAL B 40 -9.57 49.31 -3.61
N PHE B 41 -10.64 48.75 -4.21
CA PHE B 41 -11.31 49.40 -5.34
C PHE B 41 -12.65 49.96 -4.95
N ASN B 42 -12.98 51.11 -5.52
CA ASN B 42 -14.31 51.69 -5.37
C ASN B 42 -15.11 51.05 -6.52
N ALA B 43 -16.19 50.33 -6.18
CA ALA B 43 -16.99 49.67 -7.22
C ALA B 43 -17.63 50.65 -8.21
N GLU B 44 -18.22 51.75 -7.70
CA GLU B 44 -18.89 52.75 -8.53
C GLU B 44 -18.00 53.38 -9.61
N TYR B 45 -16.75 53.73 -9.25
CA TYR B 45 -15.87 54.41 -10.19
C TYR B 45 -14.69 53.62 -10.76
N GLY B 46 -14.35 52.51 -10.13
CA GLY B 46 -13.25 51.66 -10.59
C GLY B 46 -11.87 52.14 -10.14
N ASN B 47 -11.80 53.28 -9.42
CA ASN B 47 -10.53 53.81 -8.93
C ASN B 47 -10.08 53.00 -7.72
N SER B 48 -8.75 52.90 -7.54
CA SER B 48 -8.15 52.14 -6.45
C SER B 48 -7.06 52.88 -5.67
N SER B 49 -6.71 52.34 -4.50
CA SER B 49 -5.63 52.76 -3.61
C SER B 49 -4.99 51.49 -3.06
N VAL B 50 -3.71 51.58 -2.69
CA VAL B 50 -2.95 50.47 -2.12
C VAL B 50 -3.48 50.28 -0.70
N PHE B 51 -4.16 49.16 -0.45
CA PHE B 51 -4.66 48.91 0.89
C PHE B 51 -3.49 48.45 1.78
N LEU B 52 -2.66 47.54 1.27
CA LEU B 52 -1.50 47.00 1.97
C LEU B 52 -0.43 46.69 0.93
N GLU B 53 0.69 47.44 0.98
CA GLU B 53 1.82 47.30 0.06
C GLU B 53 2.48 45.94 0.19
N ASN B 54 2.91 45.35 -0.95
CA ASN B 54 3.56 44.04 -1.01
C ASN B 54 4.84 43.92 -0.14
N SER B 55 5.49 45.06 0.18
CA SER B 55 6.71 45.12 1.00
C SER B 55 6.45 44.98 2.51
N THR B 56 5.20 45.27 2.99
CA THR B 56 4.81 45.24 4.40
C THR B 56 5.34 44.05 5.20
N PHE B 57 5.24 42.83 4.64
CA PHE B 57 5.70 41.61 5.34
C PHE B 57 6.95 40.93 4.78
N ASP B 58 7.89 41.72 4.23
CA ASP B 58 9.16 41.23 3.70
C ASP B 58 10.07 40.71 4.84
N GLU B 59 10.02 41.37 6.00
CA GLU B 59 10.79 41.04 7.19
C GLU B 59 9.98 40.21 8.20
N PHE B 60 8.87 39.58 7.74
CA PHE B 60 8.01 38.75 8.60
C PHE B 60 8.70 37.44 9.03
N GLY B 61 9.51 36.88 8.14
CA GLY B 61 10.29 35.68 8.42
C GLY B 61 9.61 34.39 8.06
N HIS B 62 8.40 34.47 7.47
CA HIS B 62 7.62 33.32 7.03
C HIS B 62 6.82 33.69 5.79
N SER B 63 6.66 32.72 4.87
CA SER B 63 5.86 32.90 3.67
C SER B 63 4.37 32.91 4.13
N ILE B 64 3.67 34.03 3.89
CA ILE B 64 2.27 34.19 4.27
C ILE B 64 1.39 33.47 3.25
N ASN B 65 0.65 32.44 3.70
CA ASN B 65 -0.21 31.60 2.86
C ASN B 65 -1.48 32.34 2.43
N ASP B 66 -2.08 33.10 3.35
CA ASP B 66 -3.32 33.85 3.12
C ASP B 66 -3.51 34.90 4.20
N TYR B 67 -4.51 35.76 4.01
CA TYR B 67 -4.80 36.84 4.95
C TYR B 67 -6.31 36.93 5.07
N SER B 68 -6.76 37.58 6.14
CA SER B 68 -8.17 37.84 6.39
C SER B 68 -8.29 39.18 7.12
N ILE B 69 -8.87 40.18 6.47
CA ILE B 69 -9.05 41.47 7.15
C ILE B 69 -10.29 41.41 8.01
N SER B 70 -10.22 41.93 9.26
CA SER B 70 -11.38 41.99 10.15
C SER B 70 -12.50 42.80 9.48
N PRO B 71 -13.80 42.48 9.70
CA PRO B 71 -14.88 43.24 9.03
C PRO B 71 -14.83 44.76 9.19
N ASP B 72 -14.32 45.25 10.35
CA ASP B 72 -14.24 46.68 10.60
C ASP B 72 -13.01 47.32 9.98
N GLY B 73 -12.19 46.51 9.31
CA GLY B 73 -10.95 46.92 8.66
C GLY B 73 -9.86 47.36 9.62
N GLN B 74 -9.97 47.05 10.91
CA GLN B 74 -8.98 47.48 11.90
C GLN B 74 -7.79 46.54 12.02
N PHE B 75 -7.97 45.25 11.69
CA PHE B 75 -6.92 44.25 11.82
C PHE B 75 -6.83 43.32 10.62
N ILE B 76 -5.67 42.69 10.46
CA ILE B 76 -5.45 41.69 9.42
C ILE B 76 -4.90 40.41 10.02
N LEU B 77 -5.57 39.29 9.73
CA LEU B 77 -5.18 37.97 10.19
C LEU B 77 -4.22 37.39 9.15
N LEU B 78 -2.99 37.08 9.56
CA LEU B 78 -1.99 36.53 8.65
C LEU B 78 -1.82 35.04 8.88
N GLU B 79 -2.09 34.24 7.85
CA GLU B 79 -1.99 32.80 7.90
C GLU B 79 -0.66 32.31 7.32
N TYR B 80 0.08 31.51 8.09
CA TYR B 80 1.34 30.92 7.67
C TYR B 80 1.51 29.52 8.28
N ASN B 81 2.58 28.80 7.89
CA ASN B 81 2.85 27.43 8.36
C ASN B 81 1.63 26.55 8.03
N TYR B 82 1.00 26.82 6.88
CA TYR B 82 -0.16 26.10 6.41
C TYR B 82 0.20 24.64 6.18
N VAL B 83 -0.52 23.71 6.85
CA VAL B 83 -0.34 22.27 6.69
C VAL B 83 -1.73 21.70 6.33
N LYS B 84 -1.91 21.26 5.09
CA LYS B 84 -3.15 20.68 4.62
C LYS B 84 -3.54 19.41 5.40
N GLN B 85 -4.85 19.23 5.65
CA GLN B 85 -5.35 17.99 6.24
C GLN B 85 -6.25 17.32 5.19
N TRP B 86 -7.58 17.42 5.29
CA TRP B 86 -8.41 16.77 4.30
C TRP B 86 -8.79 17.73 3.13
N ARG B 87 -9.98 17.59 2.55
CA ARG B 87 -10.39 18.45 1.42
C ARG B 87 -10.45 19.95 1.79
N HIS B 88 -10.92 20.26 3.00
CA HIS B 88 -11.09 21.63 3.49
C HIS B 88 -10.23 21.97 4.69
N SER B 89 -9.99 20.98 5.57
CA SER B 89 -9.25 21.20 6.81
C SER B 89 -7.75 21.34 6.59
N TYR B 90 -7.12 22.05 7.54
CA TYR B 90 -5.68 22.28 7.61
C TYR B 90 -5.36 22.90 8.98
N THR B 91 -4.07 22.96 9.38
CA THR B 91 -3.71 23.69 10.60
C THR B 91 -2.79 24.82 10.14
N ALA B 92 -2.65 25.89 10.95
CA ALA B 92 -1.76 26.99 10.58
C ALA B 92 -1.39 27.80 11.81
N SER B 93 -0.38 28.67 11.63
CA SER B 93 0.02 29.62 12.64
C SER B 93 -0.59 30.92 12.19
N TYR B 94 -0.87 31.80 13.14
CA TYR B 94 -1.51 33.07 12.87
C TYR B 94 -0.91 34.21 13.63
N ASP B 95 -0.77 35.31 12.95
CA ASP B 95 -0.38 36.56 13.57
C ASP B 95 -1.44 37.57 13.21
N ILE B 96 -1.69 38.50 14.10
CA ILE B 96 -2.64 39.57 13.86
C ILE B 96 -1.82 40.84 13.72
N TYR B 97 -2.15 41.64 12.70
CA TYR B 97 -1.49 42.89 12.42
C TYR B 97 -2.50 44.02 12.61
N ASP B 98 -2.16 44.96 13.51
CA ASP B 98 -2.97 46.13 13.80
C ASP B 98 -2.71 47.14 12.67
N LEU B 99 -3.72 47.36 11.82
CA LEU B 99 -3.65 48.26 10.67
C LEU B 99 -3.55 49.75 11.03
N ASN B 100 -4.12 50.15 12.18
CA ASN B 100 -4.11 51.54 12.65
C ASN B 100 -2.71 51.89 13.14
N LYS B 101 -2.18 51.11 14.10
CA LYS B 101 -0.85 51.24 14.67
C LYS B 101 0.26 50.79 13.70
N ARG B 102 -0.12 50.14 12.56
CA ARG B 102 0.79 49.56 11.55
C ARG B 102 1.88 48.72 12.26
N GLN B 103 1.43 47.87 13.18
CA GLN B 103 2.25 47.03 14.04
C GLN B 103 1.63 45.63 14.20
N LEU B 104 2.49 44.62 14.29
CA LEU B 104 2.16 43.21 14.50
C LEU B 104 1.87 43.02 16.00
N ILE B 105 0.84 42.23 16.35
CA ILE B 105 0.50 42.00 17.75
C ILE B 105 1.35 40.83 18.28
N THR B 106 2.15 41.09 19.32
CA THR B 106 3.10 40.12 19.90
C THR B 106 2.66 39.45 21.19
N GLU B 107 1.56 39.90 21.80
CA GLU B 107 1.05 39.31 23.04
C GLU B 107 -0.23 38.54 22.80
N GLU B 108 -0.47 37.52 23.65
CA GLU B 108 -1.68 36.69 23.62
C GLU B 108 -1.94 36.20 22.18
N ARG B 109 -0.88 35.69 21.55
CA ARG B 109 -0.97 35.26 20.16
C ARG B 109 -1.87 34.05 20.01
N ILE B 110 -2.45 33.89 18.83
CA ILE B 110 -3.22 32.70 18.50
C ILE B 110 -2.19 31.57 18.55
N PRO B 111 -2.48 30.44 19.22
CA PRO B 111 -1.45 29.40 19.35
C PRO B 111 -1.11 28.71 18.03
N ASN B 112 0.05 28.06 18.01
CA ASN B 112 0.48 27.30 16.83
C ASN B 112 -0.42 26.06 16.75
N ASN B 113 -0.59 25.50 15.53
CA ASN B 113 -1.43 24.31 15.32
C ASN B 113 -2.90 24.62 15.59
N THR B 114 -3.32 25.86 15.29
CA THR B 114 -4.72 26.28 15.37
C THR B 114 -5.43 25.61 14.20
N GLN B 115 -6.59 25.03 14.48
CA GLN B 115 -7.38 24.28 13.50
C GLN B 115 -8.27 25.12 12.64
N TRP B 116 -8.88 26.15 13.23
CA TRP B 116 -9.80 27.05 12.53
C TRP B 116 -9.83 28.38 13.22
N VAL B 117 -9.95 29.45 12.44
CA VAL B 117 -10.06 30.80 12.95
C VAL B 117 -11.03 31.61 12.13
N THR B 118 -11.88 32.37 12.80
CA THR B 118 -12.82 33.27 12.14
C THR B 118 -13.08 34.53 12.91
N TRP B 119 -13.13 35.66 12.17
CA TRP B 119 -13.53 36.92 12.73
C TRP B 119 -15.04 36.81 12.95
N SER B 120 -15.56 37.63 13.87
CA SER B 120 -16.99 37.84 14.03
C SER B 120 -17.46 38.56 12.71
N PRO B 121 -18.76 38.52 12.35
CA PRO B 121 -19.16 39.13 11.06
C PRO B 121 -19.17 40.66 11.05
N VAL B 122 -19.10 41.26 12.25
CA VAL B 122 -19.05 42.69 12.50
C VAL B 122 -17.93 42.87 13.53
N GLY B 123 -17.21 43.99 13.44
CA GLY B 123 -16.17 44.34 14.38
C GLY B 123 -14.90 43.56 14.22
N HIS B 124 -14.32 43.05 15.35
CA HIS B 124 -13.04 42.33 15.31
C HIS B 124 -12.85 41.25 16.38
N LYS B 125 -13.94 40.60 16.81
CA LYS B 125 -13.82 39.46 17.75
C LYS B 125 -13.28 38.28 16.94
N LEU B 126 -12.64 37.31 17.60
CA LEU B 126 -12.14 36.13 16.92
C LEU B 126 -12.63 34.93 17.63
N ALA B 127 -12.95 33.87 16.88
CA ALA B 127 -13.25 32.56 17.45
C ALA B 127 -12.25 31.63 16.82
N TYR B 128 -11.61 30.76 17.62
CA TYR B 128 -10.68 29.82 17.05
C TYR B 128 -10.78 28.47 17.73
N VAL B 129 -10.34 27.44 17.03
CA VAL B 129 -10.34 26.08 17.54
C VAL B 129 -8.88 25.63 17.65
N TRP B 130 -8.49 25.17 18.84
CA TRP B 130 -7.14 24.71 19.10
C TRP B 130 -7.24 23.50 20.00
N ASN B 131 -6.62 22.36 19.59
CA ASN B 131 -6.72 21.09 20.34
C ASN B 131 -8.19 20.66 20.59
N ASN B 132 -9.02 20.85 19.55
CA ASN B 132 -10.44 20.47 19.48
C ASN B 132 -11.37 21.23 20.42
N ASP B 133 -10.88 22.33 21.01
CA ASP B 133 -11.69 23.21 21.86
C ASP B 133 -11.80 24.60 21.27
N ILE B 134 -12.92 25.27 21.58
CA ILE B 134 -13.21 26.64 21.14
C ILE B 134 -12.71 27.67 22.11
N TYR B 135 -12.14 28.74 21.53
CA TYR B 135 -11.65 29.92 22.24
C TYR B 135 -12.18 31.15 21.54
N VAL B 136 -12.42 32.20 22.33
CA VAL B 136 -12.89 33.48 21.78
C VAL B 136 -12.00 34.59 22.30
N LYS B 137 -11.55 35.49 21.42
CA LYS B 137 -10.79 36.69 21.80
C LYS B 137 -11.69 37.88 21.45
N ILE B 138 -12.04 38.67 22.45
CA ILE B 138 -12.83 39.89 22.29
C ILE B 138 -11.97 40.97 21.59
N GLU B 139 -10.69 41.02 21.95
CA GLU B 139 -9.72 41.97 21.38
C GLU B 139 -8.49 41.18 20.98
N PRO B 140 -7.87 41.51 19.81
CA PRO B 140 -6.71 40.73 19.34
C PRO B 140 -5.51 40.60 20.27
N ASN B 141 -5.22 41.60 21.09
CA ASN B 141 -4.08 41.58 22.03
C ASN B 141 -4.47 41.10 23.45
N LEU B 142 -5.75 40.77 23.67
CA LEU B 142 -6.21 40.35 24.99
C LEU B 142 -6.30 38.83 25.17
N PRO B 143 -6.28 38.33 26.43
CA PRO B 143 -6.37 36.87 26.62
C PRO B 143 -7.65 36.26 26.03
N SER B 144 -7.55 35.01 25.58
CA SER B 144 -8.70 34.28 25.06
C SER B 144 -9.56 33.78 26.21
N TYR B 145 -10.84 33.54 25.94
CA TYR B 145 -11.77 32.88 26.87
C TYR B 145 -11.96 31.49 26.31
N ARG B 146 -11.74 30.48 27.13
CA ARG B 146 -11.97 29.10 26.71
C ARG B 146 -13.47 28.84 26.78
N ILE B 147 -14.03 28.22 25.72
CA ILE B 147 -15.48 27.93 25.65
C ILE B 147 -15.76 26.47 25.98
N THR B 148 -14.88 25.56 25.55
CA THR B 148 -15.10 24.12 25.78
C THR B 148 -13.88 23.48 26.41
N TRP B 149 -14.08 22.43 27.23
CA TRP B 149 -12.98 21.71 27.89
C TRP B 149 -12.97 20.22 27.53
N THR B 150 -13.87 19.81 26.63
CA THR B 150 -14.08 18.40 26.25
C THR B 150 -13.31 17.91 25.04
N GLY B 151 -12.69 18.81 24.31
CA GLY B 151 -11.94 18.47 23.10
C GLY B 151 -10.93 17.37 23.34
N LYS B 152 -10.92 16.38 22.44
CA LYS B 152 -10.00 15.24 22.55
C LYS B 152 -9.70 14.78 21.13
N GLU B 153 -8.40 14.73 20.76
CA GLU B 153 -7.96 14.30 19.43
C GLU B 153 -8.66 13.01 18.99
N ASP B 154 -9.26 13.02 17.78
CA ASP B 154 -9.98 11.87 17.18
C ASP B 154 -11.22 11.45 17.93
N ILE B 155 -11.61 12.18 18.97
CA ILE B 155 -12.76 11.75 19.76
C ILE B 155 -13.85 12.80 19.87
N ILE B 156 -13.52 13.96 20.49
CA ILE B 156 -14.46 15.08 20.66
C ILE B 156 -13.97 16.27 19.86
N TYR B 157 -14.83 16.73 18.93
CA TYR B 157 -14.53 17.88 18.08
C TYR B 157 -15.50 19.01 18.42
N ASN B 158 -15.00 20.13 18.99
CA ASN B 158 -15.84 21.31 19.28
C ASN B 158 -15.55 22.40 18.27
N GLY B 159 -16.57 22.83 17.53
CA GLY B 159 -16.41 23.94 16.58
C GLY B 159 -15.71 23.60 15.28
N ILE B 160 -15.31 22.33 15.12
CA ILE B 160 -14.74 21.79 13.88
C ILE B 160 -15.42 20.47 13.60
N THR B 161 -15.47 20.06 12.32
CA THR B 161 -16.12 18.82 11.92
C THR B 161 -15.16 17.63 12.05
N ASP B 162 -15.71 16.41 12.09
CA ASP B 162 -14.89 15.22 12.02
C ASP B 162 -14.74 14.94 10.49
N TRP B 163 -14.10 13.82 10.12
CA TRP B 163 -13.86 13.54 8.71
C TRP B 163 -15.14 13.57 7.88
N VAL B 164 -16.14 12.78 8.28
CA VAL B 164 -17.36 12.65 7.47
C VAL B 164 -18.23 13.93 7.37
N TYR B 165 -18.32 14.69 8.46
CA TYR B 165 -19.09 15.92 8.41
C TYR B 165 -18.38 16.96 7.53
N GLU B 166 -17.04 16.98 7.56
CA GLU B 166 -16.28 17.91 6.72
C GLU B 166 -16.52 17.56 5.23
N GLU B 167 -16.32 16.29 4.89
CA GLU B 167 -16.41 15.84 3.51
C GLU B 167 -17.82 15.84 2.91
N GLU B 168 -18.80 15.29 3.67
CA GLU B 168 -20.13 14.96 3.16
C GLU B 168 -21.32 15.79 3.60
N VAL B 169 -21.18 16.58 4.67
CA VAL B 169 -22.29 17.35 5.20
C VAL B 169 -22.06 18.84 5.00
N PHE B 170 -21.04 19.40 5.65
CA PHE B 170 -20.79 20.83 5.63
C PHE B 170 -19.88 21.34 4.52
N SER B 171 -19.10 20.44 3.86
CA SER B 171 -18.10 20.86 2.83
C SER B 171 -17.20 21.98 3.46
N ALA B 172 -16.82 21.80 4.73
CA ALA B 172 -16.05 22.79 5.49
C ALA B 172 -15.57 22.13 6.74
N TYR B 173 -14.47 22.64 7.25
CA TYR B 173 -13.90 22.17 8.50
C TYR B 173 -14.58 22.89 9.64
N SER B 174 -14.99 24.14 9.41
CA SER B 174 -15.64 24.95 10.44
C SER B 174 -16.99 24.36 10.90
N ALA B 175 -17.24 24.35 12.23
CA ALA B 175 -18.53 24.00 12.82
C ALA B 175 -18.86 25.06 13.86
N LEU B 176 -18.60 26.34 13.47
CA LEU B 176 -19.02 27.45 14.30
CA LEU B 176 -18.81 27.57 14.26
C LEU B 176 -19.69 28.52 13.46
N TRP B 177 -20.69 29.17 14.07
CA TRP B 177 -21.53 30.14 13.35
C TRP B 177 -21.83 31.35 14.23
N TRP B 178 -21.19 32.48 13.96
CA TRP B 178 -21.44 33.70 14.71
C TRP B 178 -22.82 34.21 14.33
N SER B 179 -23.53 34.82 15.29
CA SER B 179 -24.80 35.49 15.06
C SER B 179 -24.49 36.75 14.23
N PRO B 180 -25.48 37.35 13.52
CA PRO B 180 -25.17 38.47 12.61
C PRO B 180 -24.35 39.63 13.15
N ASN B 181 -24.60 40.08 14.37
CA ASN B 181 -23.82 41.18 14.92
C ASN B 181 -22.71 40.69 15.89
N GLY B 182 -22.51 39.36 15.96
CA GLY B 182 -21.45 38.76 16.77
C GLY B 182 -21.71 38.57 18.24
N THR B 183 -22.96 38.79 18.73
CA THR B 183 -23.24 38.59 20.17
C THR B 183 -23.11 37.11 20.54
N PHE B 184 -23.73 36.23 19.72
CA PHE B 184 -23.70 34.82 20.02
C PHE B 184 -22.76 34.06 19.13
N LEU B 185 -22.19 32.98 19.68
CA LEU B 185 -21.40 32.03 18.90
C LEU B 185 -22.06 30.69 19.01
N ALA B 186 -22.59 30.19 17.88
CA ALA B 186 -23.22 28.89 17.85
C ALA B 186 -22.18 27.88 17.39
N TYR B 187 -22.27 26.64 17.88
CA TYR B 187 -21.29 25.63 17.45
C TYR B 187 -21.80 24.24 17.58
N ALA B 188 -21.24 23.33 16.79
CA ALA B 188 -21.60 21.93 16.87
C ALA B 188 -20.48 21.17 17.56
N GLN B 189 -20.84 20.09 18.26
CA GLN B 189 -19.87 19.21 18.91
C GLN B 189 -20.06 17.82 18.35
N PHE B 190 -18.99 17.20 17.85
CA PHE B 190 -19.09 15.84 17.29
C PHE B 190 -18.39 14.87 18.21
N ASN B 191 -19.05 13.74 18.44
CA ASN B 191 -18.49 12.69 19.28
C ASN B 191 -18.25 11.42 18.44
N ASP B 192 -16.95 11.12 18.18
CA ASP B 192 -16.54 9.96 17.38
C ASP B 192 -16.06 8.77 18.20
N THR B 193 -16.41 8.72 19.51
CA THR B 193 -15.94 7.65 20.40
C THR B 193 -15.98 6.26 19.79
N GLU B 194 -17.15 5.88 19.27
CA GLU B 194 -17.37 4.52 18.77
C GLU B 194 -17.28 4.38 17.24
N VAL B 195 -16.85 5.44 16.57
CA VAL B 195 -16.68 5.41 15.12
C VAL B 195 -15.40 4.58 14.83
N PRO B 196 -15.49 3.56 13.95
CA PRO B 196 -14.27 2.77 13.63
C PRO B 196 -13.24 3.61 12.88
N LEU B 197 -11.96 3.20 12.97
CA LEU B 197 -10.86 3.93 12.30
C LEU B 197 -10.43 3.29 11.00
N ILE B 198 -10.22 4.11 9.98
CA ILE B 198 -9.56 3.62 8.76
C ILE B 198 -8.08 3.78 9.13
N GLU B 199 -7.28 2.80 8.77
CA GLU B 199 -5.86 2.82 9.05
C GLU B 199 -5.11 2.53 7.77
N TYR B 200 -4.08 3.32 7.48
CA TYR B 200 -3.24 3.12 6.28
C TYR B 200 -1.84 3.64 6.54
N SER B 201 -0.86 3.09 5.81
CA SER B 201 0.53 3.50 5.96
C SER B 201 0.79 4.82 5.25
N PHE B 202 1.63 5.65 5.86
CA PHE B 202 2.10 6.90 5.28
C PHE B 202 3.60 6.78 5.34
N TYR B 203 4.26 6.80 4.18
CA TYR B 203 5.71 6.54 4.05
C TYR B 203 6.58 7.71 4.36
N SER B 204 6.10 8.93 4.05
CA SER B 204 6.79 10.20 4.30
C SER B 204 8.10 10.31 3.48
N ASP B 205 8.96 11.26 3.84
CA ASP B 205 10.26 11.44 3.20
C ASP B 205 11.07 10.15 3.37
N GLU B 206 12.01 9.90 2.45
CA GLU B 206 12.80 8.67 2.52
C GLU B 206 13.60 8.50 3.83
N SER B 207 13.88 9.63 4.53
CA SER B 207 14.57 9.63 5.82
C SER B 207 13.80 8.87 6.90
N LEU B 208 12.46 8.79 6.80
CA LEU B 208 11.65 8.10 7.80
C LEU B 208 11.88 6.57 7.74
N GLN B 209 12.51 6.04 8.80
CA GLN B 209 12.86 4.61 8.82
C GLN B 209 11.66 3.65 8.90
N TYR B 210 10.68 3.95 9.78
CA TYR B 210 9.46 3.13 9.90
C TYR B 210 8.27 3.89 9.35
N PRO B 211 7.44 3.33 8.45
CA PRO B 211 6.23 4.06 8.00
C PRO B 211 5.30 4.34 9.17
N LYS B 212 4.57 5.45 9.07
CA LYS B 212 3.61 5.89 10.07
C LYS B 212 2.24 5.28 9.70
N THR B 213 1.44 4.93 10.71
CA THR B 213 0.09 4.46 10.45
C THR B 213 -0.85 5.63 10.73
N VAL B 214 -1.53 6.07 9.69
CA VAL B 214 -2.54 7.13 9.80
C VAL B 214 -3.85 6.47 10.26
N ARG B 215 -4.49 7.00 11.30
CA ARG B 215 -5.73 6.42 11.84
C ARG B 215 -6.76 7.52 11.92
N VAL B 216 -7.84 7.36 11.16
CA VAL B 216 -8.89 8.39 11.08
C VAL B 216 -10.25 7.78 11.41
N PRO B 217 -11.00 8.40 12.34
CA PRO B 217 -12.40 7.97 12.57
C PRO B 217 -13.23 8.24 11.29
N TYR B 218 -13.68 7.17 10.66
CA TYR B 218 -14.33 7.19 9.36
C TYR B 218 -15.40 6.13 9.39
N PRO B 219 -16.68 6.53 9.35
CA PRO B 219 -17.73 5.51 9.32
C PRO B 219 -17.98 5.05 7.87
N LYS B 220 -17.75 3.77 7.61
CA LYS B 220 -18.04 3.17 6.32
C LYS B 220 -19.55 2.82 6.35
N ALA B 221 -20.17 2.51 5.19
CA ALA B 221 -21.63 2.29 5.15
C ALA B 221 -22.13 1.28 6.20
N GLY B 222 -23.14 1.70 6.97
CA GLY B 222 -23.74 0.88 8.01
C GLY B 222 -23.00 0.86 9.33
N ALA B 223 -21.78 1.48 9.39
CA ALA B 223 -21.02 1.46 10.64
C ALA B 223 -21.53 2.49 11.66
N VAL B 224 -20.96 2.50 12.87
CA VAL B 224 -21.34 3.47 13.90
C VAL B 224 -20.94 4.88 13.44
N ASN B 225 -21.90 5.79 13.42
CA ASN B 225 -21.71 7.17 13.03
C ASN B 225 -21.32 8.06 14.20
N PRO B 226 -20.69 9.23 13.92
CA PRO B 226 -20.51 10.20 15.02
C PRO B 226 -21.89 10.69 15.48
N THR B 227 -21.96 11.14 16.73
CA THR B 227 -23.17 11.77 17.25
C THR B 227 -22.89 13.25 17.30
N VAL B 228 -23.92 14.09 17.43
CA VAL B 228 -23.75 15.53 17.36
C VAL B 228 -24.58 16.23 18.40
N LYS B 229 -24.07 17.35 18.93
CA LYS B 229 -24.81 18.24 19.83
C LYS B 229 -24.59 19.65 19.33
N PHE B 230 -25.53 20.54 19.61
CA PHE B 230 -25.46 21.93 19.15
C PHE B 230 -25.57 22.84 20.35
N PHE B 231 -24.74 23.90 20.42
CA PHE B 231 -24.72 24.82 21.53
C PHE B 231 -24.65 26.27 21.07
N VAL B 232 -25.06 27.20 21.92
CA VAL B 232 -24.98 28.62 21.63
C VAL B 232 -24.44 29.31 22.90
N VAL B 233 -23.40 30.12 22.75
CA VAL B 233 -22.82 30.85 23.86
C VAL B 233 -22.94 32.34 23.59
N ASN B 234 -23.19 33.11 24.65
CA ASN B 234 -23.31 34.57 24.57
C ASN B 234 -21.89 35.13 24.80
N THR B 235 -21.22 35.54 23.73
CA THR B 235 -19.81 36.08 23.81
C THR B 235 -19.72 37.42 24.52
N ASP B 236 -20.83 38.17 24.57
CA ASP B 236 -20.89 39.45 25.27
C ASP B 236 -20.83 39.28 26.78
N SER B 237 -21.05 38.06 27.29
CA SER B 237 -21.05 37.77 28.73
C SER B 237 -19.68 37.31 29.24
N LEU B 238 -18.77 37.00 28.32
CA LEU B 238 -17.46 36.42 28.62
C LEU B 238 -16.65 37.22 29.62
N SER B 239 -16.57 38.53 29.44
CA SER B 239 -15.77 39.39 30.31
C SER B 239 -16.44 39.69 31.67
N SER B 240 -17.71 39.21 31.88
CA SER B 240 -18.52 39.42 33.10
C SER B 240 -18.69 38.17 33.96
N VAL B 241 -18.59 36.99 33.35
CA VAL B 241 -18.75 35.74 34.11
C VAL B 241 -17.51 34.87 33.98
N THR B 242 -17.21 34.06 35.01
CA THR B 242 -15.98 33.26 34.95
C THR B 242 -16.02 32.17 33.88
N ASN B 243 -17.19 31.60 33.70
CA ASN B 243 -17.35 30.50 32.78
C ASN B 243 -18.72 30.56 32.14
N ALA B 244 -18.84 31.30 31.02
CA ALA B 244 -20.10 31.50 30.29
C ALA B 244 -20.70 30.17 29.82
N THR B 245 -22.00 30.00 30.07
CA THR B 245 -22.70 28.76 29.75
C THR B 245 -22.99 28.62 28.25
N SER B 246 -22.70 27.44 27.73
CA SER B 246 -23.01 27.04 26.34
C SER B 246 -24.39 26.37 26.46
N ILE B 247 -25.40 27.03 25.92
CA ILE B 247 -26.79 26.56 25.98
C ILE B 247 -27.01 25.58 24.87
N GLN B 248 -27.40 24.36 25.22
CA GLN B 248 -27.64 23.36 24.20
C GLN B 248 -29.00 23.53 23.57
N ILE B 249 -29.08 23.33 22.24
CA ILE B 249 -30.34 23.24 21.52
C ILE B 249 -30.44 21.78 21.09
N THR B 250 -31.40 21.06 21.65
CA THR B 250 -31.52 19.64 21.35
C THR B 250 -32.28 19.42 20.05
N ALA B 251 -31.95 18.33 19.37
CA ALA B 251 -32.63 17.93 18.14
C ALA B 251 -34.11 17.62 18.47
N PRO B 252 -35.06 17.75 17.52
CA PRO B 252 -36.46 17.38 17.84
C PRO B 252 -36.63 15.87 18.08
N ALA B 253 -37.73 15.45 18.76
CA ALA B 253 -38.03 14.03 19.06
C ALA B 253 -38.04 13.15 17.81
N SER B 254 -38.54 13.66 16.68
CA SER B 254 -38.59 12.95 15.39
C SER B 254 -37.18 12.55 14.88
N MET B 255 -36.14 13.24 15.37
CA MET B 255 -34.74 12.96 15.03
C MET B 255 -34.11 12.11 16.12
N LEU B 256 -34.39 12.43 17.39
CA LEU B 256 -33.85 11.69 18.55
C LEU B 256 -34.19 10.20 18.63
N ILE B 257 -35.25 9.76 17.93
CA ILE B 257 -35.71 8.37 17.87
C ILE B 257 -34.63 7.43 17.28
N GLY B 258 -33.69 7.99 16.51
CA GLY B 258 -32.65 7.17 15.92
C GLY B 258 -31.46 8.00 15.52
N ASP B 259 -30.57 7.39 14.73
CA ASP B 259 -29.39 8.08 14.22
C ASP B 259 -29.84 9.22 13.33
N HIS B 260 -29.14 10.36 13.42
CA HIS B 260 -29.48 11.55 12.64
C HIS B 260 -28.22 12.41 12.44
N TYR B 261 -28.37 13.50 11.69
CA TYR B 261 -27.30 14.45 11.42
C TYR B 261 -27.80 15.86 11.63
N LEU B 262 -26.89 16.77 11.97
CA LEU B 262 -27.17 18.19 11.93
C LEU B 262 -26.72 18.57 10.50
N CYS B 263 -27.61 19.07 9.64
CA CYS B 263 -27.21 19.32 8.24
C CYS B 263 -27.17 20.78 7.79
N ASP B 264 -27.70 21.71 8.59
CA ASP B 264 -27.66 23.13 8.25
C ASP B 264 -27.82 23.99 9.49
N VAL B 265 -27.09 25.10 9.51
CA VAL B 265 -27.18 26.11 10.57
C VAL B 265 -27.24 27.44 9.86
N THR B 266 -28.32 28.19 10.10
CA THR B 266 -28.51 29.50 9.50
C THR B 266 -29.11 30.45 10.50
N TRP B 267 -28.38 31.53 10.82
CA TRP B 267 -28.92 32.57 11.70
C TRP B 267 -29.98 33.39 10.91
N ALA B 268 -31.14 33.65 11.53
CA ALA B 268 -32.22 34.40 10.88
C ALA B 268 -32.11 35.86 11.30
N THR B 269 -31.94 36.12 12.61
CA THR B 269 -31.81 37.47 13.17
C THR B 269 -30.74 37.44 14.27
N GLN B 270 -30.66 38.53 15.06
CA GLN B 270 -29.73 38.59 16.18
C GLN B 270 -30.11 37.58 17.25
N GLU B 271 -31.40 37.23 17.32
CA GLU B 271 -31.90 36.34 18.38
C GLU B 271 -32.69 35.16 17.87
N ARG B 272 -32.49 34.80 16.61
CA ARG B 272 -33.22 33.67 16.04
C ARG B 272 -32.30 32.86 15.16
N ILE B 273 -32.24 31.57 15.42
CA ILE B 273 -31.40 30.67 14.64
C ILE B 273 -32.22 29.52 14.04
N SER B 274 -31.90 29.12 12.82
CA SER B 274 -32.57 27.97 12.24
C SER B 274 -31.58 26.86 12.14
N LEU B 275 -32.04 25.64 12.37
CA LEU B 275 -31.24 24.42 12.30
C LEU B 275 -32.00 23.41 11.49
N GLN B 276 -31.32 22.72 10.59
CA GLN B 276 -31.93 21.60 9.88
C GLN B 276 -31.28 20.32 10.34
N TRP B 277 -32.11 19.34 10.67
CA TRP B 277 -31.69 18.01 11.10
C TRP B 277 -32.12 17.00 10.02
N LEU B 278 -31.32 15.96 9.80
CA LEU B 278 -31.60 14.95 8.78
C LEU B 278 -31.50 13.55 9.41
N ARG B 279 -32.48 12.66 9.17
CA ARG B 279 -32.41 11.30 9.71
C ARG B 279 -31.32 10.55 8.98
N ARG B 280 -30.72 9.53 9.61
CA ARG B 280 -29.71 8.73 8.94
C ARG B 280 -30.27 8.13 7.61
N ILE B 281 -31.58 7.82 7.57
CA ILE B 281 -32.30 7.47 6.34
C ILE B 281 -32.69 8.85 5.85
N GLN B 282 -31.92 9.35 4.90
CA GLN B 282 -31.90 10.73 4.43
C GLN B 282 -33.08 11.23 3.58
N ASN B 283 -34.28 10.69 3.81
CA ASN B 283 -35.45 11.13 3.07
C ASN B 283 -36.43 11.90 3.97
N TYR B 284 -35.94 12.35 5.16
CA TYR B 284 -36.75 13.06 6.12
C TYR B 284 -35.87 14.05 6.87
N SER B 285 -36.19 15.33 6.74
CA SER B 285 -35.46 16.37 7.43
C SER B 285 -36.43 17.30 8.16
N VAL B 286 -35.94 17.93 9.22
CA VAL B 286 -36.73 18.82 10.06
C VAL B 286 -35.96 20.13 10.28
N MET B 287 -36.61 21.24 10.03
CA MET B 287 -36.04 22.55 10.35
C MET B 287 -36.67 23.05 11.65
N ASP B 288 -35.82 23.42 12.61
CA ASP B 288 -36.30 24.07 13.84
C ASP B 288 -35.91 25.54 13.76
N ILE B 289 -36.76 26.43 14.25
CA ILE B 289 -36.51 27.87 14.28
C ILE B 289 -36.55 28.27 15.75
N CYS B 290 -35.39 28.64 16.30
CA CYS B 290 -35.20 28.82 17.73
C CYS B 290 -34.94 30.25 18.13
N ASP B 291 -35.67 30.74 19.15
CA ASP B 291 -35.55 32.11 19.63
C ASP B 291 -34.91 32.20 20.99
N TYR B 292 -34.09 33.22 21.17
CA TYR B 292 -33.48 33.50 22.44
C TYR B 292 -34.56 34.03 23.40
N ASP B 293 -34.65 33.45 24.60
CA ASP B 293 -35.61 33.87 25.63
C ASP B 293 -34.75 34.57 26.67
N GLU B 294 -34.77 35.91 26.64
CA GLU B 294 -34.02 36.83 27.49
C GLU B 294 -34.19 36.60 28.99
N SER B 295 -35.38 36.17 29.42
CA SER B 295 -35.70 35.93 30.84
C SER B 295 -35.08 34.65 31.39
N SER B 296 -35.10 33.56 30.61
CA SER B 296 -34.57 32.26 31.01
C SER B 296 -33.12 32.04 30.56
N GLY B 297 -32.69 32.82 29.58
CA GLY B 297 -31.38 32.68 28.96
C GLY B 297 -31.31 31.45 28.06
N ARG B 298 -32.46 30.82 27.79
CA ARG B 298 -32.56 29.61 26.97
C ARG B 298 -32.97 29.93 25.51
N TRP B 299 -32.84 28.91 24.66
CA TRP B 299 -33.23 28.96 23.25
C TRP B 299 -34.40 28.01 23.08
N ASN B 300 -35.55 28.54 22.64
CA ASN B 300 -36.73 27.68 22.48
C ASN B 300 -37.15 27.60 21.04
N CYS B 301 -37.46 26.39 20.59
CA CYS B 301 -37.86 26.11 19.22
C CYS B 301 -39.35 25.71 19.18
N LEU B 302 -40.23 26.68 18.90
CA LEU B 302 -41.68 26.45 18.83
C LEU B 302 -42.04 25.41 17.79
N VAL B 303 -42.84 24.40 18.16
CA VAL B 303 -43.27 23.37 17.22
C VAL B 303 -44.06 24.01 16.05
N ALA B 304 -44.79 25.13 16.30
CA ALA B 304 -45.51 25.87 15.25
C ALA B 304 -44.53 26.41 14.19
N ARG B 305 -43.22 26.47 14.52
CA ARG B 305 -42.19 27.00 13.60
C ARG B 305 -41.35 25.94 13.00
N GLN B 306 -41.72 24.68 13.21
CA GLN B 306 -40.98 23.53 12.72
C GLN B 306 -41.41 23.19 11.29
N HIS B 307 -40.45 22.96 10.38
CA HIS B 307 -40.78 22.68 8.97
C HIS B 307 -40.22 21.34 8.54
N ILE B 308 -41.08 20.46 8.01
CA ILE B 308 -40.70 19.12 7.58
C ILE B 308 -40.42 19.12 6.08
N GLU B 309 -39.35 18.42 5.68
CA GLU B 309 -39.01 18.27 4.27
C GLU B 309 -38.70 16.81 4.05
N MET B 310 -39.49 16.17 3.19
CA MET B 310 -39.35 14.75 2.95
C MET B 310 -39.43 14.38 1.47
N SER B 311 -38.92 13.19 1.14
CA SER B 311 -38.96 12.67 -0.23
C SER B 311 -39.48 11.25 -0.19
N THR B 312 -40.40 10.95 -1.11
CA THR B 312 -40.98 9.61 -1.29
C THR B 312 -40.22 8.85 -2.40
N THR B 313 -39.56 9.58 -3.30
CA THR B 313 -38.85 9.01 -4.46
C THR B 313 -37.33 8.90 -4.27
N GLY B 314 -36.78 9.67 -3.35
CA GLY B 314 -35.34 9.66 -3.15
C GLY B 314 -34.93 10.22 -1.81
N TRP B 315 -33.83 10.94 -1.80
CA TRP B 315 -33.29 11.59 -0.59
C TRP B 315 -33.77 13.06 -0.58
N VAL B 316 -33.45 13.81 0.49
CA VAL B 316 -33.80 15.24 0.60
C VAL B 316 -32.60 16.08 0.11
N GLY B 317 -32.89 16.97 -0.84
CA GLY B 317 -31.96 17.92 -1.44
C GLY B 317 -31.11 17.30 -2.53
N ARG B 318 -30.27 18.10 -3.16
CA ARG B 318 -29.36 17.55 -4.17
C ARG B 318 -28.31 16.65 -3.47
N PHE B 319 -27.61 17.19 -2.46
CA PHE B 319 -26.62 16.47 -1.64
C PHE B 319 -26.99 16.61 -0.18
N ARG B 320 -27.94 17.51 0.13
CA ARG B 320 -28.46 17.75 1.49
C ARG B 320 -29.60 18.76 1.41
N PRO B 321 -30.45 18.89 2.46
CA PRO B 321 -31.50 19.94 2.41
C PRO B 321 -30.88 21.32 2.17
N SER B 322 -31.57 22.15 1.39
CA SER B 322 -31.08 23.48 1.02
C SER B 322 -31.10 24.47 2.18
N GLU B 323 -30.31 25.53 2.08
CA GLU B 323 -30.29 26.51 3.14
C GLU B 323 -31.45 27.50 2.98
N PRO B 324 -31.99 28.01 4.09
CA PRO B 324 -33.04 29.03 3.97
C PRO B 324 -32.43 30.42 3.83
N HIS B 325 -33.15 31.35 3.19
CA HIS B 325 -32.68 32.73 3.08
C HIS B 325 -33.76 33.59 3.73
N PHE B 326 -33.47 34.10 4.92
CA PHE B 326 -34.43 34.86 5.70
C PHE B 326 -34.57 36.29 5.29
N THR B 327 -35.82 36.78 5.30
CA THR B 327 -36.11 38.18 5.10
C THR B 327 -35.50 38.92 6.33
N LEU B 328 -35.23 40.22 6.20
CA LEU B 328 -34.61 41.00 7.29
C LEU B 328 -35.23 40.80 8.70
N ASP B 329 -36.58 40.86 8.81
CA ASP B 329 -37.25 40.69 10.11
C ASP B 329 -37.20 39.24 10.66
N GLY B 330 -36.73 38.29 9.85
CA GLY B 330 -36.65 36.86 10.19
C GLY B 330 -37.99 36.16 10.34
N ASN B 331 -39.07 36.77 9.84
CA ASN B 331 -40.42 36.21 9.95
C ASN B 331 -40.83 35.35 8.77
N SER B 332 -39.99 35.33 7.75
CA SER B 332 -40.24 34.52 6.56
C SER B 332 -38.91 34.20 5.88
N PHE B 333 -38.92 33.19 5.02
CA PHE B 333 -37.69 32.76 4.35
C PHE B 333 -38.00 32.12 3.02
N TYR B 334 -37.00 32.07 2.16
CA TYR B 334 -37.04 31.44 0.83
C TYR B 334 -36.13 30.27 0.87
N LYS B 335 -36.54 29.18 0.20
CA LYS B 335 -35.75 27.97 0.21
C LYS B 335 -36.03 27.21 -1.07
N ILE B 336 -34.99 26.61 -1.64
CA ILE B 336 -35.14 25.78 -2.83
C ILE B 336 -35.63 24.43 -2.39
N ILE B 337 -36.76 23.98 -2.96
CA ILE B 337 -37.32 22.69 -2.63
C ILE B 337 -37.87 22.05 -3.89
N SER B 338 -38.02 20.74 -3.86
CA SER B 338 -38.53 20.02 -5.03
C SER B 338 -40.05 20.21 -5.06
N ASN B 339 -40.57 20.70 -6.18
CA ASN B 339 -42.01 20.93 -6.32
C ASN B 339 -42.78 19.62 -6.60
N GLU B 340 -44.10 19.68 -6.85
CA GLU B 340 -44.94 18.50 -7.13
C GLU B 340 -44.52 17.75 -8.40
N GLU B 341 -43.93 18.45 -9.38
CA GLU B 341 -43.43 17.88 -10.64
C GLU B 341 -41.99 17.33 -10.49
N GLY B 342 -41.39 17.52 -9.32
CA GLY B 342 -40.02 17.07 -9.05
C GLY B 342 -38.93 18.02 -9.50
N TYR B 343 -39.30 19.29 -9.80
CA TYR B 343 -38.33 20.33 -10.19
C TYR B 343 -38.05 21.25 -9.01
N ARG B 344 -36.75 21.53 -8.78
CA ARG B 344 -36.31 22.38 -7.69
C ARG B 344 -36.56 23.84 -8.00
N HIS B 345 -37.40 24.45 -7.16
CA HIS B 345 -37.85 25.82 -7.29
C HIS B 345 -37.85 26.53 -5.96
N ILE B 346 -37.93 27.84 -6.01
CA ILE B 346 -37.93 28.67 -4.80
C ILE B 346 -39.32 28.70 -4.18
N CYS B 347 -39.40 28.27 -2.92
CA CYS B 347 -40.63 28.30 -2.14
C CYS B 347 -40.48 29.37 -1.08
N TYR B 348 -41.57 30.12 -0.84
CA TYR B 348 -41.58 31.18 0.17
C TYR B 348 -42.41 30.71 1.38
N PHE B 349 -41.81 30.76 2.57
CA PHE B 349 -42.44 30.31 3.82
C PHE B 349 -42.62 31.43 4.81
N GLN B 350 -43.69 31.38 5.61
CA GLN B 350 -43.86 32.21 6.80
C GLN B 350 -43.32 31.28 7.87
N ILE B 351 -42.58 31.79 8.88
CA ILE B 351 -41.94 30.91 9.87
C ILE B 351 -42.89 30.03 10.65
N ASP B 352 -44.14 30.49 10.87
CA ASP B 352 -45.10 29.73 11.65
C ASP B 352 -46.27 29.16 10.84
N LYS B 353 -46.08 29.00 9.51
CA LYS B 353 -47.09 28.40 8.65
C LYS B 353 -46.43 27.24 7.90
N LYS B 354 -47.09 26.08 7.86
CA LYS B 354 -46.50 24.90 7.22
C LYS B 354 -46.57 24.87 5.70
N ASP B 355 -47.58 25.48 5.10
CA ASP B 355 -47.66 25.46 3.63
C ASP B 355 -46.89 26.63 3.03
N CYS B 356 -45.93 26.35 2.11
CA CYS B 356 -45.16 27.39 1.44
C CYS B 356 -45.74 27.72 0.04
N THR B 357 -45.34 28.87 -0.51
CA THR B 357 -45.78 29.30 -1.84
C THR B 357 -44.61 29.26 -2.81
N PHE B 358 -44.75 28.54 -3.93
CA PHE B 358 -43.70 28.56 -4.96
C PHE B 358 -43.69 29.87 -5.70
N ILE B 359 -42.51 30.46 -5.84
CA ILE B 359 -42.37 31.76 -6.50
C ILE B 359 -41.82 31.59 -7.90
N THR B 360 -41.24 30.40 -8.20
CA THR B 360 -40.77 30.06 -9.53
C THR B 360 -41.36 28.70 -9.85
N LYS B 361 -41.44 28.35 -11.14
CA LYS B 361 -41.94 27.04 -11.60
C LYS B 361 -41.52 26.85 -13.04
N GLY B 362 -41.58 25.60 -13.49
CA GLY B 362 -41.22 25.27 -14.86
C GLY B 362 -40.38 24.02 -14.91
N THR B 363 -40.18 23.49 -16.13
CA THR B 363 -39.40 22.27 -16.32
C THR B 363 -37.92 22.67 -16.48
N TRP B 364 -37.36 23.21 -15.40
CA TRP B 364 -35.97 23.68 -15.29
C TRP B 364 -35.77 23.83 -13.79
N GLU B 365 -34.55 24.08 -13.36
CA GLU B 365 -34.35 24.16 -11.92
C GLU B 365 -33.60 25.39 -11.45
N VAL B 366 -33.91 25.81 -10.22
CA VAL B 366 -33.17 26.89 -9.59
C VAL B 366 -31.93 26.18 -8.97
N ILE B 367 -30.74 26.71 -9.25
CA ILE B 367 -29.46 26.22 -8.76
C ILE B 367 -29.17 26.76 -7.37
N GLY B 368 -29.32 28.08 -7.19
CA GLY B 368 -29.06 28.70 -5.90
C GLY B 368 -29.66 30.08 -5.75
N ILE B 369 -29.97 30.46 -4.51
CA ILE B 369 -30.45 31.81 -4.16
C ILE B 369 -29.18 32.57 -3.83
N GLU B 370 -28.95 33.70 -4.50
CA GLU B 370 -27.70 34.44 -4.38
C GLU B 370 -27.71 35.66 -3.49
N ALA B 371 -28.85 36.36 -3.43
CA ALA B 371 -29.00 37.59 -2.65
C ALA B 371 -30.48 37.85 -2.46
N LEU B 372 -30.81 38.51 -1.39
CA LEU B 372 -32.18 38.88 -1.05
C LEU B 372 -32.18 40.27 -0.47
N THR B 373 -32.95 41.19 -1.10
CA THR B 373 -33.10 42.56 -0.64
C THR B 373 -34.56 42.71 -0.26
N SER B 374 -34.96 43.87 0.29
CA SER B 374 -36.37 44.09 0.62
C SER B 374 -37.27 44.07 -0.64
N ASP B 375 -36.69 44.27 -1.85
CA ASP B 375 -37.49 44.31 -3.06
C ASP B 375 -37.30 43.20 -4.04
N TYR B 376 -36.11 42.55 -4.04
CA TYR B 376 -35.77 41.54 -5.02
C TYR B 376 -35.04 40.36 -4.44
N LEU B 377 -35.27 39.21 -5.06
CA LEU B 377 -34.51 37.99 -4.76
C LEU B 377 -33.73 37.67 -6.05
N TYR B 378 -32.45 37.39 -5.90
CA TYR B 378 -31.57 37.08 -7.03
C TYR B 378 -31.19 35.62 -6.98
N TYR B 379 -31.30 34.93 -8.11
CA TYR B 379 -31.00 33.51 -8.11
C TYR B 379 -30.35 33.07 -9.41
N ILE B 380 -29.69 31.90 -9.39
CA ILE B 380 -29.11 31.34 -10.60
C ILE B 380 -30.01 30.15 -11.00
N SER B 381 -30.28 30.01 -12.30
CA SER B 381 -31.04 28.86 -12.79
C SER B 381 -30.54 28.45 -14.18
N ASN B 382 -31.00 27.28 -14.64
CA ASN B 382 -30.68 26.76 -15.97
C ASN B 382 -31.95 26.91 -16.88
N GLU B 383 -32.80 27.92 -16.58
CA GLU B 383 -34.03 28.11 -17.37
C GLU B 383 -33.74 28.45 -18.84
N TYR B 384 -32.78 29.32 -19.07
CA TYR B 384 -32.47 29.87 -20.39
C TYR B 384 -32.29 28.85 -21.49
N LYS B 385 -33.14 28.97 -22.55
CA LYS B 385 -33.14 28.09 -23.74
C LYS B 385 -33.31 26.60 -23.42
N GLY B 386 -33.83 26.29 -22.22
CA GLY B 386 -34.04 24.92 -21.77
C GLY B 386 -32.76 24.10 -21.77
N MET B 387 -31.62 24.73 -21.48
CA MET B 387 -30.31 24.07 -21.45
C MET B 387 -29.92 23.80 -19.99
N PRO B 388 -30.03 22.53 -19.52
CA PRO B 388 -29.69 22.23 -18.11
C PRO B 388 -28.25 22.48 -17.70
N GLY B 389 -27.35 22.48 -18.68
CA GLY B 389 -25.92 22.73 -18.53
C GLY B 389 -25.51 24.18 -18.63
N GLY B 390 -26.49 25.09 -18.72
CA GLY B 390 -26.22 26.52 -18.75
C GLY B 390 -26.61 27.13 -17.41
N ARG B 391 -26.06 28.31 -17.09
CA ARG B 391 -26.34 29.01 -15.82
C ARG B 391 -26.48 30.52 -16.05
N ASN B 392 -27.58 31.11 -15.58
CA ASN B 392 -27.84 32.55 -15.68
C ASN B 392 -28.38 33.13 -14.39
N LEU B 393 -28.11 34.42 -14.17
CA LEU B 393 -28.62 35.17 -13.01
C LEU B 393 -29.94 35.84 -13.37
N TYR B 394 -30.93 35.66 -12.49
CA TYR B 394 -32.27 36.24 -12.58
C TYR B 394 -32.58 37.05 -11.34
N LYS B 395 -33.52 37.98 -11.49
CA LYS B 395 -33.97 38.90 -10.44
C LYS B 395 -35.50 38.76 -10.45
N ILE B 396 -36.12 38.44 -9.33
CA ILE B 396 -37.58 38.33 -9.21
C ILE B 396 -38.11 39.41 -8.28
N GLN B 397 -39.16 40.16 -8.70
CA GLN B 397 -39.74 41.22 -7.87
C GLN B 397 -40.59 40.59 -6.77
N LEU B 398 -40.27 40.86 -5.50
CA LEU B 398 -40.97 40.23 -4.38
C LEU B 398 -42.43 40.68 -4.25
N SER B 399 -42.75 41.88 -4.73
CA SER B 399 -44.13 42.41 -4.70
C SER B 399 -44.93 41.94 -5.93
N ASP B 400 -44.26 41.28 -6.91
CA ASP B 400 -44.90 40.80 -8.12
C ASP B 400 -44.06 39.70 -8.78
N TYR B 401 -44.41 38.42 -8.47
CA TYR B 401 -43.68 37.25 -9.00
C TYR B 401 -43.70 37.11 -10.51
N THR B 402 -44.61 37.80 -11.21
CA THR B 402 -44.66 37.73 -12.67
C THR B 402 -43.51 38.56 -13.27
N LYS B 403 -42.86 39.39 -12.44
CA LYS B 403 -41.78 40.25 -12.90
C LYS B 403 -40.40 39.60 -12.63
N VAL B 404 -39.93 38.83 -13.60
CA VAL B 404 -38.66 38.11 -13.50
C VAL B 404 -37.78 38.59 -14.64
N THR B 405 -36.62 39.14 -14.29
CA THR B 405 -35.69 39.63 -15.30
C THR B 405 -34.47 38.73 -15.36
N CYS B 406 -34.00 38.36 -16.58
CA CYS B 406 -32.73 37.68 -16.67
C CYS B 406 -31.65 38.73 -16.78
N LEU B 407 -30.76 38.75 -15.80
CA LEU B 407 -29.71 39.78 -15.74
C LEU B 407 -28.51 39.44 -16.62
N SER B 408 -28.28 38.14 -16.92
CA SER B 408 -27.06 37.77 -17.65
C SER B 408 -27.26 37.14 -19.02
N CYS B 409 -28.47 36.59 -19.28
CA CYS B 409 -28.83 35.82 -20.50
C CYS B 409 -28.29 36.42 -21.79
N GLU B 410 -28.56 37.72 -21.98
CA GLU B 410 -28.25 38.46 -23.22
C GLU B 410 -27.01 39.34 -23.19
N LEU B 411 -26.21 39.28 -22.14
CA LEU B 411 -24.98 40.10 -22.07
C LEU B 411 -24.01 39.79 -23.23
N ASN B 412 -23.68 38.51 -23.44
CA ASN B 412 -22.86 38.03 -24.57
C ASN B 412 -23.32 36.59 -24.77
N PRO B 413 -24.47 36.43 -25.46
CA PRO B 413 -25.08 35.10 -25.59
C PRO B 413 -24.24 34.02 -26.30
N GLU B 414 -23.30 34.43 -27.16
CA GLU B 414 -22.43 33.48 -27.86
C GLU B 414 -21.29 33.05 -26.94
N ARG B 415 -20.67 34.01 -26.25
CA ARG B 415 -19.51 33.73 -25.40
C ARG B 415 -19.88 33.19 -24.00
N CYS B 416 -21.02 33.65 -23.46
CA CYS B 416 -21.39 33.43 -22.07
C CYS B 416 -22.74 32.81 -21.80
N GLN B 417 -22.74 31.53 -21.37
CA GLN B 417 -23.95 30.78 -21.05
C GLN B 417 -23.83 30.10 -19.66
N TYR B 418 -22.72 30.34 -18.95
CA TYR B 418 -22.51 29.77 -17.62
C TYR B 418 -22.00 30.83 -16.68
N TYR B 419 -22.88 31.30 -15.80
CA TYR B 419 -22.52 32.37 -14.89
C TYR B 419 -22.56 31.97 -13.45
N SER B 420 -21.73 32.62 -12.65
CA SER B 420 -21.78 32.65 -11.20
C SER B 420 -21.74 34.14 -10.84
N VAL B 421 -22.05 34.49 -9.59
CA VAL B 421 -22.13 35.89 -9.20
C VAL B 421 -21.57 36.13 -7.79
N SER B 422 -21.05 37.33 -7.57
CA SER B 422 -20.58 37.74 -6.25
C SER B 422 -21.16 39.13 -5.94
N PHE B 423 -22.11 39.18 -5.00
CA PHE B 423 -22.73 40.45 -4.61
C PHE B 423 -21.92 41.16 -3.55
N SER B 424 -21.98 42.50 -3.53
CA SER B 424 -21.36 43.31 -2.47
C SER B 424 -22.19 43.09 -1.18
N LYS B 425 -21.70 43.57 -0.03
CA LYS B 425 -22.33 43.36 1.28
C LYS B 425 -23.84 43.52 1.39
N GLU B 426 -24.42 44.59 0.84
CA GLU B 426 -25.88 44.77 0.87
C GLU B 426 -26.45 44.70 -0.57
N ALA B 427 -25.77 43.92 -1.45
CA ALA B 427 -26.15 43.69 -2.86
C ALA B 427 -26.25 44.95 -3.72
N LYS B 428 -25.46 46.00 -3.42
CA LYS B 428 -25.49 47.24 -4.22
C LYS B 428 -24.77 47.05 -5.54
N TYR B 429 -23.79 46.13 -5.56
CA TYR B 429 -23.02 45.80 -6.76
C TYR B 429 -22.93 44.31 -6.89
N TYR B 430 -22.72 43.84 -8.12
CA TYR B 430 -22.46 42.44 -8.37
C TYR B 430 -21.43 42.21 -9.42
N GLN B 431 -20.57 41.22 -9.16
CA GLN B 431 -19.59 40.79 -10.14
C GLN B 431 -20.16 39.56 -10.81
N LEU B 432 -20.20 39.59 -12.14
CA LEU B 432 -20.61 38.40 -12.90
C LEU B 432 -19.36 37.71 -13.38
N ARG B 433 -19.36 36.39 -13.26
CA ARG B 433 -18.26 35.53 -13.67
C ARG B 433 -18.79 34.55 -14.72
N CYS B 434 -18.44 34.79 -15.98
CA CYS B 434 -18.85 33.96 -17.12
C CYS B 434 -17.74 32.92 -17.28
N SER B 435 -18.07 31.62 -17.28
CA SER B 435 -17.02 30.63 -17.41
C SER B 435 -17.06 29.83 -18.71
N GLY B 436 -17.94 30.22 -19.64
CA GLY B 436 -18.03 29.55 -20.93
C GLY B 436 -19.33 29.82 -21.66
N PRO B 437 -19.49 29.33 -22.93
CA PRO B 437 -18.56 28.50 -23.73
C PRO B 437 -17.28 29.15 -24.27
N GLY B 438 -17.23 30.48 -24.29
CA GLY B 438 -16.06 31.23 -24.73
C GLY B 438 -15.10 31.41 -23.57
N LEU B 439 -14.11 32.30 -23.72
CA LEU B 439 -13.15 32.53 -22.63
C LEU B 439 -13.83 33.19 -21.42
N PRO B 440 -13.42 32.82 -20.17
CA PRO B 440 -14.07 33.44 -18.99
C PRO B 440 -14.01 34.97 -19.05
N LEU B 441 -15.12 35.59 -18.64
CA LEU B 441 -15.27 37.04 -18.69
C LEU B 441 -15.83 37.52 -17.36
N TYR B 442 -15.13 38.46 -16.74
CA TYR B 442 -15.51 39.01 -15.41
C TYR B 442 -15.93 40.46 -15.58
N THR B 443 -17.15 40.76 -15.15
CA THR B 443 -17.74 42.10 -15.32
C THR B 443 -18.32 42.60 -14.01
N LEU B 444 -18.37 43.92 -13.83
CA LEU B 444 -18.94 44.54 -12.63
C LEU B 444 -20.22 45.30 -12.99
N HIS B 445 -21.22 45.21 -12.12
CA HIS B 445 -22.54 45.79 -12.38
C HIS B 445 -23.08 46.51 -11.17
N SER B 446 -23.94 47.52 -11.38
CA SER B 446 -24.59 48.25 -10.29
C SER B 446 -26.03 47.71 -10.18
N SER B 447 -26.44 47.28 -8.99
CA SER B 447 -27.77 46.72 -8.76
C SER B 447 -28.90 47.76 -8.86
N VAL B 448 -28.60 49.04 -8.60
CA VAL B 448 -29.61 50.12 -8.64
C VAL B 448 -30.31 50.21 -10.02
N ASN B 449 -29.59 49.91 -11.09
CA ASN B 449 -30.08 50.07 -12.46
C ASN B 449 -29.69 48.91 -13.39
N ASP B 450 -29.05 47.85 -12.84
CA ASP B 450 -28.54 46.68 -13.59
C ASP B 450 -27.64 47.06 -14.77
N LYS B 451 -26.91 48.17 -14.62
CA LYS B 451 -26.01 48.61 -15.69
C LYS B 451 -24.62 48.01 -15.53
N GLY B 452 -24.01 47.70 -16.67
CA GLY B 452 -22.66 47.19 -16.73
C GLY B 452 -21.69 48.33 -16.45
N LEU B 453 -20.94 48.24 -15.36
CA LEU B 453 -19.99 49.29 -14.98
C LEU B 453 -18.71 49.21 -15.78
N ARG B 454 -18.10 48.03 -15.84
CA ARG B 454 -16.86 47.80 -16.57
C ARG B 454 -16.55 46.33 -16.63
N VAL B 455 -15.65 45.98 -17.56
CA VAL B 455 -15.10 44.66 -17.77
C VAL B 455 -13.88 44.61 -16.83
N LEU B 456 -13.83 43.61 -15.97
CA LEU B 456 -12.75 43.48 -15.00
C LEU B 456 -11.60 42.66 -15.56
N GLU B 457 -11.94 41.61 -16.31
CA GLU B 457 -11.01 40.67 -16.93
C GLU B 457 -11.71 39.98 -18.08
N ASP B 458 -11.16 40.13 -19.29
CA ASP B 458 -11.73 39.54 -20.49
C ASP B 458 -10.87 38.44 -21.12
N ASN B 459 -9.70 38.15 -20.51
CA ASN B 459 -8.80 37.10 -21.01
C ASN B 459 -8.28 37.36 -22.45
N SER B 460 -8.14 38.66 -22.83
CA SER B 460 -7.68 39.05 -24.17
C SER B 460 -6.27 38.52 -24.45
N ALA B 461 -5.37 38.54 -23.43
CA ALA B 461 -3.99 38.02 -23.52
C ALA B 461 -4.02 36.53 -23.92
N LEU B 462 -4.91 35.74 -23.28
CA LEU B 462 -5.07 34.31 -23.60
C LEU B 462 -5.69 34.12 -24.99
N ASP B 463 -6.70 34.94 -25.36
CA ASP B 463 -7.32 34.86 -26.68
C ASP B 463 -6.26 35.02 -27.78
N LYS B 464 -5.34 36.00 -27.63
CA LYS B 464 -4.25 36.28 -28.57
C LYS B 464 -3.36 35.03 -28.71
N MET B 465 -2.96 34.44 -27.57
CA MET B 465 -2.14 33.22 -27.49
C MET B 465 -2.82 32.05 -28.19
N LEU B 466 -4.11 31.81 -27.91
CA LEU B 466 -4.84 30.69 -28.51
C LEU B 466 -5.09 30.78 -30.02
N GLN B 467 -5.02 31.98 -30.61
CA GLN B 467 -5.22 32.19 -32.06
C GLN B 467 -4.17 31.43 -32.89
N ASN B 468 -2.98 31.22 -32.30
CA ASN B 468 -1.84 30.50 -32.89
C ASN B 468 -1.87 28.99 -32.56
N VAL B 469 -2.94 28.51 -31.92
CA VAL B 469 -3.06 27.09 -31.54
C VAL B 469 -4.26 26.47 -32.25
N GLN B 470 -4.13 25.20 -32.71
CA GLN B 470 -5.22 24.45 -33.33
C GLN B 470 -6.07 23.90 -32.18
N MET B 471 -6.99 24.72 -31.69
CA MET B 471 -7.85 24.37 -30.56
C MET B 471 -8.98 23.43 -30.90
N PRO B 472 -9.37 22.52 -29.96
CA PRO B 472 -10.55 21.70 -30.24
C PRO B 472 -11.82 22.53 -30.08
N SER B 473 -12.94 22.01 -30.56
CA SER B 473 -14.23 22.67 -30.37
C SER B 473 -15.02 21.80 -29.40
N LYS B 474 -16.16 22.31 -28.97
CA LYS B 474 -17.02 21.59 -28.06
C LYS B 474 -18.42 21.62 -28.61
N LYS B 475 -19.02 20.43 -28.71
CA LYS B 475 -20.42 20.29 -29.13
C LYS B 475 -21.22 19.87 -27.90
N LEU B 476 -22.31 20.60 -27.64
CA LEU B 476 -23.24 20.29 -26.57
C LEU B 476 -24.61 20.05 -27.18
N ASP B 477 -25.15 18.86 -26.96
CA ASP B 477 -26.43 18.50 -27.56
C ASP B 477 -27.10 17.41 -26.75
N PHE B 478 -28.18 16.86 -27.28
CA PHE B 478 -28.91 15.81 -26.59
C PHE B 478 -29.33 14.70 -27.53
N ILE B 479 -29.66 13.55 -26.94
CA ILE B 479 -30.21 12.40 -27.62
C ILE B 479 -31.52 12.07 -26.90
N ILE B 480 -32.49 11.47 -27.60
CA ILE B 480 -33.78 11.14 -27.00
C ILE B 480 -33.86 9.65 -26.70
N LEU B 481 -33.86 9.30 -25.40
CA LEU B 481 -33.98 7.90 -24.96
C LEU B 481 -35.28 7.78 -24.18
N ASN B 482 -36.20 6.89 -24.64
CA ASN B 482 -37.51 6.65 -24.03
C ASN B 482 -38.30 7.95 -23.79
N GLU B 483 -38.36 8.81 -24.83
CA GLU B 483 -39.05 10.11 -24.82
C GLU B 483 -38.45 11.16 -23.84
N THR B 484 -37.24 10.89 -23.31
CA THR B 484 -36.54 11.82 -22.42
C THR B 484 -35.26 12.31 -23.10
N LYS B 485 -35.03 13.65 -23.06
CA LYS B 485 -33.81 14.24 -23.61
C LYS B 485 -32.66 13.98 -22.61
N PHE B 486 -31.54 13.47 -23.09
CA PHE B 486 -30.34 13.23 -22.30
C PHE B 486 -29.20 13.95 -22.96
N TRP B 487 -28.59 14.86 -22.23
CA TRP B 487 -27.53 15.72 -22.71
C TRP B 487 -26.15 15.09 -22.75
N TYR B 488 -25.38 15.47 -23.77
CA TYR B 488 -24.02 15.00 -23.94
C TYR B 488 -23.19 16.13 -24.46
N GLN B 489 -21.88 16.00 -24.28
CA GLN B 489 -20.94 16.92 -24.86
C GLN B 489 -19.83 16.16 -25.54
N MET B 490 -19.19 16.79 -26.52
CA MET B 490 -18.03 16.20 -27.18
C MET B 490 -16.99 17.25 -27.37
N ILE B 491 -15.75 16.91 -27.01
CA ILE B 491 -14.58 17.73 -27.27
C ILE B 491 -14.09 17.17 -28.59
N LEU B 492 -14.24 17.97 -29.65
CA LEU B 492 -13.94 17.56 -31.01
C LEU B 492 -12.60 18.01 -31.52
N PRO B 493 -11.84 17.12 -32.19
CA PRO B 493 -10.54 17.53 -32.73
C PRO B 493 -10.63 18.74 -33.68
N PRO B 494 -9.59 19.59 -33.81
CA PRO B 494 -9.68 20.69 -34.80
C PRO B 494 -9.91 20.12 -36.21
N HIS B 495 -10.62 20.86 -37.08
CA HIS B 495 -10.93 20.41 -38.46
C HIS B 495 -11.73 19.11 -38.44
N PHE B 496 -12.65 19.00 -37.44
CA PHE B 496 -13.49 17.83 -37.30
C PHE B 496 -14.24 17.55 -38.59
N ASP B 497 -14.01 16.36 -39.12
CA ASP B 497 -14.61 15.93 -40.35
C ASP B 497 -15.50 14.72 -40.08
N LYS B 498 -16.84 14.92 -40.15
CA LYS B 498 -17.85 13.88 -39.91
C LYS B 498 -17.82 12.68 -40.87
N SER B 499 -17.04 12.78 -41.97
CA SER B 499 -16.86 11.67 -42.92
C SER B 499 -15.73 10.72 -42.45
N LYS B 500 -14.94 11.15 -41.44
CA LYS B 500 -13.84 10.37 -40.87
C LYS B 500 -14.29 9.62 -39.62
N LYS B 501 -13.57 8.53 -39.27
CA LYS B 501 -13.87 7.71 -38.10
C LYS B 501 -12.78 8.03 -37.09
N TYR B 502 -13.19 8.58 -35.93
CA TYR B 502 -12.25 8.99 -34.88
C TYR B 502 -12.30 8.04 -33.69
N PRO B 503 -11.18 7.82 -32.96
CA PRO B 503 -11.28 7.06 -31.71
C PRO B 503 -12.05 7.92 -30.69
N LEU B 504 -12.76 7.28 -29.76
CA LEU B 504 -13.55 8.02 -28.78
C LEU B 504 -13.22 7.61 -27.35
N LEU B 505 -13.04 8.62 -26.49
CA LEU B 505 -12.85 8.40 -25.06
C LEU B 505 -14.08 8.93 -24.32
N LEU B 506 -14.76 8.07 -23.57
CA LEU B 506 -15.89 8.48 -22.77
C LEU B 506 -15.34 8.92 -21.37
N ASP B 507 -15.50 10.20 -21.04
CA ASP B 507 -15.04 10.82 -19.80
C ASP B 507 -16.26 10.78 -18.85
N VAL B 508 -16.18 9.96 -17.80
CA VAL B 508 -17.33 9.69 -16.93
C VAL B 508 -17.20 10.18 -15.50
N TYR B 509 -18.32 10.71 -14.97
CA TYR B 509 -18.49 10.95 -13.54
C TYR B 509 -19.72 10.08 -13.24
N ALA B 510 -20.93 10.55 -13.66
CA ALA B 510 -22.21 9.82 -13.62
C ALA B 510 -22.72 9.49 -12.24
N GLY B 511 -22.22 10.17 -11.22
CA GLY B 511 -22.74 9.97 -9.87
C GLY B 511 -24.07 10.69 -9.69
N PRO B 512 -24.84 10.40 -8.64
CA PRO B 512 -26.11 11.12 -8.44
C PRO B 512 -25.90 12.64 -8.40
N CYS B 513 -26.71 13.36 -9.18
CA CYS B 513 -26.67 14.81 -9.33
C CYS B 513 -25.42 15.33 -10.07
N SER B 514 -24.72 14.43 -10.78
CA SER B 514 -23.58 14.84 -11.58
C SER B 514 -24.09 15.59 -12.83
N GLN B 515 -23.19 16.40 -13.41
CA GLN B 515 -23.45 17.06 -14.67
C GLN B 515 -22.13 17.19 -15.39
N LYS B 516 -21.96 16.36 -16.45
CA LYS B 516 -20.75 16.40 -17.27
C LYS B 516 -20.95 17.02 -18.64
N ALA B 517 -22.20 17.36 -18.98
CA ALA B 517 -22.54 18.02 -20.25
C ALA B 517 -22.92 19.46 -19.88
N ASP B 518 -22.03 20.42 -20.13
CA ASP B 518 -22.27 21.81 -19.77
C ASP B 518 -21.67 22.81 -20.76
N THR B 519 -21.77 24.10 -20.46
CA THR B 519 -21.26 25.17 -21.31
C THR B 519 -19.97 25.76 -20.78
N VAL B 520 -19.26 25.08 -19.87
CA VAL B 520 -18.02 25.63 -19.32
C VAL B 520 -16.83 25.42 -20.28
N PHE B 521 -15.98 26.44 -20.42
CA PHE B 521 -14.76 26.37 -21.20
C PHE B 521 -13.66 25.81 -20.30
N ARG B 522 -13.05 24.71 -20.72
CA ARG B 522 -11.95 24.09 -19.94
C ARG B 522 -10.71 23.86 -20.79
N LEU B 523 -9.52 23.98 -20.17
CA LEU B 523 -8.21 23.66 -20.75
C LEU B 523 -7.72 22.50 -19.87
N ASN B 524 -7.89 21.28 -20.34
CA ASN B 524 -7.56 20.12 -19.53
C ASN B 524 -6.98 18.99 -20.37
N TRP B 525 -6.94 17.77 -19.83
CA TRP B 525 -6.39 16.61 -20.53
C TRP B 525 -7.14 16.33 -21.83
N ALA B 526 -8.49 16.46 -21.81
CA ALA B 526 -9.36 16.27 -22.98
C ALA B 526 -8.98 17.24 -24.09
N THR B 527 -8.61 18.50 -23.75
CA THR B 527 -8.16 19.52 -24.71
C THR B 527 -6.98 18.96 -25.49
N TYR B 528 -6.00 18.38 -24.77
CA TYR B 528 -4.84 17.77 -25.38
C TYR B 528 -5.20 16.55 -26.27
N LEU B 529 -6.03 15.63 -25.74
CA LEU B 529 -6.41 14.42 -26.45
C LEU B 529 -7.09 14.72 -27.78
N ALA B 530 -8.00 15.71 -27.80
CA ALA B 530 -8.67 16.10 -29.03
C ALA B 530 -7.74 16.88 -29.95
N SER B 531 -7.01 17.89 -29.42
CA SER B 531 -6.15 18.77 -30.21
C SER B 531 -4.92 18.10 -30.83
N THR B 532 -4.13 17.37 -30.01
CA THR B 532 -2.92 16.72 -30.45
C THR B 532 -3.18 15.29 -30.94
N GLU B 533 -3.97 14.52 -30.20
CA GLU B 533 -4.18 13.10 -30.51
C GLU B 533 -5.37 12.77 -31.38
N ASN B 534 -6.18 13.77 -31.76
CA ASN B 534 -7.36 13.56 -32.61
C ASN B 534 -8.37 12.55 -32.07
N ILE B 535 -8.56 12.59 -30.74
CA ILE B 535 -9.53 11.73 -30.07
C ILE B 535 -10.78 12.58 -29.74
N ILE B 536 -11.97 12.04 -29.94
CA ILE B 536 -13.19 12.73 -29.49
C ILE B 536 -13.35 12.38 -27.99
N VAL B 537 -13.47 13.38 -27.12
CA VAL B 537 -13.68 13.11 -25.69
C VAL B 537 -15.12 13.50 -25.37
N ALA B 538 -15.95 12.48 -25.17
CA ALA B 538 -17.37 12.62 -24.94
C ALA B 538 -17.78 12.39 -23.48
N SER B 539 -18.85 13.06 -23.04
CA SER B 539 -19.41 12.85 -21.70
C SER B 539 -20.91 12.89 -21.85
N PHE B 540 -21.58 12.10 -21.02
CA PHE B 540 -23.01 11.95 -21.09
C PHE B 540 -23.66 12.00 -19.73
N ASP B 541 -24.76 12.73 -19.63
CA ASP B 541 -25.59 12.81 -18.42
C ASP B 541 -26.84 11.97 -18.59
N GLY B 542 -26.79 10.77 -18.01
CA GLY B 542 -27.86 9.79 -18.05
C GLY B 542 -28.72 9.81 -16.82
N ARG B 543 -29.42 8.69 -16.55
CA ARG B 543 -30.24 8.57 -15.35
C ARG B 543 -29.36 8.74 -14.11
N GLY B 544 -29.89 9.48 -13.12
CA GLY B 544 -29.17 9.83 -11.89
C GLY B 544 -28.53 11.21 -11.97
N SER B 545 -28.37 11.79 -13.19
CA SER B 545 -27.74 13.11 -13.34
C SER B 545 -28.60 14.25 -12.77
N GLY B 546 -27.97 15.38 -12.48
CA GLY B 546 -28.65 16.48 -11.82
C GLY B 546 -29.19 17.60 -12.70
N TYR B 547 -29.89 18.52 -12.02
CA TYR B 547 -30.41 19.78 -12.54
C TYR B 547 -31.50 19.64 -13.61
N GLN B 548 -32.16 18.43 -13.69
CA GLN B 548 -33.18 18.13 -14.70
C GLN B 548 -34.43 17.56 -14.10
N GLY B 549 -34.56 17.70 -12.79
CA GLY B 549 -35.71 17.14 -12.09
C GLY B 549 -35.41 15.81 -11.43
N ASP B 550 -36.27 15.46 -10.49
CA ASP B 550 -36.15 14.23 -9.69
C ASP B 550 -36.44 12.96 -10.44
N LYS B 551 -37.28 13.01 -11.48
CA LYS B 551 -37.58 11.78 -12.25
C LYS B 551 -36.23 11.25 -12.80
N ILE B 552 -35.36 12.15 -13.28
CA ILE B 552 -34.01 11.79 -13.73
C ILE B 552 -33.08 11.52 -12.54
N MET B 553 -32.97 12.49 -11.61
CA MET B 553 -32.03 12.33 -10.51
C MET B 553 -32.29 11.12 -9.60
N HIS B 554 -33.55 10.88 -9.22
CA HIS B 554 -33.91 9.78 -8.33
C HIS B 554 -34.07 8.42 -9.04
N ALA B 555 -33.77 8.36 -10.35
CA ALA B 555 -33.87 7.10 -11.10
C ALA B 555 -32.93 6.03 -10.55
N ILE B 556 -31.78 6.41 -9.93
CA ILE B 556 -30.82 5.45 -9.34
C ILE B 556 -30.99 5.25 -7.80
N ASN B 557 -32.07 5.81 -7.21
CA ASN B 557 -32.35 5.65 -5.77
C ASN B 557 -32.32 4.17 -5.40
N ARG B 558 -31.50 3.86 -4.37
CA ARG B 558 -31.27 2.49 -3.83
C ARG B 558 -30.62 1.52 -4.83
N ARG B 559 -30.20 2.02 -5.98
CA ARG B 559 -29.69 1.24 -7.09
C ARG B 559 -28.47 1.84 -7.77
N LEU B 560 -27.44 2.25 -6.98
CA LEU B 560 -26.19 2.70 -7.59
C LEU B 560 -25.55 1.52 -8.35
N GLY B 561 -24.85 1.84 -9.42
CA GLY B 561 -24.17 0.86 -10.26
C GLY B 561 -25.14 0.15 -11.20
N THR B 562 -26.28 0.78 -11.51
CA THR B 562 -27.29 0.19 -12.44
C THR B 562 -27.49 1.07 -13.65
N PHE B 563 -28.55 1.92 -13.68
CA PHE B 563 -28.93 2.77 -14.83
C PHE B 563 -27.87 3.74 -15.28
N GLU B 564 -27.13 4.36 -14.33
CA GLU B 564 -26.09 5.31 -14.69
C GLU B 564 -24.95 4.60 -15.44
N VAL B 565 -24.70 3.32 -15.11
CA VAL B 565 -23.66 2.50 -15.78
C VAL B 565 -24.19 2.11 -17.18
N GLU B 566 -25.41 1.56 -17.22
CA GLU B 566 -26.06 1.16 -18.48
C GLU B 566 -26.19 2.32 -19.44
N ASP B 567 -26.51 3.54 -18.91
CA ASP B 567 -26.67 4.72 -19.76
C ASP B 567 -25.35 5.19 -20.41
N GLN B 568 -24.20 4.94 -19.77
CA GLN B 568 -22.88 5.27 -20.36
C GLN B 568 -22.59 4.31 -21.54
N ILE B 569 -22.94 3.03 -21.37
CA ILE B 569 -22.75 2.00 -22.40
C ILE B 569 -23.64 2.39 -23.61
N GLU B 570 -24.90 2.71 -23.33
CA GLU B 570 -25.88 3.14 -24.34
C GLU B 570 -25.43 4.41 -25.07
N ALA B 571 -24.90 5.41 -24.33
CA ALA B 571 -24.34 6.64 -24.92
C ALA B 571 -23.26 6.31 -25.94
N ALA B 572 -22.30 5.42 -25.58
CA ALA B 572 -21.23 5.01 -26.52
C ALA B 572 -21.83 4.35 -27.79
N ARG B 573 -22.88 3.52 -27.64
CA ARG B 573 -23.56 2.88 -28.79
C ARG B 573 -24.23 3.94 -29.67
N GLN B 574 -24.79 5.01 -29.03
CA GLN B 574 -25.47 6.10 -29.72
C GLN B 574 -24.46 6.95 -30.46
N PHE B 575 -23.27 7.14 -29.88
CA PHE B 575 -22.17 7.90 -30.48
C PHE B 575 -21.61 7.14 -31.71
N SER B 576 -21.54 5.78 -31.64
CA SER B 576 -21.14 4.93 -32.77
C SER B 576 -22.13 5.15 -33.94
N LYS B 577 -23.45 5.11 -33.64
CA LYS B 577 -24.54 5.33 -34.60
C LYS B 577 -24.48 6.67 -35.35
N MET B 578 -23.72 7.66 -34.82
CA MET B 578 -23.54 8.99 -35.43
C MET B 578 -22.63 9.00 -36.69
N GLY B 579 -21.85 7.93 -36.89
CA GLY B 579 -21.02 7.73 -38.08
C GLY B 579 -19.58 8.24 -38.10
N PHE B 580 -19.16 9.04 -37.10
CA PHE B 580 -17.79 9.56 -37.08
C PHE B 580 -16.90 8.91 -36.00
N VAL B 581 -17.32 7.77 -35.48
CA VAL B 581 -16.61 7.06 -34.42
C VAL B 581 -16.11 5.71 -34.92
N ASP B 582 -14.81 5.43 -34.65
CA ASP B 582 -14.24 4.13 -34.93
C ASP B 582 -14.65 3.24 -33.75
N ASN B 583 -15.60 2.32 -34.01
CA ASN B 583 -16.16 1.37 -33.04
C ASN B 583 -15.15 0.40 -32.43
N LYS B 584 -13.96 0.25 -33.06
CA LYS B 584 -12.89 -0.64 -32.59
C LYS B 584 -11.99 0.13 -31.63
N ARG B 585 -12.22 1.45 -31.50
CA ARG B 585 -11.40 2.30 -30.67
C ARG B 585 -12.25 3.22 -29.76
N ILE B 586 -13.02 2.59 -28.87
CA ILE B 586 -13.83 3.29 -27.87
C ILE B 586 -13.23 2.97 -26.49
N ALA B 587 -12.86 4.00 -25.74
CA ALA B 587 -12.29 3.84 -24.40
C ALA B 587 -13.17 4.60 -23.40
N ILE B 588 -12.94 4.35 -22.11
CA ILE B 588 -13.72 4.97 -21.04
C ILE B 588 -12.79 5.28 -19.87
N TRP B 589 -12.98 6.43 -19.21
CA TRP B 589 -12.18 6.75 -18.04
C TRP B 589 -12.94 7.58 -17.05
N GLY B 590 -12.51 7.51 -15.81
CA GLY B 590 -13.13 8.27 -14.75
C GLY B 590 -12.34 8.22 -13.47
N TRP B 591 -12.63 9.17 -12.60
CA TRP B 591 -11.99 9.32 -11.29
C TRP B 591 -13.07 9.21 -10.23
N SER B 592 -12.78 8.57 -9.06
CA SER B 592 -13.69 8.51 -7.90
C SER B 592 -14.98 7.79 -8.31
N TYR B 593 -16.17 8.45 -8.24
CA TYR B 593 -17.41 7.80 -8.75
C TYR B 593 -17.25 7.43 -10.24
N GLY B 594 -16.52 8.26 -11.01
CA GLY B 594 -16.24 8.00 -12.43
C GLY B 594 -15.41 6.74 -12.62
N GLY B 595 -14.53 6.47 -11.66
CA GLY B 595 -13.69 5.27 -11.64
C GLY B 595 -14.56 4.05 -11.36
N TYR B 596 -15.51 4.16 -10.41
CA TYR B 596 -16.44 3.06 -10.13
C TYR B 596 -17.26 2.75 -11.40
N VAL B 597 -17.84 3.79 -12.02
CA VAL B 597 -18.64 3.59 -13.26
C VAL B 597 -17.79 3.02 -14.38
N THR B 598 -16.58 3.56 -14.59
CA THR B 598 -15.67 3.02 -15.61
C THR B 598 -15.47 1.49 -15.43
N SER B 599 -15.18 1.10 -14.18
CA SER B 599 -14.89 -0.30 -13.83
C SER B 599 -16.11 -1.16 -14.03
N MET B 600 -17.30 -0.63 -13.65
CA MET B 600 -18.55 -1.38 -13.82
C MET B 600 -18.84 -1.57 -15.31
N VAL B 601 -18.57 -0.52 -16.11
CA VAL B 601 -18.70 -0.59 -17.57
C VAL B 601 -17.71 -1.63 -18.16
N LEU B 602 -16.43 -1.56 -17.75
CA LEU B 602 -15.44 -2.49 -18.26
C LEU B 602 -15.72 -3.94 -17.88
N GLY B 603 -16.39 -4.14 -16.74
CA GLY B 603 -16.78 -5.48 -16.28
C GLY B 603 -18.17 -5.91 -16.72
N SER B 604 -18.83 -5.14 -17.61
CA SER B 604 -20.21 -5.45 -18.00
C SER B 604 -20.33 -6.55 -19.06
N GLY B 605 -19.28 -6.80 -19.84
CA GLY B 605 -19.32 -7.77 -20.93
C GLY B 605 -20.04 -7.22 -22.15
N SER B 606 -20.19 -5.89 -22.25
CA SER B 606 -20.88 -5.20 -23.36
C SER B 606 -20.17 -5.33 -24.73
N GLY B 607 -18.84 -5.46 -24.72
CA GLY B 607 -18.01 -5.54 -25.91
C GLY B 607 -17.81 -4.20 -26.62
N VAL B 608 -18.40 -3.12 -26.08
CA VAL B 608 -18.37 -1.77 -26.67
C VAL B 608 -17.02 -1.13 -26.53
N PHE B 609 -16.38 -1.31 -25.37
CA PHE B 609 -15.12 -0.65 -25.03
C PHE B 609 -13.90 -1.53 -25.18
N LYS B 610 -12.87 -0.98 -25.81
CA LYS B 610 -11.60 -1.67 -25.97
C LYS B 610 -10.80 -1.63 -24.66
N CYS B 611 -10.79 -0.46 -24.01
CA CYS B 611 -9.97 -0.21 -22.83
C CYS B 611 -10.59 0.83 -21.88
N GLY B 612 -9.98 0.97 -20.72
CA GLY B 612 -10.43 1.97 -19.77
C GLY B 612 -9.47 2.22 -18.62
N ILE B 613 -9.62 3.37 -17.98
CA ILE B 613 -8.78 3.82 -16.87
C ILE B 613 -9.66 4.20 -15.70
N ALA B 614 -9.45 3.56 -14.55
CA ALA B 614 -10.20 3.90 -13.34
C ALA B 614 -9.20 4.53 -12.38
N VAL B 615 -9.46 5.78 -11.94
CA VAL B 615 -8.56 6.47 -10.99
C VAL B 615 -9.27 6.58 -9.63
N ALA B 616 -8.62 6.09 -8.54
CA ALA B 616 -9.18 6.07 -7.18
C ALA B 616 -10.67 5.64 -7.19
N PRO B 617 -11.02 4.49 -7.83
CA PRO B 617 -12.44 4.13 -7.85
C PRO B 617 -12.97 3.58 -6.54
N VAL B 618 -14.29 3.75 -6.36
CA VAL B 618 -15.06 3.00 -5.36
C VAL B 618 -15.19 1.58 -6.03
N SER B 619 -15.07 0.49 -5.26
CA SER B 619 -15.26 -0.84 -5.83
C SER B 619 -16.40 -1.60 -5.16
N ARG B 620 -16.74 -1.19 -3.93
CA ARG B 620 -17.76 -1.85 -3.12
C ARG B 620 -18.33 -0.80 -2.18
N TRP B 621 -19.65 -0.59 -2.22
CA TRP B 621 -20.32 0.42 -1.42
C TRP B 621 -20.14 0.35 0.09
N GLU B 622 -19.97 -0.88 0.62
CA GLU B 622 -19.66 -1.05 2.04
C GLU B 622 -18.29 -0.45 2.41
N TYR B 623 -17.40 -0.14 1.43
CA TYR B 623 -16.10 0.48 1.77
C TYR B 623 -16.18 2.00 1.84
N TYR B 624 -17.20 2.58 1.20
CA TYR B 624 -17.32 4.03 1.19
C TYR B 624 -18.01 4.59 2.45
N ASP B 625 -17.94 5.91 2.65
CA ASP B 625 -18.49 6.49 3.87
C ASP B 625 -20.02 6.39 3.97
N SER B 626 -20.52 6.40 5.22
CA SER B 626 -21.92 6.30 5.55
C SER B 626 -22.77 7.42 4.93
N VAL B 627 -22.42 8.69 5.16
CA VAL B 627 -23.24 9.83 4.72
C VAL B 627 -23.54 9.82 3.21
N TYR B 628 -22.49 9.71 2.40
CA TYR B 628 -22.71 9.70 0.95
C TYR B 628 -23.40 8.40 0.54
N THR B 629 -22.80 7.26 0.88
CA THR B 629 -23.35 5.97 0.41
C THR B 629 -24.79 5.73 0.79
N GLU B 630 -25.13 5.87 2.08
CA GLU B 630 -26.48 5.59 2.57
C GLU B 630 -27.53 6.54 2.02
N ARG B 631 -27.10 7.74 1.61
CA ARG B 631 -28.03 8.72 1.04
C ARG B 631 -28.80 8.11 -0.15
N TYR B 632 -28.08 7.35 -0.97
CA TYR B 632 -28.61 6.72 -2.20
C TYR B 632 -28.89 5.24 -1.99
N MET B 633 -28.15 4.59 -1.09
CA MET B 633 -28.25 3.13 -0.92
C MET B 633 -29.03 2.61 0.27
N GLY B 634 -29.33 3.49 1.23
CA GLY B 634 -29.94 3.06 2.49
C GLY B 634 -28.89 2.26 3.26
N LEU B 635 -29.32 1.37 4.16
CA LEU B 635 -28.38 0.60 5.00
C LEU B 635 -28.03 -0.77 4.45
N PRO B 636 -26.75 -1.22 4.63
CA PRO B 636 -26.35 -2.56 4.14
C PRO B 636 -26.78 -3.68 5.10
N THR B 637 -28.08 -3.81 5.32
CA THR B 637 -28.62 -4.84 6.22
C THR B 637 -29.61 -5.72 5.42
N PRO B 638 -29.82 -6.99 5.82
CA PRO B 638 -30.80 -7.85 5.09
C PRO B 638 -32.20 -7.21 5.01
N GLU B 639 -32.62 -6.50 6.07
CA GLU B 639 -33.93 -5.83 6.16
C GLU B 639 -34.01 -4.62 5.23
N ASP B 640 -32.85 -4.04 4.84
CA ASP B 640 -32.88 -2.86 4.03
C ASP B 640 -32.38 -3.10 2.63
N ASN B 641 -31.10 -2.78 2.34
CA ASN B 641 -30.63 -2.89 0.96
C ASN B 641 -29.35 -3.70 0.76
N LEU B 642 -29.04 -4.60 1.71
CA LEU B 642 -27.84 -5.44 1.59
C LEU B 642 -27.69 -6.17 0.25
N ASP B 643 -28.79 -6.76 -0.28
CA ASP B 643 -28.67 -7.49 -1.55
C ASP B 643 -28.11 -6.62 -2.68
N HIS B 644 -28.58 -5.36 -2.78
CA HIS B 644 -28.03 -4.48 -3.81
C HIS B 644 -26.59 -4.01 -3.56
N TYR B 645 -26.21 -3.81 -2.30
CA TYR B 645 -24.83 -3.47 -1.92
C TYR B 645 -23.89 -4.60 -2.40
N ARG B 646 -24.36 -5.86 -2.25
CA ARG B 646 -23.57 -7.04 -2.63
C ARG B 646 -23.53 -7.30 -4.12
N ASN B 647 -24.59 -6.93 -4.83
CA ASN B 647 -24.73 -7.09 -6.28
C ASN B 647 -24.03 -6.02 -7.12
N SER B 648 -23.63 -4.88 -6.53
CA SER B 648 -23.09 -3.71 -7.25
C SER B 648 -21.59 -3.48 -7.04
N THR B 649 -20.82 -4.55 -6.79
CA THR B 649 -19.37 -4.43 -6.63
C THR B 649 -18.68 -4.61 -7.98
N VAL B 650 -17.50 -4.02 -8.10
CA VAL B 650 -16.63 -4.20 -9.25
C VAL B 650 -16.10 -5.64 -9.22
N MET B 651 -15.69 -6.12 -8.02
CA MET B 651 -15.08 -7.45 -7.84
C MET B 651 -15.89 -8.58 -8.44
N SER B 652 -17.25 -8.53 -8.34
CA SER B 652 -18.12 -9.59 -8.89
C SER B 652 -18.06 -9.71 -10.43
N ARG B 653 -17.57 -8.65 -11.09
CA ARG B 653 -17.47 -8.62 -12.56
C ARG B 653 -16.08 -8.96 -13.08
N ALA B 654 -15.18 -9.44 -12.18
CA ALA B 654 -13.78 -9.69 -12.55
C ALA B 654 -13.54 -10.50 -13.84
N GLU B 655 -14.29 -11.59 -14.03
CA GLU B 655 -14.17 -12.48 -15.18
C GLU B 655 -14.34 -11.69 -16.51
N ASN B 656 -15.24 -10.68 -16.53
CA ASN B 656 -15.46 -9.88 -17.74
C ASN B 656 -14.31 -8.97 -18.15
N PHE B 657 -13.37 -8.72 -17.21
CA PHE B 657 -12.19 -7.90 -17.51
C PHE B 657 -11.23 -8.61 -18.46
N LYS B 658 -11.44 -9.92 -18.73
CA LYS B 658 -10.65 -10.66 -19.74
C LYS B 658 -10.85 -10.06 -21.15
N GLN B 659 -12.00 -9.38 -21.38
CA GLN B 659 -12.35 -8.80 -22.68
C GLN B 659 -11.77 -7.40 -22.90
N VAL B 660 -11.18 -6.76 -21.86
CA VAL B 660 -10.67 -5.38 -21.99
C VAL B 660 -9.23 -5.16 -21.51
N GLU B 661 -8.64 -4.00 -21.86
CA GLU B 661 -7.36 -3.51 -21.37
C GLU B 661 -7.75 -2.49 -20.28
N TYR B 662 -7.33 -2.75 -19.05
CA TYR B 662 -7.65 -1.92 -17.90
C TYR B 662 -6.42 -1.35 -17.26
N LEU B 663 -6.51 -0.09 -16.84
CA LEU B 663 -5.47 0.59 -16.09
C LEU B 663 -6.12 1.05 -14.79
N LEU B 664 -5.58 0.56 -13.65
CA LEU B 664 -6.07 0.87 -12.32
C LEU B 664 -5.05 1.71 -11.54
N ILE B 665 -5.49 2.88 -11.04
CA ILE B 665 -4.59 3.85 -10.41
C ILE B 665 -5.15 4.33 -9.10
N HIS B 666 -4.31 4.46 -8.07
CA HIS B 666 -4.82 4.92 -6.76
C HIS B 666 -3.65 5.45 -5.93
N GLY B 667 -3.90 6.53 -5.18
CA GLY B 667 -2.95 7.08 -4.23
C GLY B 667 -3.02 6.27 -2.95
N THR B 668 -1.88 5.92 -2.37
CA THR B 668 -1.82 5.06 -1.17
C THR B 668 -2.34 5.76 0.10
N ALA B 669 -2.36 7.10 0.12
CA ALA B 669 -2.79 7.88 1.29
C ALA B 669 -4.14 8.55 1.05
N ASP B 670 -4.97 7.91 0.20
CA ASP B 670 -6.31 8.37 -0.08
C ASP B 670 -7.19 8.09 1.15
N ASP B 671 -7.55 9.15 1.90
CA ASP B 671 -8.34 9.09 3.12
C ASP B 671 -9.83 9.02 2.78
N ASN B 672 -10.17 9.24 1.50
CA ASN B 672 -11.55 9.37 1.05
C ASN B 672 -12.05 8.07 0.44
N VAL B 673 -11.55 7.72 -0.75
CA VAL B 673 -11.80 6.44 -1.39
C VAL B 673 -10.53 5.66 -0.99
N HIS B 674 -10.64 4.79 0.00
CA HIS B 674 -9.44 4.10 0.51
C HIS B 674 -8.72 3.27 -0.51
N PHE B 675 -7.38 3.24 -0.47
CA PHE B 675 -6.55 2.40 -1.36
C PHE B 675 -7.09 0.96 -1.36
N GLN B 676 -7.63 0.52 -0.20
CA GLN B 676 -8.37 -0.74 0.00
C GLN B 676 -9.29 -1.08 -1.20
N GLN B 677 -10.04 -0.07 -1.68
CA GLN B 677 -10.99 -0.22 -2.78
C GLN B 677 -10.32 -0.79 -4.05
N SER B 678 -9.16 -0.23 -4.44
CA SER B 678 -8.41 -0.73 -5.61
C SER B 678 -7.63 -2.01 -5.25
N ALA B 679 -7.18 -2.14 -3.98
CA ALA B 679 -6.49 -3.34 -3.51
C ALA B 679 -7.42 -4.54 -3.63
N GLN B 680 -8.74 -4.33 -3.44
CA GLN B 680 -9.74 -5.42 -3.63
C GLN B 680 -10.04 -5.72 -5.08
N ILE B 681 -10.01 -4.69 -5.95
CA ILE B 681 -10.21 -4.90 -7.38
C ILE B 681 -9.05 -5.73 -7.90
N SER B 682 -7.82 -5.30 -7.62
CA SER B 682 -6.62 -5.98 -8.13
C SER B 682 -6.60 -7.45 -7.70
N LYS B 683 -6.94 -7.71 -6.43
CA LYS B 683 -6.93 -9.08 -5.91
C LYS B 683 -7.96 -9.97 -6.65
N ALA B 684 -9.16 -9.41 -6.95
CA ALA B 684 -10.20 -10.16 -7.67
C ALA B 684 -9.77 -10.45 -9.10
N LEU B 685 -9.03 -9.51 -9.73
CA LEU B 685 -8.52 -9.70 -11.09
C LEU B 685 -7.45 -10.77 -11.11
N VAL B 686 -6.52 -10.70 -10.16
CA VAL B 686 -5.46 -11.71 -10.00
C VAL B 686 -6.14 -13.08 -9.79
N ASP B 687 -7.15 -13.14 -8.91
CA ASP B 687 -7.87 -14.39 -8.60
C ASP B 687 -8.48 -15.10 -9.80
N VAL B 688 -8.90 -14.36 -10.85
CA VAL B 688 -9.50 -14.95 -12.07
C VAL B 688 -8.52 -15.02 -13.22
N GLY B 689 -7.27 -14.61 -12.99
CA GLY B 689 -6.21 -14.64 -14.00
C GLY B 689 -6.38 -13.61 -15.10
N VAL B 690 -6.76 -12.38 -14.72
CA VAL B 690 -6.90 -11.28 -15.67
C VAL B 690 -5.64 -10.43 -15.60
N ASP B 691 -4.97 -10.22 -16.74
CA ASP B 691 -3.85 -9.29 -16.79
C ASP B 691 -4.41 -7.87 -16.93
N PHE B 692 -3.76 -6.90 -16.28
CA PHE B 692 -4.17 -5.49 -16.31
C PHE B 692 -2.96 -4.65 -15.96
N GLN B 693 -3.07 -3.33 -16.10
CA GLN B 693 -2.00 -2.38 -15.80
C GLN B 693 -2.37 -1.67 -14.49
N ALA B 694 -1.35 -1.39 -13.66
CA ALA B 694 -1.58 -0.75 -12.38
C ALA B 694 -0.56 0.31 -12.07
N MET B 695 -0.97 1.27 -11.25
CA MET B 695 -0.04 2.29 -10.79
C MET B 695 -0.51 2.78 -9.44
N TRP B 696 0.33 2.66 -8.43
CA TRP B 696 0.02 3.24 -7.12
C TRP B 696 0.75 4.56 -7.06
N TYR B 697 0.24 5.51 -6.25
CA TYR B 697 0.96 6.79 -6.07
C TYR B 697 1.25 6.96 -4.60
N THR B 698 2.51 6.72 -4.21
CA THR B 698 2.97 6.79 -2.82
C THR B 698 2.63 8.12 -2.17
N ASP B 699 1.89 8.05 -1.06
CA ASP B 699 1.53 9.19 -0.22
C ASP B 699 0.64 10.23 -0.87
N GLU B 700 0.05 9.90 -2.02
CA GLU B 700 -0.87 10.80 -2.69
C GLU B 700 -2.26 10.48 -2.17
N ASP B 701 -3.10 11.51 -2.14
CA ASP B 701 -4.43 11.35 -1.65
C ASP B 701 -5.44 11.29 -2.79
N HIS B 702 -6.73 11.52 -2.51
CA HIS B 702 -7.77 11.45 -3.52
C HIS B 702 -7.58 12.36 -4.72
N GLY B 703 -6.87 13.46 -4.53
CA GLY B 703 -6.64 14.38 -5.63
C GLY B 703 -5.45 14.04 -6.51
N ILE B 704 -4.50 13.17 -6.06
CA ILE B 704 -3.22 12.84 -6.76
C ILE B 704 -2.75 14.19 -7.39
N ALA B 705 -2.70 15.21 -6.53
CA ALA B 705 -2.55 16.61 -6.90
C ALA B 705 -1.22 17.29 -6.62
N SER B 706 -0.22 16.56 -6.09
CA SER B 706 1.11 17.17 -5.91
C SER B 706 1.59 17.48 -7.32
N SER B 707 2.42 18.51 -7.48
CA SER B 707 2.86 18.89 -8.81
C SER B 707 3.47 17.70 -9.62
N THR B 708 4.37 16.95 -9.01
CA THR B 708 5.02 15.81 -9.68
C THR B 708 4.04 14.66 -9.98
N ALA B 709 3.19 14.30 -9.00
CA ALA B 709 2.24 13.19 -9.24
C ALA B 709 1.21 13.54 -10.26
N HIS B 710 0.75 14.82 -10.28
CA HIS B 710 -0.21 15.24 -11.31
C HIS B 710 0.40 15.04 -12.71
N GLN B 711 1.64 15.47 -12.91
CA GLN B 711 2.29 15.32 -14.22
C GLN B 711 2.53 13.85 -14.54
N HIS B 712 2.94 13.06 -13.52
CA HIS B 712 3.20 11.64 -13.71
C HIS B 712 1.97 10.84 -14.11
N ILE B 713 0.83 11.03 -13.39
CA ILE B 713 -0.40 10.31 -13.70
C ILE B 713 -0.90 10.59 -15.11
N TYR B 714 -0.98 11.87 -15.48
CA TYR B 714 -1.48 12.23 -16.82
C TYR B 714 -0.55 11.72 -17.94
N THR B 715 0.77 11.71 -17.70
CA THR B 715 1.74 11.16 -18.66
C THR B 715 1.51 9.64 -18.82
N HIS B 716 1.38 8.93 -17.67
CA HIS B 716 1.13 7.48 -17.65
C HIS B 716 -0.16 7.13 -18.35
N MET B 717 -1.24 7.87 -18.07
CA MET B 717 -2.54 7.62 -18.73
C MET B 717 -2.48 7.90 -20.24
N SER B 718 -1.78 8.98 -20.65
CA SER B 718 -1.62 9.37 -22.08
C SER B 718 -0.95 8.23 -22.86
N HIS B 719 0.12 7.63 -22.30
CA HIS B 719 0.78 6.48 -22.95
C HIS B 719 -0.18 5.33 -23.11
N PHE B 720 -1.01 5.06 -22.07
CA PHE B 720 -1.97 3.96 -22.08
C PHE B 720 -3.05 4.13 -23.15
N ILE B 721 -3.66 5.33 -23.21
CA ILE B 721 -4.70 5.61 -24.20
C ILE B 721 -4.11 5.52 -25.63
N LYS B 722 -2.91 6.10 -25.83
CA LYS B 722 -2.22 6.11 -27.13
C LYS B 722 -1.90 4.70 -27.61
N GLN B 723 -1.44 3.81 -26.69
CA GLN B 723 -1.14 2.39 -26.99
C GLN B 723 -2.45 1.68 -27.38
N CYS B 724 -3.53 1.89 -26.59
CA CYS B 724 -4.85 1.30 -26.84
C CYS B 724 -5.37 1.68 -28.24
N PHE B 725 -5.19 2.93 -28.63
CA PHE B 725 -5.70 3.46 -29.89
C PHE B 725 -4.70 3.37 -31.07
N SER B 726 -3.55 2.68 -30.87
CA SER B 726 -2.47 2.48 -31.84
C SER B 726 -2.03 3.83 -32.40
N LEU B 727 -1.71 4.76 -31.50
CA LEU B 727 -1.27 6.11 -31.85
C LEU B 727 0.22 6.28 -31.57
N PRO B 728 1.03 6.71 -32.57
CA PRO B 728 2.49 6.89 -32.32
C PRO B 728 2.83 8.03 -31.37
C1 NAG C . 13.71 -57.03 5.12
C2 NAG C . 12.69 -56.80 6.27
C3 NAG C . 13.13 -57.52 7.56
C4 NAG C . 13.73 -58.93 7.35
C5 NAG C . 14.72 -59.00 6.15
C6 NAG C . 15.01 -60.49 5.85
C7 NAG C . 11.49 -54.62 6.27
C8 NAG C . 11.64 -53.17 6.69
N2 NAG C . 12.57 -55.38 6.57
O3 NAG C . 11.95 -57.57 8.40
O4 NAG C . 14.52 -59.20 8.53
O5 NAG C . 14.16 -58.38 4.97
O6 NAG C . 16.00 -60.65 4.80
O7 NAG C . 10.47 -55.05 5.73
C1 NAG C . 13.63 -59.92 9.44
C2 NAG C . 14.12 -61.26 10.02
C3 NAG C . 12.86 -62.16 10.24
C4 NAG C . 11.56 -61.42 10.74
C5 NAG C . 11.56 -59.84 10.65
C6 NAG C . 10.89 -59.15 11.87
C7 NAG C . 16.55 -61.46 9.38
C8 NAG C . 17.50 -62.21 8.48
N2 NAG C . 15.22 -61.85 9.25
O3 NAG C . 13.24 -63.22 11.15
O4 NAG C . 10.44 -61.92 9.97
O5 NAG C . 12.86 -59.21 10.43
O6 NAG C . 10.89 -57.73 11.82
O7 NAG C . 16.95 -60.60 10.16
C1 NAG D . -9.37 -27.48 19.31
C2 NAG D . -9.64 -27.91 20.80
C3 NAG D . -11.00 -28.64 20.92
C4 NAG D . -12.17 -28.02 20.11
C5 NAG D . -11.72 -27.55 18.68
C6 NAG D . -12.79 -26.65 18.02
C7 NAG D . -7.84 -28.46 22.48
C8 NAG D . -6.79 -29.47 22.82
N2 NAG D . -8.55 -28.75 21.34
O3 NAG D . -11.34 -28.81 22.31
O4 NAG D . -13.07 -29.12 19.93
O5 NAG D . -10.47 -26.81 18.69
O6 NAG D . -12.93 -25.39 18.72
O7 NAG D . -8.04 -27.47 23.20
C1 NAG D . -14.38 -29.20 20.60
C2 NAG D . -14.55 -28.30 21.87
C3 NAG D . -15.94 -27.65 22.03
C4 NAG D . -16.61 -27.23 20.70
C5 NAG D . -16.52 -28.34 19.60
C6 NAG D . -16.93 -27.77 18.20
C7 NAG D . -13.87 -30.13 23.62
C8 NAG D . -13.38 -30.16 25.05
N2 NAG D . -14.08 -28.82 23.18
O3 NAG D . -15.77 -26.51 22.90
O4 NAG D . -18.01 -27.01 20.98
O5 NAG D . -15.23 -28.99 19.46
O6 NAG D . -16.05 -28.12 17.11
O7 NAG D . -14.04 -31.17 22.96
C1 NAG E . 20.94 -39.56 29.42
C2 NAG E . 20.47 -40.84 30.26
C3 NAG E . 20.39 -40.57 31.77
C4 NAG E . 21.59 -39.76 32.28
C5 NAG E . 21.74 -38.48 31.37
C6 NAG E . 22.93 -37.62 31.80
C7 NAG E . 18.95 -42.40 29.08
C8 NAG E . 17.48 -42.69 28.78
N2 NAG E . 19.13 -41.29 29.85
O3 NAG E . 20.25 -41.88 32.38
O4 NAG E . 21.29 -39.28 33.59
O5 NAG E . 21.97 -38.83 30.01
O6 NAG E . 24.16 -38.30 31.48
O7 NAG E . 19.90 -43.10 28.69
C1 NAG E . 22.26 -39.70 34.55
C2 NAG E . 21.93 -38.89 35.84
C3 NAG E . 22.92 -39.38 36.96
C4 NAG E . 22.95 -40.93 37.16
C5 NAG E . 22.84 -41.73 35.83
C6 NAG E . 22.18 -43.10 36.10
C7 NAG E . 21.03 -36.53 35.41
C8 NAG E . 21.57 -35.17 35.08
N2 NAG E . 22.05 -37.46 35.54
O3 NAG E . 22.60 -38.74 38.22
O4 NAG E . 24.20 -41.33 37.75
O5 NAG E . 22.05 -41.09 34.80
O6 NAG E . 22.78 -44.14 35.30
O7 NAG E . 19.81 -36.78 35.55
C1 NAG F . 12.17 -7.71 28.80
C2 NAG F . 12.12 -8.09 30.30
C3 NAG F . 11.68 -6.82 31.09
C4 NAG F . 12.59 -5.63 30.82
C5 NAG F . 12.64 -5.41 29.29
C6 NAG F . 13.62 -4.30 28.94
C7 NAG F . 11.57 -10.39 30.84
C8 NAG F . 10.46 -11.38 31.10
N2 NAG F . 11.16 -9.14 30.56
O3 NAG F . 11.61 -7.11 32.49
O4 NAG F . 11.78 -4.58 31.28
O5 NAG F . 13.05 -6.61 28.60
O6 NAG F . 13.38 -3.99 27.57
O7 NAG F . 12.78 -10.65 30.88
C1 NAG F . 12.07 -3.52 32.22
C2 NAG F . 12.98 -3.41 33.47
C3 NAG F . 12.80 -1.98 34.09
C4 NAG F . 12.85 -0.82 33.03
C5 NAG F . 12.05 -1.21 31.75
C6 NAG F . 12.21 -0.32 30.50
C7 NAG F . 11.70 -4.72 35.26
C8 NAG F . 11.85 -5.91 36.19
N2 NAG F . 12.83 -4.48 34.47
O3 NAG F . 13.72 -1.77 35.19
O4 NAG F . 12.21 0.34 33.58
O5 NAG F . 12.43 -2.50 31.31
O6 NAG F . 11.43 -0.82 29.39
O7 NAG F . 10.67 -4.04 35.22
C1 NAG G . 34.99 -5.23 13.38
C2 NAG G . 36.54 -5.18 13.68
C3 NAG G . 36.90 -3.75 14.15
C4 NAG G . 36.34 -2.69 13.12
C5 NAG G . 34.83 -2.96 12.80
C6 NAG G . 34.26 -2.04 11.68
C7 NAG G . 38.01 -7.17 14.01
C8 NAG G . 38.34 -8.27 15.00
N2 NAG G . 37.03 -6.31 14.48
O3 NAG G . 38.34 -3.73 14.29
O4 NAG G . 36.42 -1.35 13.63
O5 NAG G . 34.72 -4.34 12.31
O6 NAG G . 35.04 -2.22 10.46
O7 NAG G . 38.58 -7.08 12.90
C1 NAG G . 37.58 -0.73 14.10
C2 NAG G . 38.35 -0.13 12.91
C3 NAG G . 38.45 1.44 12.98
C4 NAG G . 37.18 2.13 13.53
C5 NAG G . 36.55 1.40 14.75
C6 NAG G . 35.00 1.24 14.70
C7 NAG G . 40.31 -1.18 11.63
C8 NAG G . 39.56 -0.95 10.31
N2 NAG G . 39.67 -0.77 12.79
O3 NAG G . 38.76 1.99 11.69
O4 NAG G . 37.59 3.44 13.94
O5 NAG G . 37.21 0.17 15.17
O6 NAG G . 34.41 1.92 15.81
O7 NAG G . 41.43 -1.72 11.66
C1 NAG H . -11.99 56.77 -5.33
C2 NAG H . -11.15 56.65 -4.02
C3 NAG H . -11.79 57.50 -2.90
C4 NAG H . -12.15 58.95 -3.32
C5 NAG H . -12.93 58.90 -4.67
C6 NAG H . -13.25 60.31 -5.21
C7 NAG H . -9.98 54.52 -3.63
C8 NAG H . -10.18 53.13 -3.10
N2 NAG H . -11.10 55.26 -3.57
O3 NAG H . -11.01 57.40 -1.69
O4 NAG H . -13.07 59.44 -2.33
O5 NAG H . -12.20 58.15 -5.66
O6 NAG H . -12.14 60.92 -5.91
O7 NAG H . -8.92 54.95 -4.07
C1 NAG H . -12.63 60.50 -1.46
C2 NAG H . -11.24 60.31 -0.71
C3 NAG H . -10.34 61.63 -0.66
C4 NAG H . -10.99 62.97 -1.10
C5 NAG H . -12.52 62.84 -1.18
C6 NAG H . -13.28 64.09 -1.57
C7 NAG H . -10.62 58.56 1.14
C8 NAG H . -11.06 58.11 2.50
N2 NAG H . -11.38 59.61 0.61
O3 NAG H . -9.05 61.41 -1.32
O4 NAG H . -10.61 64.02 -0.18
O5 NAG H . -12.85 61.78 -2.08
O6 NAG H . -13.86 64.63 -0.39
O7 NAG H . -9.66 58.03 0.54
C1 NAG I . -26.75 42.60 18.63
C2 NAG I . -26.62 43.93 19.49
C3 NAG I . -26.84 43.63 20.99
C4 NAG I . -28.08 42.77 21.23
C5 NAG I . -27.90 41.44 20.42
C6 NAG I . -29.12 40.53 20.53
C7 NAG I . -24.87 45.59 18.77
C8 NAG I . -23.37 45.84 18.86
N2 NAG I . -25.24 44.43 19.40
O3 NAG I . -26.90 44.86 21.75
O4 NAG I . -28.14 42.50 22.65
O5 NAG I . -27.75 41.71 19.01
O6 NAG I . -30.25 41.25 20.09
O7 NAG I . -25.69 46.35 18.19
C1 NAG I . -29.42 42.82 23.20
C2 NAG I . -29.31 42.27 24.66
C3 NAG I . -30.48 42.80 25.55
C4 NAG I . -30.79 44.32 25.38
C5 NAG I . -30.59 44.87 23.92
C6 NAG I . -30.27 46.40 23.98
C7 NAG I . -28.19 40.00 24.88
C8 NAG I . -28.55 38.53 24.84
N2 NAG I . -29.27 40.80 24.70
O3 NAG I . -30.16 42.47 26.92
O4 NAG I . -32.17 44.57 25.68
O5 NAG I . -29.47 44.25 23.21
O6 NAG I . -30.96 47.10 22.97
O7 NAG I . -27.03 40.39 25.04
C1 NAG J . -18.89 10.74 23.73
C2 NAG J . -19.24 11.31 25.14
C3 NAG J . -18.86 10.26 26.21
C4 NAG J . -19.43 8.85 25.93
C5 NAG J . -19.17 8.47 24.44
C6 NAG J . -19.93 7.15 24.12
C7 NAG J . -18.95 13.72 25.40
C8 NAG J . -17.94 14.80 25.75
N2 NAG J . -18.42 12.48 25.43
O3 NAG J . -19.16 10.77 27.53
O4 NAG J . -18.63 7.91 26.68
O5 NAG J . -19.64 9.56 23.58
O6 NAG J . -19.92 6.93 22.71
O7 NAG J . -20.15 13.89 25.11
C1 NAG J . -19.44 7.34 27.73
C2 NAG J . -18.75 5.98 28.08
C3 NAG J . -19.36 5.39 29.40
C4 NAG J . -19.49 6.45 30.54
C5 NAG J . -20.19 7.72 30.01
C6 NAG J . -20.13 8.83 31.10
C7 NAG J . -17.82 4.79 26.06
C8 NAG J . -18.19 3.82 24.96
N2 NAG J . -18.85 5.05 26.93
O3 NAG J . -18.45 4.38 29.82
O4 NAG J . -20.17 5.94 31.73
O5 NAG J . -19.46 8.23 28.85
O6 NAG J . -21.24 9.71 30.96
O7 NAG J . -16.70 5.30 26.15
C1 NAG K . -16.90 25.56 32.59
C2 NAG K . -15.79 24.78 33.33
C3 NAG K . -15.81 23.31 32.89
C4 NAG K . -17.25 22.73 32.93
C5 NAG K . -18.18 23.64 32.08
C6 NAG K . -19.67 23.19 32.05
C7 NAG K . -13.90 25.97 34.36
C8 NAG K . -12.57 26.64 34.17
N2 NAG K . -14.50 25.44 33.23
O3 NAG K . -14.74 22.53 33.50
O4 NAG K . -17.27 21.50 32.17
O5 NAG K . -18.20 24.92 32.66
O6 NAG K . -20.14 23.08 33.41
O7 NAG K . -14.44 25.90 35.48
C1 NAG K . -17.42 20.48 33.15
C2 NAG K . -17.96 19.27 32.35
C3 NAG K . -18.14 18.16 33.44
C4 NAG K . -16.98 17.99 34.51
C5 NAG K . -16.00 19.22 34.68
C6 NAG K . -14.50 18.82 34.85
C7 NAG K . -19.08 20.00 30.12
C8 NAG K . -20.38 20.27 29.45
N2 NAG K . -19.13 19.59 31.45
O3 NAG K . -18.43 16.90 32.77
O4 NAG K . -17.60 17.79 35.80
O5 NAG K . -16.07 20.17 33.58
O6 NAG K . -13.77 19.62 35.79
O7 NAG K . -18.06 20.17 29.49
C1 NAG L . 4.36 -21.36 39.25
C2 NAG L . 3.30 -21.36 40.42
C3 NAG L . 2.05 -20.45 40.14
C4 NAG L . 2.47 -19.08 39.54
C5 NAG L . 3.46 -19.27 38.36
C6 NAG L . 3.80 -17.95 37.68
C7 NAG L . 3.64 -23.31 41.93
C8 NAG L . 3.16 -24.71 42.26
N2 NAG L . 2.97 -22.71 40.88
O3 NAG L . 1.43 -20.22 41.43
O4 NAG L . 1.34 -18.23 39.21
O5 NAG L . 4.65 -20.05 38.70
O6 NAG L . 4.74 -17.17 38.38
O7 NAG L . 4.54 -22.76 42.56
C4 75M M . 18.49 -15.09 -0.45
C2 75M M . 17.95 -13.19 -2.02
N1 75M M . 17.70 -14.20 -3.02
C6 75M M . 18.99 -14.19 1.39
C3 75M M . 18.35 -13.73 -0.71
N5 75M M . 18.81 -15.38 0.81
N7 75M M . 18.69 -13.12 0.48
N8 75M M . 18.28 -16.05 -1.50
C9 75M M . 17.89 -15.58 -2.76
N10 75M M . 17.72 -16.59 -3.61
C11 75M M . 18.05 -17.90 -2.92
C12 75M M . 18.40 -17.51 -1.46
O13 75M M . 17.77 -12.02 -2.25
C14 75M M . 19.37 -11.78 0.59
C15 75M M . 18.42 -10.65 0.71
C16 75M M . 17.65 -9.74 0.86
C17 75M M . 16.68 -8.58 0.93
N18 75M M . 19.37 -13.97 2.69
C19 75M M . 18.59 -12.96 3.47
C20 75M M . 17.28 -13.58 4.03
C21 75M M . 17.59 -14.84 4.86
C22 75M M . 18.53 -15.84 4.11
C23 75M M . 19.83 -15.15 3.51
N24 75M M . 16.49 -12.54 4.77
C25 75M M . 17.27 -13.80 -4.40
C26 75M M . 15.83 -14.26 -4.60
C27 75M M . 15.51 -14.89 -5.83
C28 75M M . 14.18 -15.32 -6.08
C29 75M M . 13.22 -15.21 -5.08
C30 75M M . 13.54 -14.62 -3.80
C31 75M M . 14.83 -14.14 -3.60
C32 75M M . 11.91 -15.68 -5.40
N33 75M M . 10.86 -16.07 -5.66
NA NA N . 23.92 -51.32 -7.18
C1 NAG O . 5.18 28.98 17.32
C2 NAG O . 5.23 29.87 18.60
C3 NAG O . 6.61 30.59 18.79
C4 NAG O . 7.82 29.62 18.53
C5 NAG O . 7.62 28.93 17.13
C6 NAG O . 8.73 27.92 16.75
C7 NAG O . 3.08 30.72 19.56
C8 NAG O . 1.99 31.74 19.37
N2 NAG O . 4.07 30.78 18.63
O3 NAG O . 6.69 31.19 20.13
O4 NAG O . 9.08 30.31 18.67
O5 NAG O . 6.36 28.19 17.10
O6 NAG O . 8.79 26.84 17.69
O7 NAG O . 3.08 29.90 20.48
C1 NAG P . -37.60 6.61 3.69
C2 NAG P . -39.13 6.49 3.44
C3 NAG P . -39.65 5.13 4.05
C4 NAG P . -38.83 3.93 3.38
C5 NAG P . -37.29 4.15 3.51
C6 NAG P . -36.51 3.19 2.59
C7 NAG P . -40.58 8.46 2.82
C8 NAG P . -41.16 9.75 3.30
N2 NAG P . -39.80 7.77 3.74
O3 NAG P . -41.07 5.01 3.79
O4 NAG P . -39.24 2.57 3.73
O5 NAG P . -36.91 5.49 3.10
O6 NAG P . -36.81 3.48 1.18
O7 NAG P . -40.81 8.05 1.69
C4 75M Q . -17.81 14.63 -6.93
C2 75M Q . -16.95 12.53 -8.03
N1 75M Q . -16.45 13.41 -9.09
C6 75M Q . -18.76 13.91 -5.15
C3 75M Q . -17.65 13.24 -6.97
N5 75M Q . -18.44 15.04 -5.81
N7 75M Q . -18.28 12.79 -5.84
N8 75M Q . -17.33 15.43 -8.02
C9 75M Q . -16.66 14.81 -9.07
N10 75M Q . -16.25 15.71 -10.00
C11 75M Q . -16.68 17.11 -9.61
C12 75M Q . -17.40 16.89 -8.22
O13 75M Q . -16.77 11.34 -8.08
C14 75M Q . -18.95 11.48 -5.80
C15 75M Q . -18.10 10.40 -5.23
C16 75M Q . -17.52 9.45 -4.81
C17 75M Q . -16.77 8.24 -4.41
N18 75M Q . -19.44 13.80 -3.96
C19 75M Q . -18.91 12.89 -2.89
C20 75M Q . -17.77 13.64 -2.14
C21 75M Q . -18.30 14.96 -1.57
C22 75M Q . -18.97 15.85 -2.69
C23 75M Q . -20.05 15.06 -3.45
N24 75M Q . -17.24 12.76 -1.09
C25 75M Q . -15.72 12.78 -10.22
C26 75M Q . -14.27 13.26 -10.17
C27 75M Q . -13.67 13.64 -11.40
C28 75M Q . -12.31 14.11 -11.36
C29 75M Q . -11.63 14.16 -10.13
C30 75M Q . -12.19 13.78 -8.92
C31 75M Q . -13.53 13.30 -8.93
C32 75M Q . -10.29 14.61 -10.19
N33 75M Q . -9.20 14.99 -10.25
#